data_4A51
#
_entry.id   4A51
#
_cell.length_a   145.840
_cell.length_b   156.400
_cell.length_c   170.160
_cell.angle_alpha   90.00
_cell.angle_beta   90.00
_cell.angle_gamma   90.00
#
_symmetry.space_group_name_H-M   'P 21 21 21'
#
loop_
_entity.id
_entity.type
_entity.pdbx_description
1 polymer 'KINESIN-LIKE PROTEIN KIF11'
2 non-polymer "ADENOSINE-5'-DIPHOSPHATE"
3 non-polymer 'MAGNESIUM ION'
4 non-polymer 1-(3-{[(2-aminoethyl)sulfanyl](diphenyl)methyl}phenyl)ethanone
5 non-polymer 'CHLORIDE ION'
6 non-polymer 'SULFATE ION'
7 water water
#
_entity_poly.entity_id   1
_entity_poly.type   'polypeptide(L)'
_entity_poly.pdbx_seq_one_letter_code
;MASQPNSSAKKKEEKGKNIQVVVRCRPFNLAERKASAHSIVECDPVRKEVSVRTGGLADKSSRKTYTFDMVFGASTKQID
VYRSVVCPILDEVIMGYNCTIFAYGQTGTGKTFTMEGERSPNEEYTWEEDPLAGIIPRTLHQIFEKLTDNGTEFSVKVSL
LEIYNEELFDLLNPSSDVSERLQMFDDPRNKRGVIIKGLEEITVHNKDEVYQILEKGAAKRTTAATLMNAYSSRSHSVFS
VTIHMKETTIDGEELVKIGKLNLVDLAGSENIGRSGAVDKRAREAGNINQSLLTLGRVITALVERTPHVPYRESKLTRIL
QDSLGGRTRTSIIATISPASLNLEETLSTLEYAHRAKNILNKPEVNQK
;
_entity_poly.pdbx_strand_id   A,B,C,D,E,F,G
#
# COMPACT_ATOMS: atom_id res chain seq x y z
N ASN A 18 -6.28 -35.38 39.93
CA ASN A 18 -5.89 -36.64 40.56
C ASN A 18 -5.18 -37.58 39.57
N ILE A 19 -3.88 -37.82 39.72
CA ILE A 19 -3.24 -38.51 38.61
C ILE A 19 -3.71 -39.96 38.52
N GLN A 20 -4.19 -40.34 37.36
CA GLN A 20 -4.56 -41.71 37.10
C GLN A 20 -3.38 -42.71 37.27
N VAL A 21 -3.60 -43.83 37.97
CA VAL A 21 -2.51 -44.76 38.25
C VAL A 21 -2.88 -46.18 37.91
N VAL A 22 -2.16 -46.81 37.00
CA VAL A 22 -2.51 -48.16 36.64
C VAL A 22 -1.35 -49.10 36.86
N VAL A 23 -1.65 -50.39 36.87
CA VAL A 23 -0.67 -51.40 37.17
C VAL A 23 -0.67 -52.44 36.07
N ARG A 24 0.49 -52.70 35.48
CA ARG A 24 0.55 -53.75 34.49
C ARG A 24 1.55 -54.80 34.95
N CYS A 25 1.25 -56.07 34.78
CA CYS A 25 2.17 -57.09 35.23
C CYS A 25 2.53 -57.93 34.00
N ARG A 26 3.81 -58.26 33.84
CA ARG A 26 4.20 -59.06 32.68
C ARG A 26 4.16 -60.57 32.94
N PRO A 27 4.06 -61.38 31.87
CA PRO A 27 4.23 -62.83 31.82
C PRO A 27 5.56 -63.21 32.35
N PHE A 28 5.67 -64.43 32.86
CA PHE A 28 6.96 -64.98 33.23
C PHE A 28 7.80 -64.97 31.99
N ASN A 29 9.11 -64.81 32.17
CA ASN A 29 10.01 -65.02 31.06
C ASN A 29 10.50 -66.47 31.05
N LEU A 30 11.31 -66.83 30.07
CA LEU A 30 11.84 -68.18 30.02
C LEU A 30 12.73 -68.46 31.23
N ALA A 31 13.63 -67.54 31.54
CA ALA A 31 14.52 -67.69 32.68
C ALA A 31 13.75 -68.06 33.92
N GLU A 32 12.69 -67.30 34.18
CA GLU A 32 11.86 -67.58 35.33
C GLU A 32 11.27 -68.97 35.19
N ARG A 33 10.66 -69.28 34.05
CA ARG A 33 10.07 -70.60 33.84
C ARG A 33 11.04 -71.73 34.13
N LYS A 34 12.30 -71.59 33.70
CA LYS A 34 13.27 -72.67 33.94
C LYS A 34 13.62 -72.77 35.42
N ALA A 35 13.40 -71.69 36.15
CA ALA A 35 13.72 -71.69 37.56
C ALA A 35 12.56 -72.28 38.38
N SER A 36 11.49 -72.67 37.69
CA SER A 36 10.30 -73.18 38.35
C SER A 36 9.69 -72.10 39.24
N ALA A 37 9.67 -70.86 38.76
CA ALA A 37 9.15 -69.75 39.55
C ALA A 37 7.66 -69.86 39.85
N HIS A 38 7.27 -69.50 41.07
CA HIS A 38 5.88 -69.38 41.42
C HIS A 38 5.46 -67.96 41.24
N SER A 39 4.21 -67.74 40.82
CA SER A 39 3.61 -66.42 40.92
C SER A 39 3.21 -66.00 42.34
N ILE A 40 3.61 -64.82 42.73
CA ILE A 40 3.12 -64.12 43.92
C ILE A 40 2.09 -63.04 43.70
N VAL A 41 1.61 -62.89 42.47
CA VAL A 41 0.81 -61.72 42.18
C VAL A 41 -0.53 -62.07 41.63
N GLU A 42 -1.58 -61.44 42.14
CA GLU A 42 -2.91 -61.70 41.59
C GLU A 42 -3.58 -60.45 41.07
N CYS A 43 -4.15 -60.54 39.87
CA CYS A 43 -4.75 -59.39 39.24
C CYS A 43 -6.23 -59.57 39.01
N ASP A 44 -7.02 -58.76 39.69
CA ASP A 44 -8.44 -58.83 39.45
C ASP A 44 -8.83 -57.53 38.77
N PRO A 45 -9.08 -57.63 37.45
CA PRO A 45 -9.42 -56.43 36.68
C PRO A 45 -10.69 -55.83 37.23
N VAL A 46 -11.72 -56.65 37.44
CA VAL A 46 -13.04 -56.13 37.77
C VAL A 46 -13.06 -55.37 39.08
N ARG A 47 -12.37 -55.90 40.08
CA ARG A 47 -12.25 -55.16 41.31
C ARG A 47 -11.17 -54.09 41.24
N LYS A 48 -10.38 -54.09 40.17
CA LYS A 48 -9.30 -53.11 40.01
C LYS A 48 -8.28 -53.25 41.14
N GLU A 49 -7.89 -54.49 41.37
CA GLU A 49 -7.09 -54.81 42.53
C GLU A 49 -5.91 -55.64 42.08
N VAL A 50 -4.75 -55.34 42.64
CA VAL A 50 -3.64 -56.26 42.60
C VAL A 50 -3.47 -56.70 44.02
N SER A 51 -3.10 -57.94 44.24
CA SER A 51 -2.80 -58.33 45.61
C SER A 51 -1.68 -59.36 45.58
N VAL A 52 -0.73 -59.19 46.50
CA VAL A 52 0.54 -59.89 46.47
C VAL A 52 0.67 -60.94 47.58
N ARG A 53 1.36 -62.03 47.29
CA ARG A 53 1.41 -63.03 48.32
C ARG A 53 2.77 -62.91 48.98
N THR A 54 2.74 -62.32 50.18
CA THR A 54 3.95 -61.91 50.86
C THR A 54 4.61 -62.88 51.84
N GLY A 55 3.96 -64.00 52.16
CA GLY A 55 4.38 -64.83 53.27
C GLY A 55 5.33 -65.99 52.99
N GLY A 56 5.46 -66.36 51.74
CA GLY A 56 6.45 -67.37 51.42
C GLY A 56 6.06 -68.74 51.84
N LEU A 57 7.03 -69.50 52.34
CA LEU A 57 6.78 -70.83 52.90
C LEU A 57 6.31 -70.69 54.35
N ALA A 58 6.56 -69.54 54.94
CA ALA A 58 6.33 -69.32 56.37
C ALA A 58 4.87 -69.06 56.73
N ASP A 59 4.21 -68.20 55.99
CA ASP A 59 2.83 -67.90 56.28
C ASP A 59 2.03 -67.88 54.99
N LYS A 60 1.11 -68.80 54.79
CA LYS A 60 0.57 -68.98 53.45
C LYS A 60 -0.61 -68.07 53.14
N SER A 61 -1.11 -67.39 54.17
CA SER A 61 -2.25 -66.51 53.99
C SER A 61 -1.97 -65.03 53.89
N SER A 62 -0.74 -64.63 54.13
CA SER A 62 -0.44 -63.21 54.12
C SER A 62 -0.61 -62.63 52.70
N ARG A 63 -1.21 -61.45 52.60
CA ARG A 63 -1.34 -60.84 51.32
C ARG A 63 -1.36 -59.35 51.48
N LYS A 64 -0.76 -58.62 50.54
CA LYS A 64 -0.94 -57.17 50.49
C LYS A 64 -1.81 -56.89 49.29
N THR A 65 -2.77 -55.99 49.47
CA THR A 65 -3.77 -55.78 48.43
C THR A 65 -3.95 -54.31 48.23
N TYR A 66 -3.90 -53.89 46.97
CA TYR A 66 -4.01 -52.45 46.65
C TYR A 66 -5.03 -52.25 45.55
N THR A 67 -5.57 -51.03 45.53
CA THR A 67 -6.56 -50.65 44.55
C THR A 67 -6.09 -49.52 43.64
N PHE A 68 -6.21 -49.75 42.35
CA PHE A 68 -5.77 -48.79 41.38
C PHE A 68 -6.90 -48.46 40.41
N ASP A 69 -6.64 -47.57 39.46
CA ASP A 69 -7.64 -47.16 38.48
C ASP A 69 -7.78 -48.19 37.36
N MET A 70 -6.73 -48.92 37.07
CA MET A 70 -6.86 -50.06 36.18
C MET A 70 -5.77 -51.05 36.50
N VAL A 71 -5.99 -52.28 36.12
CA VAL A 71 -5.07 -53.32 36.50
C VAL A 71 -4.95 -54.21 35.31
N PHE A 72 -3.73 -54.61 35.00
CA PHE A 72 -3.51 -55.33 33.76
C PHE A 72 -2.65 -56.50 34.05
N GLY A 73 -3.12 -57.66 33.66
CA GLY A 73 -2.47 -58.88 34.07
C GLY A 73 -1.61 -59.49 33.00
N ALA A 74 -0.87 -60.51 33.41
CA ALA A 74 0.17 -61.07 32.57
C ALA A 74 -0.38 -61.38 31.20
N SER A 75 -1.66 -61.69 31.16
CA SER A 75 -2.35 -61.95 29.91
C SER A 75 -2.49 -60.67 29.07
N THR A 76 -2.43 -59.49 29.70
CA THR A 76 -2.87 -58.29 28.99
C THR A 76 -2.05 -57.97 27.75
N LYS A 77 -2.73 -57.83 26.62
CA LYS A 77 -2.11 -57.49 25.33
C LYS A 77 -1.83 -55.98 25.11
N GLN A 78 -0.86 -55.68 24.23
CA GLN A 78 -0.47 -54.30 23.90
C GLN A 78 -1.63 -53.38 23.50
N ILE A 79 -2.44 -53.86 22.58
CA ILE A 79 -3.64 -53.14 22.17
C ILE A 79 -4.61 -52.80 23.34
N ASP A 80 -4.68 -53.68 24.34
CA ASP A 80 -5.59 -53.47 25.48
C ASP A 80 -5.11 -52.29 26.31
N VAL A 81 -3.79 -52.22 26.53
CA VAL A 81 -3.24 -51.09 27.25
C VAL A 81 -3.51 -49.81 26.50
N TYR A 82 -3.23 -49.80 25.20
CA TYR A 82 -3.50 -48.62 24.37
C TYR A 82 -4.96 -48.18 24.45
N ARG A 83 -5.86 -49.11 24.14
CA ARG A 83 -7.30 -48.88 24.21
C ARG A 83 -7.74 -48.27 25.54
N SER A 84 -7.36 -48.91 26.65
CA SER A 84 -7.79 -48.46 27.96
C SER A 84 -7.08 -47.21 28.44
N VAL A 85 -5.75 -47.22 28.42
CA VAL A 85 -5.04 -46.04 28.90
C VAL A 85 -5.01 -44.85 27.96
N VAL A 86 -4.62 -45.05 26.71
CA VAL A 86 -4.25 -43.91 25.86
C VAL A 86 -5.33 -43.10 25.13
N CYS A 87 -6.29 -43.77 24.50
CA CYS A 87 -7.36 -43.05 23.81
C CYS A 87 -8.01 -42.00 24.71
N PRO A 88 -8.45 -42.39 25.90
CA PRO A 88 -8.94 -41.30 26.73
C PRO A 88 -7.90 -40.18 26.83
N ILE A 89 -6.63 -40.53 26.86
CA ILE A 89 -5.56 -39.54 27.04
C ILE A 89 -5.34 -38.74 25.76
N LEU A 90 -5.19 -39.49 24.67
CA LEU A 90 -5.00 -38.91 23.36
C LEU A 90 -6.13 -37.96 23.02
N ASP A 91 -7.30 -38.19 23.60
CA ASP A 91 -8.47 -37.39 23.25
C ASP A 91 -8.45 -36.02 23.91
N GLU A 92 -7.74 -35.88 25.01
CA GLU A 92 -7.62 -34.57 25.65
C GLU A 92 -6.45 -33.72 25.16
N VAL A 93 -5.51 -34.32 24.42
CA VAL A 93 -4.46 -33.55 23.76
C VAL A 93 -5.03 -32.97 22.47
N ILE A 94 -5.78 -33.78 21.74
CA ILE A 94 -6.48 -33.24 20.60
C ILE A 94 -7.45 -32.13 21.02
N MET A 95 -7.72 -32.01 22.31
CA MET A 95 -8.60 -30.95 22.77
C MET A 95 -7.82 -29.75 23.28
N GLY A 96 -6.49 -29.83 23.19
CA GLY A 96 -5.65 -28.72 23.61
C GLY A 96 -5.17 -28.68 25.05
N TYR A 97 -5.13 -29.84 25.70
CA TYR A 97 -4.63 -29.93 27.06
C TYR A 97 -3.33 -30.75 27.04
N ASN A 98 -2.48 -30.54 28.05
CA ASN A 98 -1.20 -31.27 28.20
C ASN A 98 -1.23 -32.57 29.01
N CYS A 99 -0.72 -33.66 28.42
CA CYS A 99 -0.79 -35.00 29.00
C CYS A 99 0.52 -35.76 29.08
N THR A 100 0.96 -36.05 30.30
CA THR A 100 2.07 -36.97 30.56
C THR A 100 1.59 -38.41 30.86
N ILE A 101 2.30 -39.39 30.36
CA ILE A 101 2.09 -40.74 30.81
C ILE A 101 3.44 -41.28 31.19
N PHE A 102 3.71 -41.57 32.44
CA PHE A 102 4.93 -42.33 32.64
C PHE A 102 4.90 -43.76 33.22
N ALA A 103 5.96 -44.49 32.92
CA ALA A 103 6.10 -45.87 33.27
C ALA A 103 7.08 -45.97 34.42
N TYR A 104 6.66 -46.59 35.53
CA TYR A 104 7.47 -46.68 36.74
C TYR A 104 7.69 -48.11 37.15
N GLY A 105 8.93 -48.49 37.48
CA GLY A 105 9.19 -49.81 38.00
C GLY A 105 10.56 -50.47 37.86
N GLN A 106 10.68 -51.64 38.47
CA GLN A 106 11.96 -52.35 38.52
C GLN A 106 12.50 -52.66 37.13
N THR A 107 13.81 -52.54 36.96
CA THR A 107 14.38 -52.96 35.70
C THR A 107 13.93 -54.39 35.38
N GLY A 108 13.44 -54.59 34.17
CA GLY A 108 13.10 -55.93 33.71
C GLY A 108 11.61 -56.21 33.69
N THR A 109 10.80 -55.26 34.15
CA THR A 109 9.39 -55.51 34.33
C THR A 109 8.47 -55.04 33.22
N GLY A 110 9.05 -54.41 32.20
CA GLY A 110 8.28 -53.90 31.05
C GLY A 110 7.92 -52.43 30.80
N LYS A 111 8.55 -51.47 31.48
CA LYS A 111 8.27 -50.08 31.05
C LYS A 111 8.72 -49.66 29.62
N THR A 112 9.78 -50.23 29.08
CA THR A 112 10.09 -49.93 27.69
C THR A 112 9.13 -50.65 26.76
N PHE A 113 8.95 -51.94 27.01
CA PHE A 113 7.96 -52.68 26.26
C PHE A 113 6.63 -51.92 26.35
N THR A 114 6.37 -51.25 27.48
CA THR A 114 5.10 -50.50 27.54
C THR A 114 5.04 -49.15 26.79
N MET A 115 6.06 -48.30 26.95
CA MET A 115 6.09 -47.05 26.17
C MET A 115 6.47 -47.23 24.69
N GLU A 116 7.42 -48.10 24.39
CA GLU A 116 7.84 -48.30 22.99
C GLU A 116 7.33 -49.60 22.38
N GLY A 117 7.70 -50.73 22.93
CA GLY A 117 7.26 -51.98 22.34
C GLY A 117 8.40 -52.64 21.62
N GLU A 118 8.08 -53.68 20.87
CA GLU A 118 9.09 -54.38 20.12
C GLU A 118 8.61 -54.61 18.70
N ARG A 119 9.45 -55.27 17.89
CA ARG A 119 9.08 -55.62 16.53
C ARG A 119 9.13 -57.12 16.39
N SER A 120 8.05 -57.71 15.92
CA SER A 120 7.93 -59.16 15.85
C SER A 120 8.93 -59.79 14.88
N PRO A 121 9.53 -60.93 15.27
CA PRO A 121 10.62 -61.56 14.54
C PRO A 121 10.29 -61.77 13.07
N ASN A 122 11.33 -61.73 12.23
CA ASN A 122 11.18 -61.80 10.78
C ASN A 122 10.33 -60.63 10.30
N GLU A 123 9.29 -60.85 9.51
CA GLU A 123 8.49 -59.70 9.16
C GLU A 123 7.13 -59.79 9.74
N GLU A 124 6.30 -60.54 9.03
CA GLU A 124 5.04 -60.98 9.54
C GLU A 124 4.07 -59.80 9.81
N TYR A 125 4.60 -58.58 9.92
CA TYR A 125 3.80 -57.40 10.28
C TYR A 125 4.46 -56.04 9.91
N THR A 126 3.67 -54.99 9.83
CA THR A 126 4.19 -53.69 9.53
C THR A 126 4.08 -52.83 10.77
N TRP A 127 5.02 -51.91 10.97
CA TRP A 127 5.12 -51.24 12.24
C TRP A 127 3.75 -50.73 12.66
N GLU A 128 2.96 -50.35 11.68
CA GLU A 128 1.64 -49.82 11.98
C GLU A 128 0.71 -50.87 12.59
N GLU A 129 0.80 -52.10 12.11
CA GLU A 129 0.03 -53.21 12.65
C GLU A 129 0.72 -54.20 13.62
N ASP A 130 1.98 -53.99 13.98
CA ASP A 130 2.69 -54.96 14.84
C ASP A 130 2.04 -55.11 16.23
N PRO A 131 1.76 -56.35 16.65
CA PRO A 131 1.21 -56.66 17.97
C PRO A 131 2.07 -56.11 19.10
N LEU A 132 3.37 -56.35 19.02
CA LEU A 132 4.28 -55.93 20.08
C LEU A 132 4.48 -54.41 20.10
N ALA A 133 3.90 -53.72 19.13
CA ALA A 133 3.93 -52.26 19.14
C ALA A 133 3.38 -51.76 20.46
N GLY A 134 4.05 -50.75 21.01
CA GLY A 134 3.68 -50.16 22.27
C GLY A 134 3.04 -48.82 22.05
N ILE A 135 3.13 -47.94 23.04
CA ILE A 135 2.29 -46.76 23.07
C ILE A 135 2.74 -45.77 22.04
N ILE A 136 3.97 -45.30 22.17
CA ILE A 136 4.54 -44.31 21.26
C ILE A 136 4.23 -44.60 19.79
N PRO A 137 4.54 -45.81 19.31
CA PRO A 137 4.16 -46.04 17.92
C PRO A 137 2.66 -45.90 17.73
N ARG A 138 1.85 -46.55 18.56
CA ARG A 138 0.38 -46.45 18.44
C ARG A 138 -0.15 -45.00 18.54
N THR A 139 0.29 -44.23 19.52
CA THR A 139 -0.16 -42.84 19.62
C THR A 139 0.19 -42.02 18.39
N LEU A 140 1.48 -41.97 18.04
CA LEU A 140 1.94 -41.27 16.82
C LEU A 140 1.08 -41.69 15.65
N HIS A 141 1.15 -42.96 15.31
CA HIS A 141 0.32 -43.46 14.24
C HIS A 141 -1.13 -42.99 14.34
N GLN A 142 -1.73 -42.92 15.50
CA GLN A 142 -3.15 -42.66 15.43
C GLN A 142 -3.51 -41.16 15.43
N ILE A 143 -2.49 -40.29 15.44
CA ILE A 143 -2.71 -38.83 15.55
C ILE A 143 -3.03 -38.20 14.22
N PHE A 144 -2.68 -38.92 13.19
CA PHE A 144 -3.16 -38.54 11.90
C PHE A 144 -4.55 -39.18 11.59
N GLU A 145 -4.68 -40.52 11.56
CA GLU A 145 -5.97 -41.16 11.26
C GLU A 145 -7.11 -40.45 12.03
N LYS A 146 -6.85 -39.90 13.22
CA LYS A 146 -7.86 -39.06 13.88
C LYS A 146 -7.96 -37.65 13.28
N LEU A 147 -6.82 -36.99 13.07
CA LEU A 147 -6.82 -35.62 12.56
C LEU A 147 -6.99 -35.47 11.04
N THR A 148 -6.56 -36.49 10.28
CA THR A 148 -6.67 -36.53 8.82
C THR A 148 -8.12 -36.77 8.36
N ASP A 149 -8.80 -37.67 9.09
CA ASP A 149 -10.19 -38.05 8.88
C ASP A 149 -11.15 -36.93 9.34
N ASN A 150 -10.64 -36.00 10.14
CA ASN A 150 -11.38 -34.80 10.56
C ASN A 150 -11.14 -33.64 9.60
N GLY A 151 -10.26 -33.85 8.62
CA GLY A 151 -9.99 -32.87 7.57
C GLY A 151 -9.72 -31.45 8.06
N THR A 152 -8.97 -31.33 9.14
CA THR A 152 -8.66 -30.02 9.71
C THR A 152 -7.17 -29.71 9.58
N GLU A 153 -6.75 -28.59 10.16
CA GLU A 153 -5.36 -28.19 10.12
C GLU A 153 -4.54 -28.65 11.34
N PHE A 154 -3.56 -29.52 11.09
CA PHE A 154 -2.67 -29.96 12.14
C PHE A 154 -1.23 -30.14 11.67
N SER A 155 -0.30 -29.66 12.49
CA SER A 155 1.12 -30.00 12.36
C SER A 155 1.64 -30.66 13.65
N VAL A 156 2.16 -31.87 13.55
CA VAL A 156 2.71 -32.55 14.70
C VAL A 156 4.24 -32.64 14.69
N LYS A 157 4.88 -32.22 15.78
CA LYS A 157 6.32 -32.42 15.95
C LYS A 157 6.69 -33.23 17.21
N VAL A 158 7.76 -34.03 17.10
CA VAL A 158 8.22 -34.90 18.20
C VAL A 158 9.67 -34.62 18.58
N SER A 159 10.01 -34.87 19.84
CA SER A 159 11.37 -34.70 20.31
C SER A 159 11.62 -35.84 21.25
N LEU A 160 12.86 -36.27 21.40
CA LEU A 160 13.14 -37.32 22.36
C LEU A 160 14.43 -37.05 23.09
N LEU A 161 14.41 -36.81 24.38
CA LEU A 161 15.69 -36.60 25.05
C LEU A 161 15.97 -37.66 26.10
N GLU A 162 17.15 -37.64 26.73
CA GLU A 162 17.41 -38.62 27.76
C GLU A 162 18.23 -38.04 28.88
N ILE A 163 17.92 -38.47 30.09
CA ILE A 163 18.63 -37.93 31.21
C ILE A 163 19.51 -39.06 31.68
N TYR A 164 20.81 -38.80 31.78
CA TYR A 164 21.70 -39.80 32.35
C TYR A 164 22.77 -39.06 33.16
N ASN A 165 23.07 -39.57 34.31
CA ASN A 165 23.97 -38.88 35.20
C ASN A 165 23.67 -37.36 35.29
N GLU A 166 22.39 -36.97 35.15
CA GLU A 166 21.91 -35.57 35.13
C GLU A 166 22.40 -34.71 33.94
N GLU A 167 22.78 -35.36 32.85
CA GLU A 167 23.06 -34.66 31.61
C GLU A 167 21.97 -35.02 30.58
N LEU A 168 21.52 -34.01 29.83
CA LEU A 168 20.55 -34.23 28.76
C LEU A 168 21.22 -34.55 27.42
N PHE A 169 20.77 -35.61 26.76
CA PHE A 169 21.24 -35.95 25.44
C PHE A 169 20.05 -35.95 24.51
N ASP A 170 20.31 -35.77 23.24
CA ASP A 170 19.22 -35.57 22.32
C ASP A 170 19.28 -36.66 21.30
N LEU A 171 18.36 -37.61 21.35
CA LEU A 171 18.37 -38.70 20.40
C LEU A 171 17.88 -38.35 19.00
N LEU A 172 17.20 -37.22 18.79
CA LEU A 172 16.80 -36.87 17.42
C LEU A 172 17.70 -35.84 16.68
N ASN A 173 18.69 -35.29 17.40
CA ASN A 173 19.51 -34.22 16.87
C ASN A 173 20.23 -34.60 15.59
N PRO A 174 20.42 -33.65 14.69
CA PRO A 174 21.16 -34.05 13.48
C PRO A 174 22.64 -34.36 13.76
N SER A 175 23.17 -33.81 14.83
CA SER A 175 24.59 -34.00 15.15
C SER A 175 24.96 -35.45 15.13
N SER A 176 26.10 -35.79 14.56
CA SER A 176 26.35 -37.23 14.42
C SER A 176 26.72 -37.94 15.74
N ASP A 177 26.98 -37.16 16.78
CA ASP A 177 27.50 -37.68 18.05
C ASP A 177 26.50 -37.44 19.23
N VAL A 178 26.08 -38.52 19.89
CA VAL A 178 25.05 -38.48 20.94
C VAL A 178 25.52 -37.80 22.17
N SER A 179 26.80 -37.90 22.45
CA SER A 179 27.32 -37.36 23.68
C SER A 179 27.33 -35.83 23.76
N GLU A 180 26.97 -35.12 22.68
CA GLU A 180 26.87 -33.64 22.78
C GLU A 180 25.68 -33.27 23.68
N ARG A 181 25.91 -32.49 24.72
CA ARG A 181 24.92 -32.33 25.78
C ARG A 181 24.03 -31.06 25.66
N LEU A 182 22.75 -31.18 26.03
CA LEU A 182 21.92 -29.98 26.04
C LEU A 182 22.04 -29.26 27.36
N GLN A 183 21.40 -28.12 27.48
CA GLN A 183 21.39 -27.36 28.71
CA GLN A 183 21.36 -27.41 28.73
C GLN A 183 19.95 -26.91 28.93
N MET A 184 19.58 -26.69 30.19
CA MET A 184 18.21 -26.21 30.47
C MET A 184 18.15 -24.90 31.27
N PHE A 185 17.24 -24.02 30.86
CA PHE A 185 16.94 -22.79 31.60
C PHE A 185 15.43 -22.55 31.69
N ASP A 186 15.05 -21.72 32.65
CA ASP A 186 13.65 -21.33 32.90
C ASP A 186 12.99 -20.65 31.72
N ASP A 187 11.79 -21.08 31.36
CA ASP A 187 11.07 -20.44 30.27
C ASP A 187 10.92 -18.93 30.54
N PRO A 188 11.38 -18.09 29.59
CA PRO A 188 11.38 -16.64 29.85
C PRO A 188 9.96 -16.20 30.14
N ARG A 189 8.98 -16.70 29.39
CA ARG A 189 7.63 -16.61 29.87
C ARG A 189 7.02 -17.97 30.15
N ASN A 190 7.07 -18.37 31.41
CA ASN A 190 6.20 -19.42 31.96
C ASN A 190 6.70 -19.70 33.38
N LYS A 191 5.81 -20.13 34.29
CA LYS A 191 6.26 -20.41 35.66
C LYS A 191 6.78 -21.81 35.98
N ARG A 192 6.07 -22.81 35.46
CA ARG A 192 6.38 -24.21 35.76
C ARG A 192 7.18 -24.94 34.69
N GLY A 193 7.47 -24.26 33.59
CA GLY A 193 8.18 -24.87 32.50
C GLY A 193 9.65 -24.47 32.44
N VAL A 194 10.39 -25.17 31.59
CA VAL A 194 11.78 -24.89 31.35
C VAL A 194 11.96 -24.91 29.85
N ILE A 195 12.98 -24.23 29.36
CA ILE A 195 13.33 -24.42 27.95
C ILE A 195 14.56 -25.35 27.78
N ILE A 196 14.49 -26.31 26.86
CA ILE A 196 15.71 -27.11 26.60
C ILE A 196 16.56 -26.56 25.43
N LYS A 197 17.72 -26.03 25.76
CA LYS A 197 18.46 -25.21 24.84
C LYS A 197 19.23 -26.18 23.99
N GLY A 198 18.95 -26.20 22.70
CA GLY A 198 19.64 -27.11 21.83
C GLY A 198 18.83 -28.27 21.37
N LEU A 199 17.61 -28.43 21.89
CA LEU A 199 16.90 -29.67 21.61
C LEU A 199 16.23 -29.66 20.26
N GLU A 200 16.65 -30.54 19.36
CA GLU A 200 16.00 -30.67 18.07
C GLU A 200 14.54 -31.07 18.18
N GLU A 201 13.66 -30.42 17.44
CA GLU A 201 12.29 -30.90 17.26
C GLU A 201 11.98 -31.16 15.79
N ILE A 202 11.83 -32.42 15.41
CA ILE A 202 11.47 -32.79 14.06
C ILE A 202 9.99 -32.61 13.86
N THR A 203 9.63 -31.96 12.77
CA THR A 203 8.25 -31.96 12.30
C THR A 203 7.95 -33.31 11.66
N VAL A 204 6.81 -33.91 12.01
CA VAL A 204 6.40 -35.18 11.38
C VAL A 204 5.24 -34.89 10.46
N HIS A 205 5.47 -35.01 9.16
CA HIS A 205 4.53 -34.51 8.15
C HIS A 205 3.34 -35.42 7.94
N ASN A 206 3.55 -36.71 8.18
CA ASN A 206 2.53 -37.71 7.89
C ASN A 206 3.04 -39.09 8.28
N LYS A 207 2.14 -40.03 8.32
CA LYS A 207 2.43 -41.31 8.88
C LYS A 207 3.76 -41.92 8.41
N ASP A 208 4.13 -41.70 7.17
CA ASP A 208 5.28 -42.48 6.68
C ASP A 208 6.64 -41.96 7.13
N GLU A 209 6.69 -40.72 7.60
CA GLU A 209 7.90 -40.23 8.26
C GLU A 209 8.19 -40.83 9.64
N VAL A 210 7.27 -41.61 10.22
CA VAL A 210 7.39 -42.01 11.63
C VAL A 210 8.48 -43.05 11.84
N TYR A 211 8.28 -44.24 11.29
CA TYR A 211 9.21 -45.29 11.58
C TYR A 211 10.61 -44.73 11.37
N GLN A 212 10.80 -44.01 10.28
CA GLN A 212 12.13 -43.49 9.96
C GLN A 212 12.73 -42.73 11.13
N ILE A 213 11.94 -41.87 11.76
CA ILE A 213 12.45 -41.12 12.90
C ILE A 213 12.77 -42.03 14.07
N LEU A 214 11.86 -42.92 14.43
CA LEU A 214 12.11 -43.76 15.58
C LEU A 214 13.33 -44.62 15.29
N GLU A 215 13.46 -45.10 14.05
CA GLU A 215 14.60 -45.96 13.74
C GLU A 215 15.91 -45.24 13.88
N LYS A 216 15.92 -43.95 13.60
CA LYS A 216 17.11 -43.17 13.84
C LYS A 216 17.36 -42.93 15.33
N GLY A 217 16.32 -42.55 16.08
CA GLY A 217 16.43 -42.46 17.54
C GLY A 217 17.00 -43.74 18.13
N ALA A 218 16.49 -44.88 17.69
CA ALA A 218 17.01 -46.14 18.15
C ALA A 218 18.52 -46.26 17.96
N ALA A 219 19.00 -45.88 16.78
CA ALA A 219 20.42 -46.10 16.47
C ALA A 219 21.29 -45.27 17.39
N LYS A 220 20.88 -44.03 17.58
CA LYS A 220 21.62 -43.13 18.43
C LYS A 220 21.58 -43.69 19.86
N ARG A 221 20.41 -44.19 20.25
CA ARG A 221 20.25 -44.81 21.57
C ARG A 221 21.19 -45.96 21.77
N THR A 222 21.25 -46.87 20.78
CA THR A 222 22.23 -47.96 20.81
C THR A 222 23.68 -47.48 21.06
N THR A 223 24.16 -46.48 20.32
CA THR A 223 25.47 -45.90 20.57
C THR A 223 25.58 -45.42 22.01
N ALA A 224 24.57 -44.70 22.47
CA ALA A 224 24.59 -44.20 23.84
C ALA A 224 24.86 -45.31 24.83
N ALA A 225 24.27 -46.47 24.58
CA ALA A 225 24.48 -47.64 25.46
C ALA A 225 25.92 -48.21 25.45
N THR A 226 26.61 -48.15 24.31
CA THR A 226 27.99 -48.64 24.31
C THR A 226 28.90 -47.61 24.97
N LEU A 227 28.48 -46.36 25.02
CA LEU A 227 29.28 -45.30 25.65
C LEU A 227 29.21 -45.17 27.17
N MET A 228 28.03 -45.42 27.74
CA MET A 228 27.84 -45.11 29.15
C MET A 228 27.48 -46.32 29.99
N ASN A 229 27.92 -46.35 31.25
CA ASN A 229 27.64 -47.52 32.09
C ASN A 229 26.18 -47.69 32.46
N ALA A 230 25.64 -48.85 32.15
CA ALA A 230 24.32 -49.20 32.61
C ALA A 230 23.36 -48.14 32.07
N TYR A 231 23.56 -47.80 30.81
CA TYR A 231 22.75 -46.76 30.23
C TYR A 231 21.26 -47.08 30.24
N SER A 232 20.86 -48.29 29.85
CA SER A 232 19.40 -48.58 29.83
C SER A 232 18.79 -48.48 31.23
N SER A 233 19.32 -49.24 32.18
CA SER A 233 18.69 -49.22 33.49
C SER A 233 18.77 -47.88 34.20
N ARG A 234 19.83 -47.11 33.94
CA ARG A 234 20.08 -45.91 34.73
C ARG A 234 19.54 -44.62 34.15
N SER A 235 18.94 -44.69 32.96
CA SER A 235 18.55 -43.46 32.28
C SER A 235 17.08 -43.28 32.11
N HIS A 236 16.66 -42.01 32.20
CA HIS A 236 15.30 -41.56 31.90
C HIS A 236 15.15 -41.09 30.45
N SER A 237 14.00 -41.39 29.86
CA SER A 237 13.75 -41.03 28.49
C SER A 237 12.40 -40.33 28.27
N VAL A 238 12.46 -39.08 27.79
CA VAL A 238 11.28 -38.28 27.58
C VAL A 238 11.02 -38.06 26.10
N PHE A 239 9.99 -38.68 25.58
CA PHE A 239 9.54 -38.49 24.22
C PHE A 239 8.34 -37.53 24.24
N SER A 240 8.45 -36.35 23.63
CA SER A 240 7.34 -35.41 23.66
C SER A 240 6.69 -35.37 22.29
N VAL A 241 5.39 -35.09 22.24
CA VAL A 241 4.69 -34.90 20.97
C VAL A 241 3.84 -33.66 21.05
N THR A 242 4.13 -32.66 20.23
CA THR A 242 3.35 -31.44 20.24
C THR A 242 2.46 -31.44 19.01
N ILE A 243 1.20 -31.06 19.18
CA ILE A 243 0.28 -31.03 18.06
C ILE A 243 -0.26 -29.61 17.89
N HIS A 244 -0.30 -29.15 16.64
CA HIS A 244 -0.84 -27.83 16.38
C HIS A 244 -2.15 -27.89 15.60
N MET A 245 -3.10 -27.11 16.08
CA MET A 245 -4.49 -27.13 15.60
C MET A 245 -5.17 -25.75 15.49
N LYS A 246 -6.00 -25.61 14.45
CA LYS A 246 -6.79 -24.39 14.23
C LYS A 246 -8.10 -24.73 13.51
N LEU A 255 -9.22 -19.39 15.84
CA LEU A 255 -8.27 -19.59 16.95
C LEU A 255 -7.60 -20.98 16.98
N VAL A 256 -6.31 -20.94 17.32
CA VAL A 256 -5.43 -22.09 17.41
C VAL A 256 -5.54 -22.82 18.75
N LYS A 257 -5.38 -24.14 18.74
CA LYS A 257 -5.17 -24.89 19.99
C LYS A 257 -3.97 -25.85 19.91
N ILE A 258 -3.18 -25.86 20.98
CA ILE A 258 -1.96 -26.68 21.10
C ILE A 258 -2.13 -27.84 22.08
N GLY A 259 -2.23 -29.08 21.60
CA GLY A 259 -2.08 -30.22 22.49
C GLY A 259 -0.65 -30.70 22.63
N LYS A 260 -0.24 -31.14 23.83
CA LYS A 260 1.14 -31.63 24.03
C LYS A 260 1.24 -32.89 24.89
N LEU A 261 1.84 -33.95 24.36
CA LEU A 261 1.94 -35.20 25.11
C LEU A 261 3.38 -35.69 25.36
N ASN A 262 3.85 -35.65 26.62
CA ASN A 262 5.09 -36.31 27.03
C ASN A 262 4.88 -37.79 27.33
N LEU A 263 5.67 -38.67 26.76
CA LEU A 263 5.63 -40.07 27.17
C LEU A 263 6.96 -40.42 27.80
N VAL A 264 6.98 -40.57 29.12
CA VAL A 264 8.20 -40.70 29.89
C VAL A 264 8.46 -42.15 30.31
N ASP A 265 9.60 -42.72 29.93
CA ASP A 265 9.98 -44.05 30.37
C ASP A 265 11.15 -43.89 31.38
N LEU A 266 10.86 -44.05 32.66
CA LEU A 266 11.82 -43.78 33.74
C LEU A 266 12.92 -44.84 33.91
N ALA A 267 13.98 -44.48 34.59
CA ALA A 267 14.98 -45.47 35.00
C ALA A 267 14.38 -46.43 36.03
N GLY A 268 15.00 -47.59 36.17
CA GLY A 268 14.57 -48.61 37.10
C GLY A 268 14.41 -48.07 38.49
N SER A 269 13.38 -48.55 39.19
CA SER A 269 13.01 -48.01 40.48
C SER A 269 13.85 -48.63 41.55
N GLU A 270 14.48 -49.74 41.24
CA GLU A 270 15.39 -50.41 42.17
C GLU A 270 16.61 -49.55 42.58
N ASN A 271 17.01 -48.59 41.72
CA ASN A 271 18.25 -47.78 41.85
C ASN A 271 18.43 -46.92 43.12
N ILE A 288 23.32 -38.67 39.52
CA ILE A 288 23.44 -40.03 38.98
C ILE A 288 22.13 -40.82 38.97
N ASN A 289 21.59 -41.13 40.15
CA ASN A 289 20.16 -41.39 40.41
C ASN A 289 19.38 -40.20 41.00
N GLN A 290 20.05 -39.06 41.12
CA GLN A 290 19.47 -37.85 41.67
C GLN A 290 18.09 -37.53 41.10
N SER A 291 17.92 -37.71 39.81
CA SER A 291 16.61 -37.39 39.25
C SER A 291 15.55 -38.33 39.80
N LEU A 292 15.94 -39.53 40.18
CA LEU A 292 14.99 -40.51 40.70
C LEU A 292 14.61 -40.21 42.13
N LEU A 293 15.61 -39.98 42.98
CA LEU A 293 15.40 -39.44 44.32
C LEU A 293 14.45 -38.25 44.28
N THR A 294 14.88 -37.19 43.62
CA THR A 294 14.07 -36.02 43.56
C THR A 294 12.63 -36.36 43.21
N LEU A 295 12.44 -37.30 42.28
CA LEU A 295 11.09 -37.66 41.82
C LEU A 295 10.28 -38.18 42.99
N GLY A 296 10.87 -39.07 43.77
CA GLY A 296 10.26 -39.55 44.99
C GLY A 296 9.93 -38.39 45.89
N ARG A 297 10.93 -37.55 46.19
CA ARG A 297 10.74 -36.47 47.14
C ARG A 297 9.72 -35.45 46.66
N VAL A 298 9.51 -35.35 45.37
CA VAL A 298 8.52 -34.41 44.87
C VAL A 298 7.13 -34.98 45.15
N ILE A 299 6.94 -36.25 44.82
CA ILE A 299 5.71 -36.92 45.14
C ILE A 299 5.47 -36.83 46.65
N THR A 300 6.35 -37.45 47.42
CA THR A 300 6.22 -37.46 48.86
C THR A 300 5.90 -36.08 49.44
N ALA A 301 6.54 -35.04 48.95
CA ALA A 301 6.21 -33.70 49.41
C ALA A 301 4.80 -33.31 48.97
N LEU A 302 4.42 -33.70 47.76
CA LEU A 302 3.13 -33.29 47.21
C LEU A 302 1.94 -33.83 47.99
N VAL A 303 2.02 -35.11 48.38
CA VAL A 303 0.91 -35.78 49.07
C VAL A 303 0.84 -35.40 50.52
N GLU A 304 1.98 -35.07 51.11
CA GLU A 304 2.01 -34.57 52.47
C GLU A 304 1.79 -33.07 52.47
N ARG A 305 1.60 -32.48 51.29
CA ARG A 305 1.27 -31.07 51.24
C ARG A 305 2.24 -30.22 52.06
N THR A 306 3.47 -29.99 51.59
CA THR A 306 4.29 -28.98 52.28
C THR A 306 4.63 -27.78 51.35
N PRO A 307 5.25 -26.71 51.91
CA PRO A 307 5.32 -25.43 51.18
C PRO A 307 6.24 -25.38 49.96
N HIS A 308 7.37 -26.05 50.02
CA HIS A 308 8.29 -26.05 48.88
C HIS A 308 8.48 -27.47 48.38
N VAL A 309 7.97 -27.72 47.18
CA VAL A 309 8.18 -28.99 46.48
C VAL A 309 9.52 -28.90 45.71
N PRO A 310 10.49 -29.78 46.01
CA PRO A 310 11.83 -29.50 45.49
C PRO A 310 12.02 -29.80 44.02
N TYR A 311 11.12 -29.36 43.15
CA TYR A 311 11.19 -29.68 41.73
C TYR A 311 12.60 -29.41 41.24
N ARG A 312 13.09 -28.22 41.55
CA ARG A 312 14.37 -27.76 41.05
C ARG A 312 15.53 -28.73 41.30
N GLU A 313 15.49 -29.47 42.41
CA GLU A 313 16.68 -30.21 42.83
C GLU A 313 17.11 -31.29 41.81
N SER A 314 16.35 -31.50 40.73
CA SER A 314 16.83 -32.33 39.64
C SER A 314 16.32 -31.98 38.23
N LYS A 315 17.05 -32.45 37.22
CA LYS A 315 16.66 -32.25 35.83
C LYS A 315 15.26 -32.75 35.46
N LEU A 316 14.94 -33.99 35.83
CA LEU A 316 13.67 -34.62 35.43
C LEU A 316 12.52 -33.90 36.07
N THR A 317 12.67 -33.55 37.33
CA THR A 317 11.57 -32.90 38.02
C THR A 317 11.31 -31.49 37.47
N ARG A 318 12.32 -30.88 36.84
CA ARG A 318 12.15 -29.59 36.19
C ARG A 318 11.45 -29.73 34.86
N ILE A 319 11.87 -30.70 34.05
CA ILE A 319 11.24 -30.85 32.74
C ILE A 319 9.81 -31.25 33.01
N LEU A 320 9.63 -32.08 34.02
CA LEU A 320 8.32 -32.65 34.33
C LEU A 320 7.49 -31.92 35.40
N GLN A 321 7.98 -30.78 35.89
CA GLN A 321 7.36 -30.11 37.03
C GLN A 321 5.85 -29.99 36.93
N ASP A 322 5.37 -29.59 35.75
CA ASP A 322 3.95 -29.37 35.50
C ASP A 322 3.13 -30.67 35.56
N SER A 323 3.80 -31.82 35.44
CA SER A 323 3.13 -33.09 35.42
C SER A 323 2.91 -33.59 36.85
N LEU A 324 3.62 -33.01 37.80
CA LEU A 324 3.38 -33.33 39.19
C LEU A 324 2.83 -32.11 39.93
N GLY A 325 1.53 -32.14 40.21
CA GLY A 325 0.87 -30.99 40.82
C GLY A 325 0.81 -29.75 39.94
N GLY A 326 1.01 -29.92 38.64
CA GLY A 326 0.88 -28.81 37.72
C GLY A 326 -0.47 -28.87 37.07
N ARG A 327 -0.61 -28.23 35.92
CA ARG A 327 -1.86 -28.26 35.17
C ARG A 327 -1.92 -29.33 34.05
N THR A 328 -0.87 -30.16 33.97
CA THR A 328 -0.86 -31.31 33.06
C THR A 328 -1.65 -32.49 33.64
N ARG A 329 -2.31 -33.25 32.78
CA ARG A 329 -3.05 -34.40 33.25
C ARG A 329 -2.17 -35.66 33.12
N THR A 330 -1.72 -36.18 34.25
CA THR A 330 -0.79 -37.31 34.23
C THR A 330 -1.46 -38.72 34.29
N SER A 331 -0.63 -39.76 34.16
CA SER A 331 -1.00 -41.13 34.41
C SER A 331 0.31 -41.79 34.74
N ILE A 332 0.28 -42.86 35.52
CA ILE A 332 1.51 -43.54 35.81
C ILE A 332 1.24 -45.00 35.62
N ILE A 333 1.90 -45.63 34.67
CA ILE A 333 1.73 -47.06 34.55
C ILE A 333 2.83 -47.67 35.40
N ALA A 334 2.46 -48.28 36.52
CA ALA A 334 3.43 -49.04 37.30
C ALA A 334 3.61 -50.44 36.71
N THR A 335 4.79 -51.00 36.85
CA THR A 335 5.16 -52.16 36.06
C THR A 335 5.71 -53.15 37.04
N ILE A 336 5.20 -54.38 37.02
CA ILE A 336 5.62 -55.33 38.04
C ILE A 336 5.81 -56.68 37.43
N SER A 337 6.45 -57.55 38.21
CA SER A 337 6.76 -58.92 37.82
C SER A 337 6.01 -59.89 38.77
N PRO A 338 5.53 -60.99 38.20
CA PRO A 338 4.84 -62.04 38.96
C PRO A 338 5.78 -62.82 39.88
N ALA A 339 7.07 -62.92 39.57
CA ALA A 339 7.86 -63.91 40.30
C ALA A 339 8.11 -63.62 41.76
N SER A 340 8.25 -64.71 42.49
CA SER A 340 8.48 -64.69 43.92
C SER A 340 9.81 -64.02 44.22
N LEU A 341 10.80 -64.25 43.36
CA LEU A 341 12.11 -63.63 43.57
C LEU A 341 11.98 -62.12 43.76
N ASN A 342 11.06 -61.49 43.03
CA ASN A 342 11.01 -60.03 42.96
C ASN A 342 10.14 -59.35 44.01
N LEU A 343 9.67 -60.16 44.97
CA LEU A 343 8.62 -59.73 45.91
C LEU A 343 8.94 -58.39 46.55
N GLU A 344 10.09 -58.24 47.18
CA GLU A 344 10.37 -57.03 47.93
C GLU A 344 10.28 -55.79 47.06
N GLU A 345 10.75 -55.93 45.82
CA GLU A 345 10.82 -54.85 44.85
C GLU A 345 9.43 -54.52 44.35
N THR A 346 8.65 -55.57 44.13
CA THR A 346 7.27 -55.45 43.69
C THR A 346 6.41 -54.70 44.73
N LEU A 347 6.63 -54.95 46.02
CA LEU A 347 5.77 -54.26 46.95
C LEU A 347 6.18 -52.81 46.85
N SER A 348 7.49 -52.64 46.85
CA SER A 348 8.11 -51.32 46.79
C SER A 348 7.50 -50.48 45.68
N THR A 349 7.50 -51.02 44.46
CA THR A 349 6.72 -50.39 43.40
C THR A 349 5.27 -50.11 43.80
N LEU A 350 4.47 -51.16 44.10
CA LEU A 350 3.02 -51.00 44.31
C LEU A 350 2.77 -50.01 45.42
N GLU A 351 3.60 -50.03 46.46
CA GLU A 351 3.54 -49.00 47.48
C GLU A 351 3.70 -47.62 46.84
N TYR A 352 4.89 -47.35 46.28
CA TYR A 352 5.23 -46.06 45.63
C TYR A 352 4.17 -45.60 44.65
N ALA A 353 3.77 -46.49 43.75
CA ALA A 353 2.73 -46.18 42.79
C ALA A 353 1.43 -45.80 43.48
N HIS A 354 1.07 -46.51 44.54
CA HIS A 354 -0.17 -46.24 45.27
C HIS A 354 -0.21 -44.85 45.90
N ARG A 355 0.84 -44.43 46.60
CA ARG A 355 0.84 -43.06 47.13
C ARG A 355 0.51 -42.08 46.04
N ALA A 356 0.99 -42.36 44.83
CA ALA A 356 0.89 -41.36 43.80
C ALA A 356 -0.57 -41.07 43.48
N LYS A 357 -1.46 -41.99 43.83
CA LYS A 357 -2.90 -41.75 43.61
C LYS A 357 -3.41 -40.52 44.35
N ASN A 358 -2.63 -40.07 45.35
CA ASN A 358 -3.00 -38.90 46.15
C ASN A 358 -2.65 -37.53 45.58
N ILE A 359 -1.75 -37.51 44.59
CA ILE A 359 -1.32 -36.25 44.01
C ILE A 359 -2.43 -35.65 43.15
N LEU A 360 -2.74 -34.39 43.43
CA LEU A 360 -3.86 -33.71 42.78
C LEU A 360 -3.37 -32.67 41.80
N ASN A 361 -3.81 -32.75 40.53
CA ASN A 361 -3.42 -31.74 39.53
C ASN A 361 -4.44 -30.59 39.39
N LYS A 362 -4.19 -29.67 38.43
CA LYS A 362 -5.15 -28.61 38.08
C LYS A 362 -5.19 -28.25 36.56
N PRO A 363 -5.60 -29.19 35.70
CA PRO A 363 -5.53 -28.98 34.24
C PRO A 363 -6.21 -27.71 33.72
N LYS B 17 24.16 -36.68 -31.89
CA LYS B 17 24.18 -37.60 -33.03
C LYS B 17 22.81 -38.24 -33.28
N ASN B 18 22.78 -39.55 -33.49
CA ASN B 18 21.49 -40.24 -33.59
C ASN B 18 21.06 -40.86 -32.25
N ILE B 19 19.85 -41.40 -32.19
CA ILE B 19 19.35 -41.73 -30.89
C ILE B 19 19.81 -43.09 -30.40
N GLN B 20 20.37 -43.11 -29.19
CA GLN B 20 20.71 -44.33 -28.48
C GLN B 20 19.48 -45.24 -28.43
N VAL B 21 19.67 -46.53 -28.67
CA VAL B 21 18.59 -47.48 -28.57
C VAL B 21 19.20 -48.61 -27.84
N VAL B 22 18.58 -49.08 -26.76
CA VAL B 22 19.14 -50.18 -26.01
C VAL B 22 18.03 -51.18 -25.87
N VAL B 23 18.38 -52.40 -25.50
CA VAL B 23 17.37 -53.42 -25.37
C VAL B 23 17.50 -53.98 -23.97
N ARG B 24 16.37 -54.26 -23.35
CA ARG B 24 16.45 -54.90 -22.06
C ARG B 24 15.47 -56.05 -22.09
N CYS B 25 15.91 -57.21 -21.64
CA CYS B 25 15.05 -58.39 -21.60
C CYS B 25 14.73 -58.75 -20.13
N ARG B 26 13.59 -59.38 -19.87
CA ARG B 26 13.17 -59.60 -18.48
C ARG B 26 13.24 -61.11 -18.21
N PRO B 27 13.43 -61.50 -16.95
CA PRO B 27 13.36 -62.91 -16.56
C PRO B 27 11.99 -63.51 -16.88
N PHE B 28 11.93 -64.80 -17.10
CA PHE B 28 10.64 -65.46 -17.27
C PHE B 28 9.82 -65.13 -16.07
N ASN B 29 8.57 -64.76 -16.27
CA ASN B 29 7.62 -64.64 -15.16
C ASN B 29 7.15 -66.01 -14.70
N LEU B 30 6.62 -66.09 -13.49
CA LEU B 30 6.20 -67.36 -12.86
C LEU B 30 5.11 -68.11 -13.65
N ALA B 31 4.20 -67.37 -14.28
CA ALA B 31 3.24 -67.94 -15.22
C ALA B 31 3.95 -68.73 -16.33
N GLU B 32 4.95 -68.09 -16.93
CA GLU B 32 5.72 -68.68 -18.01
C GLU B 32 6.44 -69.94 -17.54
N ARG B 33 6.92 -69.96 -16.30
CA ARG B 33 7.58 -71.18 -15.82
C ARG B 33 6.60 -72.34 -15.70
N LYS B 34 5.41 -72.09 -15.17
CA LYS B 34 4.42 -73.16 -15.04
C LYS B 34 4.14 -73.81 -16.40
N ALA B 35 4.22 -73.01 -17.46
CA ALA B 35 3.91 -73.50 -18.81
C ALA B 35 5.16 -73.97 -19.54
N SER B 36 6.27 -74.02 -18.81
CA SER B 36 7.51 -74.57 -19.33
C SER B 36 7.88 -73.86 -20.60
N ALA B 37 7.97 -72.55 -20.51
CA ALA B 37 8.35 -71.76 -21.68
C ALA B 37 9.82 -71.90 -21.96
N HIS B 38 10.19 -72.15 -23.22
CA HIS B 38 11.59 -72.07 -23.66
C HIS B 38 12.02 -70.64 -23.96
N SER B 39 13.26 -70.29 -23.67
CA SER B 39 13.77 -69.00 -24.13
C SER B 39 13.96 -69.03 -25.64
N ILE B 40 13.52 -67.99 -26.33
CA ILE B 40 14.01 -67.65 -27.67
C ILE B 40 15.03 -66.53 -27.76
N VAL B 41 15.49 -66.02 -26.62
CA VAL B 41 16.35 -64.83 -26.69
C VAL B 41 17.71 -65.04 -26.05
N GLU B 42 18.75 -64.66 -26.76
CA GLU B 42 20.10 -64.67 -26.18
C GLU B 42 20.64 -63.28 -26.31
N CYS B 43 21.17 -62.72 -25.23
CA CYS B 43 21.79 -61.40 -25.31
C CYS B 43 23.28 -61.51 -25.04
N ASP B 44 24.06 -60.77 -25.81
CA ASP B 44 25.51 -60.78 -25.71
C ASP B 44 25.94 -59.33 -25.52
N PRO B 45 26.09 -58.95 -24.26
CA PRO B 45 26.53 -57.62 -23.81
C PRO B 45 27.85 -57.18 -24.46
N VAL B 46 28.83 -58.08 -24.47
CA VAL B 46 30.13 -57.74 -25.00
C VAL B 46 30.02 -57.34 -26.45
N ARG B 47 29.31 -58.16 -27.22
CA ARG B 47 29.13 -57.90 -28.64
C ARG B 47 28.00 -56.90 -28.83
N LYS B 48 27.32 -56.56 -27.72
CA LYS B 48 26.07 -55.79 -27.73
C LYS B 48 25.07 -56.18 -28.83
N GLU B 49 24.51 -57.37 -28.69
CA GLU B 49 23.83 -58.01 -29.79
C GLU B 49 22.67 -58.76 -29.21
N VAL B 50 21.56 -58.79 -29.91
CA VAL B 50 20.46 -59.63 -29.45
C VAL B 50 20.09 -60.56 -30.58
N SER B 51 19.73 -61.78 -30.21
CA SER B 51 19.59 -62.81 -31.19
C SER B 51 18.42 -63.64 -30.79
N VAL B 52 17.52 -63.87 -31.74
CA VAL B 52 16.22 -64.49 -31.49
C VAL B 52 16.03 -65.72 -32.34
N ARG B 53 15.56 -66.79 -31.72
CA ARG B 53 15.42 -68.02 -32.41
C ARG B 53 14.01 -68.14 -33.02
N THR B 54 13.95 -68.02 -34.33
CA THR B 54 12.68 -67.83 -35.03
C THR B 54 12.01 -69.05 -35.67
N GLY B 55 12.64 -70.22 -35.63
CA GLY B 55 12.16 -71.36 -36.41
C GLY B 55 11.38 -72.45 -35.70
N GLY B 56 11.39 -72.42 -34.39
CA GLY B 56 10.49 -73.25 -33.62
C GLY B 56 10.84 -74.71 -33.65
N LEU B 57 9.83 -75.54 -33.87
CA LEU B 57 10.05 -76.97 -33.99
C LEU B 57 10.56 -77.23 -35.41
N ALA B 58 10.31 -76.31 -36.33
CA ALA B 58 10.58 -76.54 -37.74
C ALA B 58 12.05 -76.45 -38.10
N ASP B 59 12.63 -75.27 -37.94
CA ASP B 59 14.01 -75.10 -38.30
C ASP B 59 14.77 -74.67 -37.06
N LYS B 60 15.61 -75.54 -36.50
CA LYS B 60 16.24 -75.28 -35.19
C LYS B 60 17.35 -74.29 -35.29
N SER B 61 17.78 -73.97 -36.50
CA SER B 61 18.85 -73.00 -36.64
C SER B 61 18.53 -71.57 -37.03
N SER B 62 17.26 -71.29 -37.34
CA SER B 62 16.87 -69.94 -37.79
C SER B 62 17.08 -68.94 -36.67
N ARG B 63 17.62 -67.79 -37.00
CA ARG B 63 17.85 -66.75 -36.02
C ARG B 63 17.74 -65.40 -36.67
N LYS B 64 17.19 -64.45 -35.93
CA LYS B 64 17.37 -63.09 -36.32
C LYS B 64 18.26 -62.44 -35.27
N THR B 65 19.13 -61.55 -35.71
CA THR B 65 20.14 -61.04 -34.81
C THR B 65 20.30 -59.61 -35.08
N TYR B 66 20.19 -58.81 -34.04
CA TYR B 66 20.23 -57.37 -34.20
C TYR B 66 21.32 -56.82 -33.29
N THR B 67 21.90 -55.71 -33.71
CA THR B 67 22.93 -55.09 -32.94
C THR B 67 22.40 -53.74 -32.46
N PHE B 68 22.70 -53.40 -31.21
CA PHE B 68 22.17 -52.21 -30.56
C PHE B 68 23.27 -51.54 -29.75
N ASP B 69 23.05 -50.29 -29.33
CA ASP B 69 23.99 -49.53 -28.51
C ASP B 69 24.31 -50.10 -27.12
N MET B 70 23.49 -51.03 -26.64
CA MET B 70 23.75 -51.71 -25.40
C MET B 70 22.64 -52.70 -25.27
N VAL B 71 22.87 -53.76 -24.51
CA VAL B 71 21.91 -54.86 -24.46
C VAL B 71 21.86 -55.41 -23.05
N PHE B 72 20.69 -55.69 -22.55
CA PHE B 72 20.66 -56.06 -21.14
C PHE B 72 19.99 -57.38 -20.98
N GLY B 73 20.78 -58.35 -20.55
CA GLY B 73 20.26 -59.69 -20.41
C GLY B 73 19.18 -59.73 -19.36
N ALA B 74 18.49 -60.87 -19.32
CA ALA B 74 17.45 -61.16 -18.36
C ALA B 74 17.94 -60.99 -16.92
N SER B 75 19.25 -60.96 -16.72
CA SER B 75 19.78 -60.91 -15.36
C SER B 75 20.05 -59.49 -14.89
N THR B 76 20.00 -58.54 -15.81
CA THR B 76 20.46 -57.19 -15.50
C THR B 76 19.67 -56.60 -14.36
N LYS B 77 20.34 -55.93 -13.44
CA LYS B 77 19.63 -55.33 -12.31
C LYS B 77 19.50 -53.81 -12.47
N GLN B 78 18.77 -53.16 -11.55
CA GLN B 78 18.30 -51.79 -11.80
C GLN B 78 19.41 -50.81 -11.73
N ILE B 79 20.24 -51.00 -10.72
CA ILE B 79 21.37 -50.13 -10.53
C ILE B 79 22.23 -50.15 -11.80
N ASP B 80 22.16 -51.25 -12.52
CA ASP B 80 22.89 -51.38 -13.78
C ASP B 80 22.26 -50.66 -14.98
N VAL B 81 20.95 -50.83 -15.16
CA VAL B 81 20.27 -50.01 -16.16
C VAL B 81 20.59 -48.54 -15.85
N TYR B 82 20.51 -48.14 -14.58
CA TYR B 82 20.84 -46.75 -14.19
C TYR B 82 22.24 -46.39 -14.57
N ARG B 83 23.16 -47.08 -13.94
CA ARG B 83 24.58 -46.85 -14.09
C ARG B 83 25.01 -46.75 -15.56
N SER B 84 24.53 -47.66 -16.40
CA SER B 84 24.84 -47.61 -17.82
C SER B 84 24.07 -46.59 -18.64
N VAL B 85 22.75 -46.62 -18.54
CA VAL B 85 21.95 -45.71 -19.36
C VAL B 85 21.85 -44.28 -18.85
N VAL B 86 21.49 -44.09 -17.58
CA VAL B 86 21.02 -42.76 -17.10
C VAL B 86 22.06 -41.70 -16.69
N CYS B 87 23.08 -42.09 -15.94
CA CYS B 87 24.11 -41.15 -15.52
C CYS B 87 24.57 -40.31 -16.69
N PRO B 88 25.03 -40.95 -17.79
CA PRO B 88 25.45 -40.12 -18.92
C PRO B 88 24.36 -39.11 -19.30
N ILE B 89 23.13 -39.58 -19.41
CA ILE B 89 22.03 -38.72 -19.80
C ILE B 89 21.85 -37.62 -18.78
N LEU B 90 22.09 -37.95 -17.51
CA LEU B 90 21.94 -37.01 -16.42
C LEU B 90 23.01 -35.91 -16.40
N ASP B 91 24.27 -36.28 -16.59
CA ASP B 91 25.33 -35.29 -16.72
C ASP B 91 24.97 -34.24 -17.77
N GLU B 92 24.28 -34.68 -18.83
CA GLU B 92 23.93 -33.76 -19.90
C GLU B 92 22.76 -32.89 -19.53
N VAL B 93 21.92 -33.40 -18.65
CA VAL B 93 20.85 -32.62 -18.07
C VAL B 93 21.52 -31.53 -17.25
N ILE B 94 22.46 -31.94 -16.43
CA ILE B 94 23.17 -31.02 -15.56
C ILE B 94 24.05 -30.04 -16.34
N MET B 95 24.29 -30.34 -17.62
CA MET B 95 25.02 -29.43 -18.51
C MET B 95 24.10 -28.34 -19.06
N GLY B 96 22.80 -28.49 -18.85
CA GLY B 96 21.84 -27.59 -19.44
C GLY B 96 21.23 -28.06 -20.76
N TYR B 97 21.26 -29.37 -20.99
CA TYR B 97 20.63 -29.99 -22.17
C TYR B 97 19.27 -30.61 -21.82
N ASN B 98 18.36 -30.60 -22.78
CA ASN B 98 17.16 -31.43 -22.68
C ASN B 98 17.45 -32.89 -23.01
N CYS B 99 16.84 -33.81 -22.27
CA CYS B 99 16.91 -35.20 -22.66
C CYS B 99 15.56 -35.90 -22.49
N THR B 100 15.43 -37.05 -23.13
CA THR B 100 14.23 -37.83 -23.11
C THR B 100 14.65 -39.27 -23.17
N ILE B 101 13.95 -40.12 -22.43
CA ILE B 101 14.18 -41.53 -22.52
C ILE B 101 12.82 -42.15 -22.62
N PHE B 102 12.47 -42.87 -23.71
CA PHE B 102 11.25 -43.66 -23.61
C PHE B 102 11.49 -45.12 -23.37
N ALA B 103 10.40 -45.84 -23.14
CA ALA B 103 10.44 -47.27 -22.94
C ALA B 103 9.39 -47.76 -23.89
N TYR B 104 9.79 -48.61 -24.83
CA TYR B 104 8.90 -49.01 -25.91
C TYR B 104 8.88 -50.50 -25.85
N GLY B 105 7.70 -51.13 -25.97
CA GLY B 105 7.62 -52.58 -25.94
C GLY B 105 6.24 -53.19 -25.64
N GLN B 106 6.13 -54.51 -25.74
CA GLN B 106 4.82 -55.15 -25.61
C GLN B 106 4.36 -55.03 -24.17
N THR B 107 3.04 -55.02 -23.96
CA THR B 107 2.53 -55.00 -22.61
C THR B 107 3.07 -56.21 -21.87
N GLY B 108 3.61 -55.99 -20.69
CA GLY B 108 4.08 -57.12 -19.90
C GLY B 108 5.58 -57.27 -19.87
N THR B 109 6.28 -56.42 -20.60
CA THR B 109 7.71 -56.62 -20.82
C THR B 109 8.70 -55.83 -19.96
N GLY B 110 8.22 -55.02 -19.02
CA GLY B 110 9.16 -54.27 -18.17
C GLY B 110 9.32 -52.79 -18.46
N LYS B 111 8.45 -52.26 -19.30
CA LYS B 111 8.40 -50.84 -19.60
C LYS B 111 8.23 -49.98 -18.32
N THR B 112 7.21 -50.31 -17.54
CA THR B 112 6.94 -49.54 -16.34
C THR B 112 7.98 -49.87 -15.27
N PHE B 113 8.36 -51.15 -15.20
CA PHE B 113 9.38 -51.60 -14.23
C PHE B 113 10.69 -50.84 -14.41
N THR B 114 11.10 -50.63 -15.65
CA THR B 114 12.29 -49.86 -15.95
C THR B 114 12.10 -48.38 -15.60
N MET B 115 10.96 -47.80 -15.94
CA MET B 115 10.87 -46.36 -15.74
C MET B 115 10.65 -45.90 -14.27
N GLU B 116 9.81 -46.63 -13.56
CA GLU B 116 9.41 -46.33 -12.19
C GLU B 116 10.08 -47.26 -11.21
N GLY B 117 9.84 -48.55 -11.36
CA GLY B 117 10.42 -49.53 -10.47
C GLY B 117 9.30 -50.09 -9.66
N GLU B 118 9.62 -50.95 -8.71
CA GLU B 118 8.61 -51.42 -7.80
C GLU B 118 9.17 -51.23 -6.42
N ARG B 119 8.37 -51.53 -5.42
CA ARG B 119 8.80 -51.33 -4.04
C ARG B 119 9.02 -52.70 -3.45
N SER B 120 10.14 -52.89 -2.77
CA SER B 120 10.40 -54.19 -2.15
C SER B 120 9.33 -54.45 -1.08
N PRO B 121 8.72 -55.64 -1.12
CA PRO B 121 7.67 -56.01 -0.17
C PRO B 121 8.09 -55.81 1.28
N ASN B 122 7.08 -55.56 2.12
CA ASN B 122 7.22 -55.16 3.52
C ASN B 122 8.08 -53.91 3.73
N GLU B 123 8.88 -53.90 4.79
CA GLU B 123 9.57 -52.69 5.23
C GLU B 123 11.00 -52.61 4.72
N GLU B 124 11.39 -53.60 3.93
CA GLU B 124 12.80 -53.96 3.78
C GLU B 124 13.86 -52.87 3.50
N TYR B 125 13.57 -51.88 2.66
CA TYR B 125 14.59 -50.85 2.33
C TYR B 125 13.97 -49.47 2.32
N THR B 126 14.80 -48.45 2.60
CA THR B 126 14.41 -47.05 2.41
C THR B 126 14.32 -46.86 0.91
N TRP B 127 13.33 -46.12 0.43
CA TRP B 127 13.20 -45.91 -1.03
C TRP B 127 14.52 -45.47 -1.69
N GLU B 128 15.27 -44.60 -1.02
CA GLU B 128 16.57 -44.23 -1.57
C GLU B 128 17.30 -45.48 -1.95
N GLU B 129 17.26 -46.47 -1.06
CA GLU B 129 18.13 -47.63 -1.16
C GLU B 129 17.54 -48.87 -1.79
N ASP B 130 16.31 -48.80 -2.28
CA ASP B 130 15.60 -50.01 -2.66
C ASP B 130 16.11 -50.58 -3.97
N PRO B 131 16.51 -51.86 -3.98
CA PRO B 131 17.04 -52.38 -5.24
C PRO B 131 16.00 -52.33 -6.38
N LEU B 132 14.75 -52.71 -6.12
CA LEU B 132 13.74 -52.81 -7.17
C LEU B 132 13.30 -51.48 -7.78
N ALA B 133 13.82 -50.37 -7.28
CA ALA B 133 13.54 -49.05 -7.84
C ALA B 133 14.12 -48.82 -9.24
N GLY B 134 13.42 -47.96 -10.00
CA GLY B 134 13.76 -47.70 -11.38
C GLY B 134 14.34 -46.33 -11.66
N ILE B 135 14.21 -45.88 -12.90
CA ILE B 135 14.91 -44.68 -13.35
C ILE B 135 14.42 -43.40 -12.67
N ILE B 136 13.11 -43.26 -12.50
CA ILE B 136 12.56 -42.03 -11.93
C ILE B 136 12.99 -41.75 -10.48
N PRO B 137 12.76 -42.70 -9.57
CA PRO B 137 13.30 -42.41 -8.24
C PRO B 137 14.80 -42.23 -8.27
N ARG B 138 15.54 -43.11 -8.92
CA ARG B 138 16.99 -42.97 -8.94
C ARG B 138 17.46 -41.60 -9.47
N THR B 139 16.82 -41.10 -10.51
CA THR B 139 17.18 -39.80 -11.00
C THR B 139 16.91 -38.75 -9.94
N LEU B 140 15.68 -38.66 -9.46
CA LEU B 140 15.37 -37.61 -8.48
C LEU B 140 16.39 -37.63 -7.34
N HIS B 141 16.75 -38.81 -6.86
CA HIS B 141 17.75 -38.87 -5.82
C HIS B 141 19.07 -38.28 -6.30
N GLN B 142 19.61 -38.80 -7.39
CA GLN B 142 20.89 -38.31 -7.85
C GLN B 142 20.86 -36.81 -8.09
N ILE B 143 19.73 -36.27 -8.52
CA ILE B 143 19.71 -34.85 -8.88
C ILE B 143 20.02 -33.99 -7.66
N PHE B 144 19.55 -34.41 -6.50
CA PHE B 144 19.92 -33.74 -5.28
C PHE B 144 21.35 -34.06 -4.90
N GLU B 145 21.62 -35.33 -4.59
CA GLU B 145 22.94 -35.69 -4.12
C GLU B 145 24.06 -35.12 -5.02
N LYS B 146 23.82 -34.97 -6.32
CA LYS B 146 24.88 -34.49 -7.21
C LYS B 146 25.09 -33.00 -7.14
N LEU B 147 24.01 -32.23 -7.15
CA LEU B 147 24.09 -30.80 -7.35
C LEU B 147 24.53 -29.98 -6.14
N THR B 148 24.23 -30.47 -4.94
CA THR B 148 24.67 -29.78 -3.73
C THR B 148 26.20 -29.62 -3.72
N ASP B 149 26.91 -30.72 -3.85
CA ASP B 149 28.37 -30.72 -3.74
C ASP B 149 29.03 -29.86 -4.82
N ASN B 150 28.22 -29.44 -5.79
CA ASN B 150 28.69 -28.55 -6.84
C ASN B 150 28.50 -27.07 -6.49
N GLY B 151 28.06 -26.78 -5.26
CA GLY B 151 27.60 -25.43 -4.96
C GLY B 151 26.28 -25.23 -5.70
N THR B 152 26.25 -24.23 -6.59
CA THR B 152 25.18 -24.20 -7.61
C THR B 152 23.73 -24.13 -7.10
N GLU B 153 23.30 -22.96 -6.67
CA GLU B 153 21.89 -22.79 -6.33
C GLU B 153 21.04 -23.32 -7.50
N PHE B 154 20.12 -24.22 -7.17
CA PHE B 154 19.34 -24.97 -8.15
C PHE B 154 17.93 -25.24 -7.64
N SER B 155 16.97 -25.33 -8.56
CA SER B 155 15.63 -25.74 -8.18
C SER B 155 15.20 -26.95 -9.00
N VAL B 156 14.27 -27.73 -8.49
CA VAL B 156 13.79 -28.90 -9.19
C VAL B 156 12.27 -28.85 -9.30
N LYS B 157 11.74 -28.85 -10.52
CA LYS B 157 10.31 -28.97 -10.75
C LYS B 157 10.01 -30.25 -11.51
N VAL B 158 9.02 -30.99 -11.07
CA VAL B 158 8.57 -32.17 -11.78
C VAL B 158 7.10 -32.01 -12.10
N SER B 159 6.64 -32.80 -13.06
CA SER B 159 5.23 -32.93 -13.39
C SER B 159 5.04 -34.31 -13.99
N LEU B 160 3.83 -34.84 -13.96
CA LEU B 160 3.56 -36.09 -14.58
C LEU B 160 2.21 -36.02 -15.26
N LEU B 161 2.12 -36.08 -16.58
CA LEU B 161 0.80 -36.17 -17.20
C LEU B 161 0.66 -37.51 -17.89
N GLU B 162 -0.53 -37.79 -18.40
CA GLU B 162 -0.80 -39.10 -18.98
C GLU B 162 -1.71 -38.97 -20.18
N ILE B 163 -1.43 -39.72 -21.24
CA ILE B 163 -2.20 -39.52 -22.45
C ILE B 163 -2.99 -40.79 -22.58
N TYR B 164 -4.32 -40.71 -22.59
CA TYR B 164 -5.16 -41.87 -22.84
C TYR B 164 -6.30 -41.39 -23.73
N ASN B 165 -6.48 -42.05 -24.85
CA ASN B 165 -7.49 -41.68 -25.80
C ASN B 165 -7.37 -40.25 -26.29
N GLU B 166 -6.13 -39.79 -26.35
CA GLU B 166 -5.77 -38.43 -26.79
C GLU B 166 -6.37 -37.34 -25.88
N GLU B 167 -6.70 -37.75 -24.65
CA GLU B 167 -7.04 -36.80 -23.62
C GLU B 167 -5.85 -36.76 -22.68
N LEU B 168 -5.62 -35.61 -22.08
CA LEU B 168 -4.48 -35.47 -21.16
C LEU B 168 -4.95 -35.47 -19.72
N PHE B 169 -4.17 -36.04 -18.81
CA PHE B 169 -4.54 -36.03 -17.40
C PHE B 169 -3.36 -35.68 -16.55
N ASP B 170 -3.59 -34.90 -15.50
CA ASP B 170 -2.50 -34.45 -14.67
C ASP B 170 -2.49 -35.22 -13.39
N LEU B 171 -1.53 -36.12 -13.20
CA LEU B 171 -1.53 -36.98 -12.02
C LEU B 171 -0.95 -36.36 -10.75
N LEU B 172 -0.25 -35.23 -10.85
CA LEU B 172 0.17 -34.49 -9.66
C LEU B 172 -0.71 -33.27 -9.32
N ASN B 173 -1.77 -33.03 -10.08
CA ASN B 173 -2.67 -31.91 -9.82
C ASN B 173 -3.41 -32.02 -8.47
N PRO B 174 -3.37 -30.96 -7.64
CA PRO B 174 -4.16 -30.90 -6.40
C PRO B 174 -5.61 -31.23 -6.62
N SER B 175 -6.15 -30.99 -7.81
CA SER B 175 -7.55 -31.32 -8.08
C SER B 175 -7.77 -32.74 -7.68
N SER B 176 -8.90 -33.04 -7.08
CA SER B 176 -9.02 -34.36 -6.52
C SER B 176 -9.70 -35.31 -7.51
N ASP B 177 -10.11 -34.80 -8.68
CA ASP B 177 -10.67 -35.71 -9.71
C ASP B 177 -9.75 -35.89 -10.97
N VAL B 178 -9.18 -37.10 -11.15
CA VAL B 178 -8.21 -37.32 -12.22
C VAL B 178 -8.76 -37.09 -13.60
N SER B 179 -10.07 -37.27 -13.75
CA SER B 179 -10.66 -37.07 -15.05
C SER B 179 -10.63 -35.59 -15.55
N GLU B 180 -10.31 -34.62 -14.70
CA GLU B 180 -10.21 -33.22 -15.17
C GLU B 180 -9.11 -33.19 -16.23
N ARG B 181 -9.46 -32.78 -17.45
CA ARG B 181 -8.54 -32.85 -18.59
C ARG B 181 -7.70 -31.59 -18.73
N LEU B 182 -6.45 -31.74 -19.18
CA LEU B 182 -5.69 -30.56 -19.61
C LEU B 182 -5.94 -30.26 -21.10
N GLN B 183 -5.32 -29.20 -21.59
CA GLN B 183 -5.34 -28.93 -23.01
CA GLN B 183 -5.38 -28.82 -22.99
C GLN B 183 -3.97 -28.48 -23.45
N MET B 184 -3.71 -28.58 -24.74
CA MET B 184 -2.36 -28.26 -25.18
C MET B 184 -2.37 -27.23 -26.30
N PHE B 185 -1.49 -26.24 -26.19
CA PHE B 185 -1.37 -25.19 -27.25
C PHE B 185 0.08 -25.11 -27.65
N ASP B 186 0.32 -24.58 -28.84
CA ASP B 186 1.69 -24.34 -29.30
C ASP B 186 2.42 -23.21 -28.57
N ASP B 187 3.67 -23.47 -28.21
CA ASP B 187 4.51 -22.49 -27.50
C ASP B 187 5.03 -21.38 -28.46
N PRO B 188 4.82 -20.10 -28.09
CA PRO B 188 5.45 -18.94 -28.76
C PRO B 188 6.99 -18.88 -28.60
N ARG B 189 7.46 -19.24 -27.39
CA ARG B 189 8.84 -19.10 -26.94
C ARG B 189 9.73 -20.34 -27.18
N ASN B 190 9.16 -21.33 -27.87
CA ASN B 190 9.92 -22.43 -28.46
C ASN B 190 9.25 -22.79 -29.79
N LYS B 191 10.03 -23.28 -30.75
CA LYS B 191 9.48 -23.52 -32.09
C LYS B 191 8.61 -24.76 -32.22
N ARG B 192 9.13 -25.90 -31.78
CA ARG B 192 8.36 -27.15 -31.83
C ARG B 192 7.68 -27.59 -30.52
N GLY B 193 7.88 -26.81 -29.46
CA GLY B 193 7.31 -27.16 -28.16
C GLY B 193 5.83 -26.83 -27.98
N VAL B 194 5.30 -27.17 -26.80
CA VAL B 194 3.92 -26.83 -26.47
C VAL B 194 3.79 -26.32 -25.06
N ILE B 195 2.68 -25.67 -24.80
CA ILE B 195 2.31 -25.40 -23.43
C ILE B 195 1.18 -26.35 -23.06
N ILE B 196 1.36 -27.06 -21.96
CA ILE B 196 0.24 -27.83 -21.46
C ILE B 196 -0.55 -26.96 -20.49
N LYS B 197 -1.73 -26.51 -20.88
CA LYS B 197 -2.48 -25.61 -20.00
C LYS B 197 -3.12 -26.35 -18.83
N GLY B 198 -2.73 -25.97 -17.61
CA GLY B 198 -3.16 -26.64 -16.40
C GLY B 198 -2.15 -27.60 -15.80
N LEU B 199 -1.03 -27.85 -16.46
CA LEU B 199 -0.10 -28.83 -15.90
C LEU B 199 0.44 -28.32 -14.56
N GLU B 200 0.27 -29.09 -13.50
CA GLU B 200 0.82 -28.68 -12.24
C GLU B 200 2.31 -28.93 -12.24
N GLU B 201 3.12 -27.90 -12.06
CA GLU B 201 4.54 -28.16 -11.88
C GLU B 201 4.88 -27.96 -10.43
N ILE B 202 5.12 -29.04 -9.71
CA ILE B 202 5.41 -28.95 -8.30
C ILE B 202 6.90 -28.76 -8.10
N THR B 203 7.27 -27.92 -7.15
CA THR B 203 8.67 -27.73 -6.81
C THR B 203 9.08 -28.71 -5.72
N VAL B 204 10.23 -29.33 -5.92
CA VAL B 204 10.73 -30.33 -5.00
C VAL B 204 11.96 -29.74 -4.35
N HIS B 205 11.85 -29.48 -3.05
CA HIS B 205 12.90 -28.77 -2.35
C HIS B 205 14.07 -29.69 -1.94
N ASN B 206 13.75 -30.91 -1.51
CA ASN B 206 14.75 -31.80 -0.94
C ASN B 206 14.36 -33.27 -1.19
N LYS B 207 15.25 -34.25 -1.05
CA LYS B 207 14.72 -35.55 -1.39
C LYS B 207 14.29 -36.12 -0.05
N ASP B 208 13.04 -35.78 0.26
CA ASP B 208 12.17 -36.30 1.29
C ASP B 208 10.77 -36.20 0.71
N GLU B 209 10.53 -34.96 0.30
CA GLU B 209 9.42 -34.55 -0.53
C GLU B 209 9.19 -35.45 -1.74
N VAL B 210 10.25 -36.04 -2.30
CA VAL B 210 10.09 -36.92 -3.44
C VAL B 210 9.09 -38.04 -3.19
N TYR B 211 9.39 -38.93 -2.27
CA TYR B 211 8.52 -40.08 -2.08
C TYR B 211 7.09 -39.63 -1.97
N GLN B 212 6.85 -38.54 -1.25
CA GLN B 212 5.49 -38.12 -1.05
C GLN B 212 4.85 -37.76 -2.39
N ILE B 213 5.56 -37.00 -3.24
CA ILE B 213 5.05 -36.65 -4.55
C ILE B 213 4.73 -37.89 -5.43
N LEU B 214 5.68 -38.82 -5.58
CA LEU B 214 5.38 -40.03 -6.33
C LEU B 214 4.21 -40.82 -5.72
N GLU B 215 4.06 -40.82 -4.41
CA GLU B 215 2.91 -41.50 -3.78
C GLU B 215 1.54 -40.90 -4.16
N LYS B 216 1.46 -39.58 -4.31
CA LYS B 216 0.23 -38.93 -4.80
C LYS B 216 -0.14 -39.31 -6.24
N GLY B 217 0.80 -39.13 -7.17
CA GLY B 217 0.62 -39.57 -8.54
C GLY B 217 0.19 -41.03 -8.60
N ALA B 218 0.91 -41.87 -7.85
CA ALA B 218 0.54 -43.26 -7.72
C ALA B 218 -0.93 -43.43 -7.37
N ALA B 219 -1.39 -42.81 -6.29
CA ALA B 219 -2.80 -42.95 -5.91
C ALA B 219 -3.75 -42.43 -6.99
N LYS B 220 -3.36 -41.37 -7.68
CA LYS B 220 -4.18 -40.91 -8.78
C LYS B 220 -4.19 -41.89 -9.98
N ARG B 221 -3.03 -42.41 -10.36
CA ARG B 221 -3.02 -43.39 -11.44
C ARG B 221 -3.92 -44.55 -11.11
N THR B 222 -3.87 -45.02 -9.87
CA THR B 222 -4.75 -46.09 -9.44
C THR B 222 -6.23 -45.79 -9.64
N THR B 223 -6.72 -44.61 -9.27
CA THR B 223 -8.10 -44.29 -9.61
C THR B 223 -8.33 -44.33 -11.13
N ALA B 224 -7.49 -43.66 -11.91
CA ALA B 224 -7.71 -43.60 -13.37
C ALA B 224 -7.95 -45.02 -13.97
N ALA B 225 -7.20 -46.00 -13.48
CA ALA B 225 -7.39 -47.38 -13.92
C ALA B 225 -8.82 -47.89 -13.66
N THR B 226 -9.38 -47.56 -12.52
CA THR B 226 -10.73 -48.00 -12.27
C THR B 226 -11.71 -47.21 -13.14
N LEU B 227 -11.31 -46.02 -13.57
CA LEU B 227 -12.25 -45.18 -14.32
C LEU B 227 -12.40 -45.53 -15.79
N MET B 228 -11.31 -46.00 -16.38
CA MET B 228 -11.20 -46.08 -17.84
C MET B 228 -10.68 -47.44 -18.39
N ASN B 229 -11.37 -47.96 -19.37
CA ASN B 229 -11.07 -49.31 -19.84
C ASN B 229 -9.61 -49.48 -20.25
N ALA B 230 -8.98 -50.50 -19.67
CA ALA B 230 -7.63 -50.88 -20.11
C ALA B 230 -6.59 -49.75 -19.96
N TYR B 231 -6.63 -49.04 -18.84
CA TYR B 231 -5.82 -47.82 -18.68
C TYR B 231 -4.32 -48.02 -18.72
N SER B 232 -3.83 -48.87 -17.85
CA SER B 232 -2.41 -49.08 -17.64
C SER B 232 -1.69 -49.46 -18.97
N SER B 233 -2.33 -50.29 -19.76
CA SER B 233 -1.78 -50.75 -21.01
C SER B 233 -1.96 -49.80 -22.21
N ARG B 234 -3.02 -48.98 -22.22
CA ARG B 234 -3.27 -48.07 -23.35
C ARG B 234 -2.80 -46.63 -23.20
N SER B 235 -2.18 -46.30 -22.09
CA SER B 235 -1.87 -44.91 -21.82
C SER B 235 -0.40 -44.65 -21.85
N HIS B 236 -0.04 -43.49 -22.36
CA HIS B 236 1.32 -43.02 -22.34
C HIS B 236 1.47 -42.09 -21.16
N SER B 237 2.59 -42.20 -20.47
CA SER B 237 2.79 -41.43 -19.29
C SER B 237 4.13 -40.66 -19.37
N VAL B 238 4.06 -39.33 -19.37
CA VAL B 238 5.24 -38.48 -19.52
C VAL B 238 5.63 -37.84 -18.17
N PHE B 239 6.83 -38.13 -17.66
CA PHE B 239 7.22 -37.59 -16.35
C PHE B 239 8.39 -36.63 -16.53
N SER B 240 8.15 -35.34 -16.40
CA SER B 240 9.16 -34.32 -16.68
C SER B 240 9.81 -33.74 -15.43
N VAL B 241 11.14 -33.71 -15.39
CA VAL B 241 11.94 -33.05 -14.37
C VAL B 241 12.72 -31.87 -14.95
N THR B 242 12.36 -30.63 -14.60
CA THR B 242 13.23 -29.50 -14.94
C THR B 242 14.18 -29.16 -13.80
N ILE B 243 15.41 -28.80 -14.16
CA ILE B 243 16.43 -28.37 -13.19
C ILE B 243 16.92 -27.00 -13.58
N HIS B 244 16.88 -26.05 -12.64
CA HIS B 244 17.36 -24.68 -12.86
C HIS B 244 18.60 -24.46 -12.04
N MET B 245 19.65 -23.90 -12.67
CA MET B 245 20.98 -23.94 -12.07
C MET B 245 21.80 -22.65 -12.19
N LYS B 246 22.42 -22.26 -11.08
CA LYS B 246 23.27 -21.07 -11.04
C LYS B 246 24.70 -21.48 -10.77
N GLU B 247 25.63 -20.94 -11.56
CA GLU B 247 27.05 -21.34 -11.51
C GLU B 247 27.94 -20.17 -11.89
N LEU B 255 26.22 -17.35 -14.88
CA LEU B 255 25.00 -17.32 -15.68
C LEU B 255 24.01 -18.42 -15.27
N VAL B 256 22.77 -18.32 -15.69
CA VAL B 256 21.79 -19.35 -15.33
C VAL B 256 21.48 -20.29 -16.50
N LYS B 257 21.57 -21.60 -16.23
CA LYS B 257 21.28 -22.60 -17.27
C LYS B 257 20.35 -23.73 -16.83
N ILE B 258 19.40 -24.04 -17.70
CA ILE B 258 18.30 -24.94 -17.41
C ILE B 258 18.44 -26.29 -18.10
N GLY B 259 18.34 -27.38 -17.32
CA GLY B 259 18.18 -28.74 -17.85
C GLY B 259 16.76 -29.31 -17.84
N LYS B 260 16.51 -30.32 -18.67
CA LYS B 260 15.19 -30.95 -18.70
C LYS B 260 15.28 -32.45 -19.03
N LEU B 261 14.53 -33.28 -18.31
CA LEU B 261 14.58 -34.71 -18.58
C LEU B 261 13.17 -35.29 -18.64
N ASN B 262 12.75 -35.81 -19.79
CA ASN B 262 11.43 -36.37 -19.90
C ASN B 262 11.55 -37.86 -19.83
N LEU B 263 10.89 -38.52 -18.88
CA LEU B 263 10.97 -39.97 -18.78
C LEU B 263 9.64 -40.52 -19.20
N VAL B 264 9.59 -41.15 -20.37
CA VAL B 264 8.33 -41.49 -20.97
C VAL B 264 8.09 -42.98 -20.89
N ASP B 265 6.88 -43.37 -20.49
CA ASP B 265 6.54 -44.78 -20.42
C ASP B 265 5.45 -44.98 -21.50
N LEU B 266 5.79 -45.58 -22.63
CA LEU B 266 4.86 -45.62 -23.77
C LEU B 266 3.74 -46.56 -23.56
N ALA B 267 2.69 -46.40 -24.34
CA ALA B 267 1.64 -47.43 -24.36
C ALA B 267 2.09 -48.75 -25.03
N GLY B 268 1.42 -49.85 -24.73
CA GLY B 268 1.78 -51.17 -25.22
C GLY B 268 1.92 -51.29 -26.73
N SER B 269 3.07 -51.81 -27.17
CA SER B 269 3.36 -51.78 -28.59
C SER B 269 2.57 -52.79 -29.37
N GLU B 270 1.90 -53.68 -28.66
CA GLU B 270 1.03 -54.63 -29.32
C GLU B 270 -0.16 -53.95 -30.01
N ASN B 271 -0.43 -52.68 -29.68
CA ASN B 271 -1.54 -51.88 -30.30
C ASN B 271 -1.33 -51.21 -31.69
N ILE B 288 -7.56 -43.03 -30.29
CA ILE B 288 -7.39 -44.04 -29.21
C ILE B 288 -6.01 -44.77 -29.13
N ASN B 289 -5.56 -45.40 -30.22
CA ASN B 289 -4.18 -45.86 -30.33
C ASN B 289 -3.45 -44.80 -31.08
N GLN B 290 -4.19 -43.73 -31.35
CA GLN B 290 -3.80 -42.70 -32.30
C GLN B 290 -2.38 -42.20 -32.03
N SER B 291 -2.00 -42.16 -30.77
CA SER B 291 -0.73 -41.56 -30.41
C SER B 291 0.43 -42.49 -30.69
N LEU B 292 0.25 -43.77 -30.37
CA LEU B 292 1.27 -44.78 -30.63
C LEU B 292 1.45 -44.93 -32.14
N LEU B 293 0.35 -45.16 -32.83
CA LEU B 293 0.35 -45.21 -34.27
C LEU B 293 1.16 -44.03 -34.84
N THR B 294 0.72 -42.80 -34.58
CA THR B 294 1.43 -41.64 -35.11
C THR B 294 2.92 -41.67 -34.81
N LEU B 295 3.29 -42.16 -33.63
CA LEU B 295 4.72 -42.24 -33.28
C LEU B 295 5.43 -43.11 -34.29
N GLY B 296 4.72 -44.08 -34.83
CA GLY B 296 5.27 -45.00 -35.80
C GLY B 296 5.50 -44.25 -37.08
N ARG B 297 4.48 -43.52 -37.53
CA ARG B 297 4.58 -42.72 -38.74
C ARG B 297 5.65 -41.63 -38.63
N VAL B 298 5.83 -41.08 -37.44
CA VAL B 298 6.78 -39.99 -37.28
C VAL B 298 8.18 -40.53 -37.32
N ILE B 299 8.33 -41.77 -36.86
CA ILE B 299 9.63 -42.43 -36.87
C ILE B 299 10.00 -42.80 -38.31
N THR B 300 9.08 -43.47 -39.01
CA THR B 300 9.28 -43.82 -40.41
C THR B 300 9.67 -42.59 -41.23
N ALA B 301 8.80 -41.59 -41.19
CA ALA B 301 9.00 -40.39 -41.97
C ALA B 301 10.33 -39.69 -41.66
N LEU B 302 10.91 -39.97 -40.48
CA LEU B 302 12.23 -39.42 -40.15
C LEU B 302 13.42 -40.20 -40.73
N VAL B 303 13.38 -41.54 -40.68
CA VAL B 303 14.50 -42.36 -41.16
C VAL B 303 14.52 -42.34 -42.67
N GLU B 304 13.33 -42.05 -43.19
CA GLU B 304 12.90 -42.15 -44.58
C GLU B 304 13.02 -40.88 -45.43
N ARG B 305 13.82 -39.89 -45.03
CA ARG B 305 13.34 -38.54 -44.82
C ARG B 305 12.37 -38.10 -45.87
N THR B 306 11.31 -37.50 -45.34
CA THR B 306 10.08 -37.15 -46.01
C THR B 306 9.86 -35.73 -45.57
N PRO B 307 9.29 -34.89 -46.46
CA PRO B 307 9.18 -33.46 -46.17
C PRO B 307 8.34 -33.13 -44.94
N HIS B 308 7.20 -33.80 -44.76
CA HIS B 308 6.38 -33.48 -43.61
C HIS B 308 6.27 -34.63 -42.61
N VAL B 309 6.97 -34.46 -41.49
CA VAL B 309 7.01 -35.44 -40.42
C VAL B 309 5.83 -35.06 -39.56
N PRO B 310 4.81 -35.93 -39.52
CA PRO B 310 3.49 -35.54 -38.99
C PRO B 310 3.39 -35.37 -37.47
N TYR B 311 4.27 -34.59 -36.85
CA TYR B 311 4.23 -34.41 -35.41
C TYR B 311 2.84 -34.02 -34.93
N ARG B 312 2.18 -33.26 -35.77
CA ARG B 312 0.97 -32.56 -35.41
C ARG B 312 -0.23 -33.50 -35.23
N GLU B 313 -0.09 -34.78 -35.55
CA GLU B 313 -1.27 -35.66 -35.56
C GLU B 313 -1.55 -36.46 -34.29
N SER B 314 -0.73 -36.30 -33.26
CA SER B 314 -1.04 -36.93 -31.98
C SER B 314 -0.55 -36.06 -30.84
N LYS B 315 -1.23 -36.14 -29.70
CA LYS B 315 -0.78 -35.47 -28.50
C LYS B 315 0.67 -35.83 -28.19
N LEU B 316 0.97 -37.13 -28.27
CA LEU B 316 2.28 -37.63 -27.92
C LEU B 316 3.36 -36.98 -28.78
N THR B 317 3.19 -37.02 -30.10
CA THR B 317 4.26 -36.53 -30.98
C THR B 317 4.44 -35.04 -30.88
N ARG B 318 3.42 -34.30 -30.42
CA ARG B 318 3.60 -32.87 -30.18
C ARG B 318 4.44 -32.58 -28.95
N ILE B 319 4.16 -33.22 -27.83
CA ILE B 319 4.95 -32.99 -26.63
C ILE B 319 6.32 -33.62 -26.83
N LEU B 320 6.38 -34.67 -27.61
CA LEU B 320 7.68 -35.27 -27.93
C LEU B 320 8.41 -34.83 -29.23
N GLN B 321 7.87 -33.85 -29.95
CA GLN B 321 8.44 -33.43 -31.23
C GLN B 321 9.92 -33.11 -31.15
N ASP B 322 10.34 -32.43 -30.09
CA ASP B 322 11.74 -32.10 -29.90
C ASP B 322 12.63 -33.35 -29.61
N SER B 323 11.99 -34.46 -29.21
CA SER B 323 12.68 -35.72 -28.94
C SER B 323 12.80 -36.60 -30.17
N LEU B 324 12.03 -36.29 -31.20
CA LEU B 324 12.13 -36.99 -32.48
C LEU B 324 12.62 -36.09 -33.62
N GLY B 325 13.85 -36.24 -34.04
CA GLY B 325 14.42 -35.38 -35.08
C GLY B 325 14.53 -33.91 -34.67
N GLY B 326 14.64 -33.67 -33.37
CA GLY B 326 14.80 -32.33 -32.83
C GLY B 326 16.16 -32.01 -32.21
N ARG B 327 16.15 -31.05 -31.29
CA ARG B 327 17.35 -30.60 -30.61
C ARG B 327 17.67 -31.33 -29.29
N THR B 328 16.87 -32.35 -28.93
CA THR B 328 17.02 -33.07 -27.65
C THR B 328 17.74 -34.44 -27.77
N ARG B 329 18.53 -34.85 -26.77
CA ARG B 329 19.17 -36.19 -26.82
C ARG B 329 18.27 -37.31 -26.31
N THR B 330 17.93 -38.24 -27.19
CA THR B 330 16.92 -39.25 -26.90
C THR B 330 17.48 -40.65 -26.78
N SER B 331 17.13 -41.38 -25.73
CA SER B 331 17.43 -42.79 -25.67
C SER B 331 16.13 -43.55 -25.81
N ILE B 332 16.14 -44.74 -26.40
CA ILE B 332 14.96 -45.56 -26.40
C ILE B 332 15.38 -46.85 -25.73
N ILE B 333 14.55 -47.36 -24.82
CA ILE B 333 14.83 -48.63 -24.18
C ILE B 333 13.75 -49.55 -24.62
N ALA B 334 14.08 -50.54 -25.45
CA ALA B 334 13.07 -51.47 -25.95
C ALA B 334 13.07 -52.68 -25.04
N THR B 335 11.89 -53.16 -24.65
CA THR B 335 11.83 -54.20 -23.66
C THR B 335 11.12 -55.35 -24.33
N ILE B 336 11.53 -56.56 -23.97
CA ILE B 336 11.07 -57.75 -24.67
C ILE B 336 10.94 -58.88 -23.67
N SER B 337 10.11 -59.85 -24.02
CA SER B 337 10.01 -61.11 -23.28
C SER B 337 10.94 -62.19 -23.85
N PRO B 338 11.56 -62.98 -22.96
CA PRO B 338 12.33 -64.13 -23.41
C PRO B 338 11.51 -65.28 -23.99
N ALA B 339 10.21 -65.34 -23.76
CA ALA B 339 9.51 -66.62 -24.01
C ALA B 339 9.10 -66.87 -25.45
N SER B 340 9.11 -68.14 -25.84
CA SER B 340 8.68 -68.58 -27.16
C SER B 340 7.33 -68.00 -27.66
N LEU B 341 6.29 -67.97 -26.81
CA LEU B 341 4.95 -67.50 -27.24
C LEU B 341 4.96 -66.12 -27.91
N ASN B 342 5.86 -65.27 -27.44
CA ASN B 342 5.85 -63.86 -27.78
C ASN B 342 6.68 -63.54 -28.99
N LEU B 343 7.11 -64.60 -29.66
CA LEU B 343 8.02 -64.49 -30.78
C LEU B 343 7.61 -63.39 -31.76
N GLU B 344 6.36 -63.36 -32.19
CA GLU B 344 6.00 -62.41 -33.22
C GLU B 344 6.13 -61.02 -32.64
N GLU B 345 5.57 -60.81 -31.45
CA GLU B 345 5.66 -59.50 -30.81
C GLU B 345 7.09 -59.10 -30.54
N THR B 346 7.91 -60.06 -30.13
CA THR B 346 9.28 -59.71 -29.78
C THR B 346 10.03 -59.23 -31.00
N LEU B 347 9.71 -59.82 -32.16
CA LEU B 347 10.36 -59.38 -33.39
C LEU B 347 9.96 -57.94 -33.74
N SER B 348 8.67 -57.62 -33.60
CA SER B 348 8.20 -56.24 -33.84
C SER B 348 8.99 -55.22 -33.05
N THR B 349 9.06 -55.40 -31.74
CA THR B 349 9.79 -54.45 -30.92
C THR B 349 11.23 -54.26 -31.43
N LEU B 350 11.94 -55.35 -31.71
CA LEU B 350 13.33 -55.27 -32.17
C LEU B 350 13.47 -54.56 -33.52
N GLU B 351 12.66 -54.92 -34.49
CA GLU B 351 12.69 -54.27 -35.79
C GLU B 351 12.52 -52.77 -35.60
N TYR B 352 11.42 -52.42 -34.95
CA TYR B 352 11.06 -51.04 -34.64
C TYR B 352 12.18 -50.37 -33.88
N ALA B 353 12.57 -50.94 -32.75
CA ALA B 353 13.64 -50.32 -31.99
C ALA B 353 14.81 -50.08 -32.89
N HIS B 354 15.07 -51.06 -33.76
CA HIS B 354 16.26 -51.01 -34.58
C HIS B 354 16.26 -49.87 -35.61
N ARG B 355 15.13 -49.64 -36.28
CA ARG B 355 15.01 -48.47 -37.14
C ARG B 355 15.41 -47.22 -36.39
N ALA B 356 14.89 -47.08 -35.17
CA ALA B 356 14.98 -45.79 -34.50
C ALA B 356 16.42 -45.34 -34.53
N LYS B 357 17.34 -46.31 -34.57
CA LYS B 357 18.75 -45.95 -34.49
C LYS B 357 19.11 -45.00 -35.61
N ASN B 358 18.28 -45.01 -36.65
CA ASN B 358 18.54 -44.19 -37.82
C ASN B 358 18.11 -42.75 -37.70
N ILE B 359 17.44 -42.40 -36.61
CA ILE B 359 17.03 -41.02 -36.42
C ILE B 359 18.16 -40.15 -35.85
N LEU B 360 18.45 -39.04 -36.53
CA LEU B 360 19.52 -38.13 -36.10
C LEU B 360 18.97 -36.84 -35.51
N ASN B 361 19.43 -36.53 -34.30
CA ASN B 361 18.95 -35.40 -33.50
C ASN B 361 20.10 -34.45 -33.23
N LYS B 362 20.06 -33.24 -33.77
CA LYS B 362 21.19 -32.34 -33.55
C LYS B 362 20.91 -31.39 -32.39
N PRO B 363 21.56 -31.64 -31.25
CA PRO B 363 21.33 -30.92 -29.99
C PRO B 363 21.99 -29.54 -29.96
N ASN C 18 -8.68 -13.43 3.13
CA ASN C 18 -9.36 -13.59 1.84
C ASN C 18 -10.44 -12.54 1.65
N ILE C 19 -10.15 -11.52 0.84
CA ILE C 19 -11.07 -10.40 0.68
C ILE C 19 -12.35 -10.76 -0.07
N GLN C 20 -13.43 -10.06 0.24
CA GLN C 20 -14.73 -10.36 -0.34
C GLN C 20 -14.91 -9.66 -1.67
N VAL C 21 -15.21 -10.41 -2.73
CA VAL C 21 -15.48 -9.81 -4.01
C VAL C 21 -16.91 -10.08 -4.39
N VAL C 22 -17.70 -9.04 -4.55
CA VAL C 22 -19.04 -9.23 -5.11
C VAL C 22 -19.18 -8.53 -6.46
N VAL C 23 -20.31 -8.71 -7.11
CA VAL C 23 -20.51 -8.28 -8.48
C VAL C 23 -21.92 -7.77 -8.58
N ARG C 24 -22.12 -6.65 -9.22
CA ARG C 24 -23.46 -6.11 -9.37
C ARG C 24 -23.73 -5.70 -10.81
N CYS C 25 -24.92 -6.01 -11.31
CA CYS C 25 -25.21 -5.68 -12.69
C CYS C 25 -26.39 -4.72 -12.80
N ARG C 26 -26.16 -3.55 -13.38
CA ARG C 26 -27.23 -2.58 -13.59
C ARG C 26 -28.25 -3.07 -14.60
N PRO C 27 -29.46 -2.54 -14.54
CA PRO C 27 -30.34 -2.94 -15.65
C PRO C 27 -29.99 -2.15 -16.91
N PHE C 28 -30.73 -2.37 -17.99
CA PHE C 28 -30.54 -1.60 -19.21
C PHE C 28 -30.85 -0.13 -18.99
N ASN C 29 -30.06 0.73 -19.63
CA ASN C 29 -30.37 2.15 -19.67
C ASN C 29 -31.14 2.54 -20.92
N LEU C 30 -31.38 3.84 -21.05
CA LEU C 30 -32.22 4.40 -22.09
C LEU C 30 -31.60 4.29 -23.48
N ALA C 31 -30.32 4.63 -23.60
CA ALA C 31 -29.59 4.44 -24.86
C ALA C 31 -29.62 2.98 -25.34
N GLU C 32 -29.30 2.06 -24.44
CA GLU C 32 -29.26 0.64 -24.76
C GLU C 32 -30.61 0.15 -25.23
N ARG C 33 -31.67 0.64 -24.60
CA ARG C 33 -32.98 0.23 -25.00
C ARG C 33 -33.34 0.91 -26.31
N LYS C 34 -32.89 2.15 -26.50
CA LYS C 34 -33.15 2.84 -27.78
C LYS C 34 -32.55 2.04 -28.93
N ALA C 35 -31.44 1.40 -28.63
CA ALA C 35 -30.61 0.68 -29.56
C ALA C 35 -31.02 -0.77 -29.71
N SER C 36 -32.08 -1.17 -29.00
CA SER C 36 -32.48 -2.56 -28.94
C SER C 36 -31.45 -3.53 -28.39
N ALA C 37 -30.70 -3.15 -27.36
CA ALA C 37 -29.72 -4.06 -26.80
C ALA C 37 -30.26 -5.46 -26.36
N HIS C 38 -29.65 -6.54 -26.83
CA HIS C 38 -29.83 -7.82 -26.16
C HIS C 38 -28.92 -7.93 -24.93
N SER C 39 -29.38 -8.67 -23.92
CA SER C 39 -28.61 -8.90 -22.72
C SER C 39 -27.69 -10.10 -22.97
N ILE C 40 -26.45 -9.97 -22.54
CA ILE C 40 -25.55 -11.10 -22.37
C ILE C 40 -25.24 -11.56 -20.96
N VAL C 41 -25.88 -10.98 -19.95
CA VAL C 41 -25.54 -11.38 -18.58
C VAL C 41 -26.72 -12.09 -17.91
N GLU C 42 -26.42 -13.15 -17.15
CA GLU C 42 -27.38 -13.84 -16.28
C GLU C 42 -26.78 -13.98 -14.93
N CYS C 43 -27.44 -13.45 -13.90
CA CYS C 43 -26.96 -13.61 -12.53
C CYS C 43 -27.72 -14.70 -11.78
N ASP C 44 -26.98 -15.46 -10.95
CA ASP C 44 -27.61 -16.47 -10.08
C ASP C 44 -27.20 -16.18 -8.66
N PRO C 45 -28.04 -15.40 -8.01
CA PRO C 45 -27.85 -14.90 -6.65
C PRO C 45 -27.57 -16.05 -5.71
N VAL C 46 -28.32 -17.14 -5.89
CA VAL C 46 -28.22 -18.32 -5.04
C VAL C 46 -26.94 -19.14 -5.21
N ARG C 47 -26.54 -19.39 -6.46
CA ARG C 47 -25.25 -20.05 -6.72
C ARG C 47 -24.06 -19.09 -6.60
N LYS C 48 -24.34 -17.78 -6.59
CA LYS C 48 -23.31 -16.75 -6.59
C LYS C 48 -22.46 -16.78 -7.85
N GLU C 49 -23.17 -16.80 -8.98
CA GLU C 49 -22.59 -16.95 -10.30
C GLU C 49 -23.07 -15.89 -11.27
N VAL C 50 -22.13 -15.33 -12.02
CA VAL C 50 -22.47 -14.55 -13.20
C VAL C 50 -22.17 -15.38 -14.43
N SER C 51 -23.05 -15.32 -15.43
CA SER C 51 -22.81 -16.08 -16.62
C SER C 51 -23.01 -15.26 -17.89
N VAL C 52 -21.93 -15.08 -18.65
CA VAL C 52 -21.92 -14.21 -19.82
C VAL C 52 -22.06 -14.98 -21.13
N ARG C 53 -22.97 -14.56 -22.00
CA ARG C 53 -23.18 -15.29 -23.23
C ARG C 53 -22.17 -14.70 -24.24
N THR C 54 -21.19 -15.51 -24.63
CA THR C 54 -20.01 -15.08 -25.40
C THR C 54 -19.95 -15.24 -26.93
N GLY C 55 -20.96 -15.88 -27.51
CA GLY C 55 -20.89 -16.30 -28.90
C GLY C 55 -21.76 -15.62 -29.92
N GLY C 56 -22.34 -14.49 -29.56
CA GLY C 56 -23.02 -13.69 -30.55
C GLY C 56 -23.98 -14.48 -31.42
N LEU C 57 -23.98 -14.22 -32.72
CA LEU C 57 -24.78 -14.96 -33.66
C LEU C 57 -24.11 -16.28 -34.10
N ALA C 58 -22.87 -16.51 -33.69
CA ALA C 58 -22.14 -17.67 -34.17
C ALA C 58 -22.42 -18.92 -33.35
N ASP C 59 -21.93 -18.99 -32.11
CA ASP C 59 -22.19 -20.13 -31.21
C ASP C 59 -23.26 -19.84 -30.15
N LYS C 60 -24.46 -20.40 -30.28
CA LYS C 60 -25.52 -20.03 -29.34
C LYS C 60 -25.35 -20.60 -27.95
N SER C 61 -24.61 -21.70 -27.82
CA SER C 61 -24.52 -22.35 -26.52
C SER C 61 -23.39 -21.84 -25.64
N SER C 62 -22.48 -21.02 -26.18
CA SER C 62 -21.29 -20.81 -25.37
C SER C 62 -21.45 -19.76 -24.28
N ARG C 63 -20.72 -19.97 -23.19
CA ARG C 63 -20.78 -19.15 -21.98
C ARG C 63 -19.44 -19.11 -21.27
N LYS C 64 -19.18 -18.03 -20.54
CA LYS C 64 -18.13 -18.10 -19.52
C LYS C 64 -18.87 -17.85 -18.23
N THR C 65 -18.53 -18.61 -17.18
CA THR C 65 -19.24 -18.53 -15.93
C THR C 65 -18.28 -18.24 -14.78
N TYR C 66 -18.67 -17.34 -13.89
CA TYR C 66 -17.82 -16.97 -12.77
C TYR C 66 -18.56 -17.08 -11.45
N THR C 67 -17.78 -17.15 -10.39
CA THR C 67 -18.37 -17.38 -9.11
C THR C 67 -17.77 -16.43 -8.10
N PHE C 68 -18.65 -15.70 -7.39
CA PHE C 68 -18.15 -14.72 -6.45
C PHE C 68 -18.67 -14.97 -5.07
N ASP C 69 -18.21 -14.18 -4.10
CA ASP C 69 -18.76 -14.23 -2.74
C ASP C 69 -20.20 -13.76 -2.68
N MET C 70 -20.70 -13.12 -3.73
CA MET C 70 -22.10 -12.73 -3.77
C MET C 70 -22.42 -12.08 -5.13
N VAL C 71 -23.67 -12.11 -5.51
CA VAL C 71 -24.02 -11.61 -6.83
C VAL C 71 -25.35 -10.83 -6.85
N PHE C 72 -25.30 -9.57 -7.23
CA PHE C 72 -26.50 -8.78 -7.35
C PHE C 72 -26.83 -8.57 -8.82
N GLY C 73 -27.91 -9.21 -9.25
CA GLY C 73 -28.41 -9.05 -10.59
C GLY C 73 -29.11 -7.74 -10.69
N ALA C 74 -29.81 -7.51 -11.81
CA ALA C 74 -30.19 -6.16 -12.24
C ALA C 74 -31.31 -5.53 -11.44
N SER C 75 -32.16 -6.38 -10.85
CA SER C 75 -33.22 -5.88 -10.00
C SER C 75 -32.68 -5.39 -8.66
N THR C 76 -31.49 -5.80 -8.27
CA THR C 76 -31.00 -5.45 -6.94
C THR C 76 -31.08 -3.94 -6.73
N LYS C 77 -31.67 -3.53 -5.61
CA LYS C 77 -31.89 -2.13 -5.37
C LYS C 77 -31.00 -1.71 -4.22
N GLN C 78 -30.98 -0.41 -3.92
CA GLN C 78 -29.92 0.12 -3.05
C GLN C 78 -30.08 -0.36 -1.63
N ILE C 79 -31.31 -0.42 -1.14
CA ILE C 79 -31.55 -1.02 0.15
C ILE C 79 -30.87 -2.42 0.21
N ASP C 80 -31.05 -3.22 -0.85
CA ASP C 80 -30.46 -4.56 -0.95
C ASP C 80 -28.96 -4.57 -0.84
N VAL C 81 -28.26 -3.69 -1.56
CA VAL C 81 -26.79 -3.68 -1.51
C VAL C 81 -26.39 -3.35 -0.10
N TYR C 82 -27.05 -2.35 0.47
CA TYR C 82 -26.71 -1.95 1.83
C TYR C 82 -26.90 -3.12 2.77
N ARG C 83 -28.11 -3.67 2.78
CA ARG C 83 -28.44 -4.81 3.62
C ARG C 83 -27.38 -5.91 3.48
N SER C 84 -27.36 -6.56 2.32
CA SER C 84 -26.42 -7.64 2.02
C SER C 84 -24.96 -7.24 2.15
N VAL C 85 -24.49 -6.19 1.48
CA VAL C 85 -23.05 -5.91 1.62
C VAL C 85 -22.59 -5.20 2.89
N VAL C 86 -23.22 -4.07 3.22
CA VAL C 86 -22.63 -3.15 4.21
C VAL C 86 -22.82 -3.42 5.72
N CYS C 87 -24.04 -3.78 6.12
CA CYS C 87 -24.31 -4.05 7.52
C CYS C 87 -23.20 -4.88 8.13
N PRO C 88 -22.89 -6.02 7.50
CA PRO C 88 -21.83 -6.83 8.09
C PRO C 88 -20.56 -6.03 8.24
N ILE C 89 -20.25 -5.17 7.28
CA ILE C 89 -18.98 -4.44 7.34
C ILE C 89 -19.02 -3.32 8.36
N LEU C 90 -20.16 -2.67 8.47
CA LEU C 90 -20.29 -1.59 9.43
C LEU C 90 -20.18 -2.12 10.88
N ASP C 91 -20.82 -3.27 11.17
CA ASP C 91 -20.61 -3.94 12.45
C ASP C 91 -19.14 -4.20 12.79
N GLU C 92 -18.39 -4.80 11.88
CA GLU C 92 -16.94 -5.00 12.08
C GLU C 92 -16.22 -3.68 12.36
N VAL C 93 -16.70 -2.59 11.77
CA VAL C 93 -16.11 -1.27 11.97
C VAL C 93 -16.43 -0.75 13.36
N ILE C 94 -17.70 -0.81 13.72
CA ILE C 94 -18.20 -0.43 15.03
C ILE C 94 -17.44 -1.20 16.11
N MET C 95 -16.83 -2.30 15.69
CA MET C 95 -16.13 -3.24 16.57
C MET C 95 -14.61 -2.94 16.70
N GLY C 96 -14.15 -1.85 16.08
CA GLY C 96 -12.77 -1.43 16.25
C GLY C 96 -11.86 -1.77 15.09
N TYR C 97 -12.45 -2.25 14.00
CA TYR C 97 -11.65 -2.60 12.83
C TYR C 97 -11.49 -1.46 11.83
N ASN C 98 -10.73 -1.73 10.78
CA ASN C 98 -10.60 -0.83 9.65
C ASN C 98 -11.11 -1.54 8.42
N CYS C 99 -11.93 -0.86 7.63
CA CYS C 99 -12.49 -1.52 6.47
C CYS C 99 -12.43 -0.66 5.21
N THR C 100 -12.45 -1.34 4.07
CA THR C 100 -12.55 -0.65 2.81
C THR C 100 -13.55 -1.32 1.90
N ILE C 101 -14.23 -0.54 1.07
CA ILE C 101 -15.06 -1.06 -0.01
C ILE C 101 -14.67 -0.27 -1.27
N PHE C 102 -14.30 -0.96 -2.37
CA PHE C 102 -14.27 -0.28 -3.65
C PHE C 102 -15.07 -0.80 -4.83
N ALA C 103 -15.32 0.11 -5.77
CA ALA C 103 -16.18 -0.15 -6.92
C ALA C 103 -15.31 -0.11 -8.15
N TYR C 104 -15.33 -1.20 -8.89
CA TYR C 104 -14.44 -1.36 -10.02
C TYR C 104 -15.30 -1.69 -11.22
N GLY C 105 -15.02 -1.07 -12.37
CA GLY C 105 -15.85 -1.32 -13.53
C GLY C 105 -15.70 -0.29 -14.62
N GLN C 106 -16.32 -0.61 -15.75
CA GLN C 106 -16.38 0.26 -16.93
C GLN C 106 -17.14 1.53 -16.57
N THR C 107 -16.84 2.61 -17.29
CA THR C 107 -17.59 3.84 -17.09
C THR C 107 -19.05 3.60 -17.48
N GLY C 108 -19.95 4.13 -16.67
CA GLY C 108 -21.35 4.01 -16.96
C GLY C 108 -22.10 2.84 -16.35
N THR C 109 -21.38 2.00 -15.59
CA THR C 109 -21.97 0.76 -15.08
C THR C 109 -22.50 0.75 -13.64
N GLY C 110 -22.40 1.86 -12.92
CA GLY C 110 -22.80 1.91 -11.53
C GLY C 110 -21.80 2.08 -10.41
N LYS C 111 -20.53 2.27 -10.71
CA LYS C 111 -19.66 2.59 -9.56
C LYS C 111 -20.20 3.74 -8.64
N THR C 112 -20.54 4.88 -9.23
CA THR C 112 -20.92 6.03 -8.42
C THR C 112 -22.31 5.83 -7.81
N PHE C 113 -23.20 5.23 -8.58
CA PHE C 113 -24.55 4.89 -8.15
C PHE C 113 -24.54 3.97 -6.96
N THR C 114 -23.56 3.09 -6.92
CA THR C 114 -23.46 2.12 -5.87
C THR C 114 -22.90 2.76 -4.62
N MET C 115 -21.82 3.52 -4.76
CA MET C 115 -21.17 4.09 -3.58
C MET C 115 -21.73 5.40 -3.05
N GLU C 116 -22.56 6.08 -3.84
CA GLU C 116 -23.04 7.40 -3.48
C GLU C 116 -24.51 7.50 -3.61
N GLY C 117 -24.97 7.29 -4.83
CA GLY C 117 -26.39 7.26 -5.08
C GLY C 117 -26.65 8.54 -5.77
N GLU C 118 -27.92 8.78 -6.07
CA GLU C 118 -28.36 10.02 -6.66
C GLU C 118 -29.55 10.54 -5.84
N ARG C 119 -29.94 11.79 -6.05
CA ARG C 119 -31.09 12.37 -5.34
C ARG C 119 -32.23 12.33 -6.28
N SER C 120 -33.33 11.70 -5.89
CA SER C 120 -34.46 11.76 -6.77
C SER C 120 -34.89 13.21 -6.73
N PRO C 121 -35.42 13.71 -7.84
CA PRO C 121 -35.75 15.14 -8.04
C PRO C 121 -36.80 15.80 -7.08
N ASN C 122 -36.73 17.14 -7.09
CA ASN C 122 -37.40 18.09 -6.17
C ASN C 122 -37.13 17.71 -4.72
N GLU C 123 -38.09 17.87 -3.81
CA GLU C 123 -38.06 16.99 -2.67
C GLU C 123 -39.32 16.19 -2.70
N GLU C 124 -39.22 14.97 -3.20
CA GLU C 124 -40.15 13.91 -2.98
C GLU C 124 -39.81 13.13 -1.70
N TYR C 125 -38.51 13.05 -1.42
CA TYR C 125 -37.97 12.12 -0.46
C TYR C 125 -36.94 12.88 0.29
N THR C 126 -36.71 12.46 1.51
CA THR C 126 -35.70 13.11 2.31
C THR C 126 -34.42 12.42 1.88
N TRP C 127 -33.28 12.80 2.40
CA TRP C 127 -32.08 12.09 2.01
C TRP C 127 -31.96 10.73 2.75
N GLU C 128 -32.47 10.66 3.97
CA GLU C 128 -32.50 9.43 4.77
C GLU C 128 -33.23 8.28 4.06
N GLU C 129 -34.40 8.57 3.51
CA GLU C 129 -35.16 7.63 2.72
C GLU C 129 -35.12 7.65 1.17
N ASP C 130 -34.28 8.47 0.52
CA ASP C 130 -34.23 8.48 -0.97
C ASP C 130 -33.95 7.07 -1.48
N PRO C 131 -34.87 6.50 -2.26
CA PRO C 131 -34.58 5.11 -2.66
C PRO C 131 -33.27 4.99 -3.45
N LEU C 132 -32.83 6.09 -4.07
CA LEU C 132 -31.60 6.07 -4.85
C LEU C 132 -30.34 6.31 -4.02
N ALA C 133 -30.47 6.54 -2.72
CA ALA C 133 -29.25 6.80 -1.94
C ALA C 133 -28.31 5.57 -1.88
N GLY C 134 -27.02 5.80 -1.98
CA GLY C 134 -26.10 4.69 -2.04
C GLY C 134 -25.33 4.45 -0.78
N ILE C 135 -24.22 3.74 -0.89
CA ILE C 135 -23.59 3.25 0.31
C ILE C 135 -23.23 4.42 1.23
N ILE C 136 -22.61 5.45 0.68
CA ILE C 136 -22.14 6.54 1.53
C ILE C 136 -23.16 7.21 2.49
N PRO C 137 -24.26 7.79 1.98
CA PRO C 137 -25.22 8.38 2.90
C PRO C 137 -25.88 7.34 3.83
N ARG C 138 -26.21 6.16 3.32
CA ARG C 138 -26.82 5.20 4.20
C ARG C 138 -25.89 4.86 5.35
N THR C 139 -24.61 4.73 5.09
CA THR C 139 -23.69 4.34 6.14
C THR C 139 -23.61 5.41 7.23
N LEU C 140 -23.55 6.67 6.82
CA LEU C 140 -23.54 7.74 7.79
C LEU C 140 -24.90 7.79 8.51
N HIS C 141 -25.97 7.52 7.80
CA HIS C 141 -27.27 7.55 8.43
C HIS C 141 -27.46 6.49 9.52
N GLN C 142 -26.68 5.41 9.43
CA GLN C 142 -26.67 4.27 10.38
C GLN C 142 -25.73 4.54 11.54
N ILE C 143 -24.48 4.84 11.23
CA ILE C 143 -23.48 5.01 12.26
C ILE C 143 -24.17 5.77 13.37
N PHE C 144 -25.04 6.72 13.02
CA PHE C 144 -25.86 7.36 14.05
C PHE C 144 -26.97 6.44 14.58
N GLU C 145 -27.92 6.04 13.74
N GLU C 145 -27.92 6.04 13.73
CA GLU C 145 -29.10 5.33 14.22
CA GLU C 145 -29.11 5.30 14.21
C GLU C 145 -28.74 4.05 14.93
C GLU C 145 -28.70 4.12 15.07
N LYS C 146 -27.44 3.75 14.96
CA LYS C 146 -26.93 2.58 15.64
C LYS C 146 -26.29 2.94 16.97
N LEU C 147 -25.24 3.74 16.91
CA LEU C 147 -24.50 4.18 18.10
C LEU C 147 -25.30 5.05 19.10
N THR C 148 -26.21 5.91 18.61
CA THR C 148 -27.15 6.57 19.51
C THR C 148 -27.89 5.46 20.30
N ASP C 149 -28.66 4.64 19.59
CA ASP C 149 -29.60 3.66 20.19
C ASP C 149 -29.01 2.55 21.06
N ASN C 150 -27.71 2.40 21.05
CA ASN C 150 -27.05 1.50 21.98
C ASN C 150 -26.38 2.12 23.23
N GLY C 151 -26.52 3.44 23.42
CA GLY C 151 -25.77 4.12 24.47
C GLY C 151 -24.36 4.41 23.96
N THR C 152 -23.35 4.34 24.84
CA THR C 152 -21.94 4.38 24.40
C THR C 152 -21.39 5.60 23.61
N GLU C 153 -21.15 6.70 24.30
CA GLU C 153 -20.75 7.97 23.69
C GLU C 153 -19.62 7.85 22.65
N PHE C 154 -19.77 8.58 21.54
CA PHE C 154 -18.91 8.48 20.34
C PHE C 154 -18.80 9.76 19.50
N SER C 155 -17.69 9.89 18.77
CA SER C 155 -17.52 10.97 17.81
C SER C 155 -17.30 10.44 16.40
N VAL C 156 -17.57 11.28 15.41
CA VAL C 156 -17.53 10.92 14.00
C VAL C 156 -16.87 11.96 13.12
N LYS C 157 -15.78 11.59 12.45
CA LYS C 157 -15.09 12.47 11.48
C LYS C 157 -15.26 11.94 10.04
N VAL C 158 -15.30 12.83 9.05
CA VAL C 158 -15.31 12.43 7.64
C VAL C 158 -14.35 13.26 6.80
N SER C 159 -13.76 12.65 5.77
CA SER C 159 -12.96 13.37 4.79
C SER C 159 -13.26 12.88 3.36
N LEU C 160 -13.07 13.76 2.36
CA LEU C 160 -13.33 13.37 0.98
C LEU C 160 -12.24 13.87 0.05
N LEU C 161 -11.54 12.96 -0.62
CA LEU C 161 -10.40 13.34 -1.45
C LEU C 161 -10.40 12.61 -2.79
N GLU C 162 -10.06 13.35 -3.85
CA GLU C 162 -10.03 12.79 -5.19
C GLU C 162 -8.60 12.71 -5.65
N ILE C 163 -8.27 11.59 -6.29
CA ILE C 163 -6.97 11.41 -6.92
C ILE C 163 -7.15 11.64 -8.41
N TYR C 164 -6.47 12.62 -8.97
CA TYR C 164 -6.58 12.82 -10.41
C TYR C 164 -5.23 13.14 -10.95
N ASN C 165 -4.73 12.30 -11.85
CA ASN C 165 -3.44 12.56 -12.48
C ASN C 165 -2.37 12.59 -11.43
N GLU C 166 -2.55 11.75 -10.41
CA GLU C 166 -1.55 11.61 -9.36
C GLU C 166 -1.41 12.85 -8.51
N GLU C 167 -2.47 13.65 -8.49
CA GLU C 167 -2.51 14.82 -7.65
C GLU C 167 -3.68 14.63 -6.72
N LEU C 168 -3.64 15.22 -5.53
CA LEU C 168 -4.71 14.96 -4.56
C LEU C 168 -5.51 16.21 -4.19
N PHE C 169 -6.83 16.14 -4.30
CA PHE C 169 -7.68 17.29 -4.02
C PHE C 169 -8.62 17.06 -2.85
N ASP C 170 -8.88 18.12 -2.08
CA ASP C 170 -9.65 18.02 -0.86
C ASP C 170 -11.04 18.58 -1.10
N LEU C 171 -12.06 17.73 -1.15
CA LEU C 171 -13.37 18.23 -1.53
C LEU C 171 -14.08 18.90 -0.34
N LEU C 172 -13.62 18.62 0.87
CA LEU C 172 -14.23 19.22 2.04
C LEU C 172 -13.44 20.41 2.60
N ASN C 173 -12.35 20.77 1.96
CA ASN C 173 -11.52 21.83 2.52
C ASN C 173 -12.27 23.19 2.56
N PRO C 174 -12.02 24.00 3.58
CA PRO C 174 -12.75 25.27 3.63
C PRO C 174 -12.29 26.18 2.52
N SER C 175 -11.08 25.94 2.04
CA SER C 175 -10.50 26.77 0.97
C SER C 175 -11.40 26.79 -0.25
N SER C 176 -11.47 27.94 -0.91
CA SER C 176 -12.45 28.18 -1.96
C SER C 176 -12.04 27.61 -3.30
N ASP C 177 -10.76 27.24 -3.46
CA ASP C 177 -10.25 26.75 -4.74
C ASP C 177 -9.89 25.26 -4.78
N VAL C 178 -10.68 24.44 -5.49
CA VAL C 178 -10.46 22.97 -5.50
C VAL C 178 -9.06 22.59 -5.88
N SER C 179 -8.46 23.38 -6.76
CA SER C 179 -7.18 23.02 -7.32
C SER C 179 -6.04 22.96 -6.30
N GLU C 180 -6.25 23.54 -5.12
CA GLU C 180 -5.21 23.49 -4.09
C GLU C 180 -4.92 22.03 -3.74
N ARG C 181 -3.66 21.63 -3.85
CA ARG C 181 -3.29 20.23 -3.75
C ARG C 181 -2.84 19.79 -2.36
N LEU C 182 -3.37 18.65 -1.92
CA LEU C 182 -2.85 17.90 -0.77
C LEU C 182 -1.46 17.29 -1.04
N GLN C 183 -0.76 16.95 0.02
CA GLN C 183 0.47 16.16 -0.11
C GLN C 183 0.45 14.91 0.73
N MET C 184 1.36 13.99 0.43
CA MET C 184 1.28 12.66 1.02
C MET C 184 2.60 12.21 1.60
N PHE C 185 2.53 11.62 2.79
CA PHE C 185 3.69 11.23 3.59
C PHE C 185 3.47 9.90 4.28
N ASP C 186 4.55 9.15 4.54
CA ASP C 186 4.43 7.84 5.16
C ASP C 186 4.25 7.93 6.68
N ASP C 187 3.13 7.43 7.18
CA ASP C 187 2.84 7.53 8.61
C ASP C 187 3.95 6.93 9.50
N PRO C 188 4.53 7.74 10.39
CA PRO C 188 5.61 7.28 11.27
C PRO C 188 5.13 6.29 12.35
N ARG C 189 3.89 6.36 12.84
CA ARG C 189 3.39 5.14 13.46
C ARG C 189 2.18 4.57 12.70
N ASN C 190 2.50 3.67 11.78
CA ASN C 190 1.78 2.49 11.36
C ASN C 190 2.71 2.28 10.15
N LYS C 191 2.96 1.07 9.65
CA LYS C 191 3.80 0.97 8.43
C LYS C 191 3.18 0.65 7.05
N ARG C 192 1.87 0.40 7.03
CA ARG C 192 1.16 0.27 5.77
C ARG C 192 0.47 1.61 5.46
N GLY C 193 0.66 2.58 6.35
CA GLY C 193 -0.11 3.81 6.34
C GLY C 193 0.56 5.07 5.82
N VAL C 194 -0.27 6.09 5.60
CA VAL C 194 0.21 7.40 5.16
C VAL C 194 -0.62 8.48 5.80
N ILE C 195 0.01 9.60 6.14
CA ILE C 195 -0.72 10.78 6.58
C ILE C 195 -1.03 11.65 5.36
N ILE C 196 -2.24 12.20 5.28
CA ILE C 196 -2.49 13.09 4.18
C ILE C 196 -2.45 14.53 4.67
N LYS C 197 -1.38 15.23 4.37
CA LYS C 197 -1.14 16.55 4.92
C LYS C 197 -2.00 17.61 4.23
N GLY C 198 -2.82 18.31 5.01
CA GLY C 198 -3.73 19.33 4.50
C GLY C 198 -5.18 18.84 4.50
N LEU C 199 -5.37 17.53 4.56
CA LEU C 199 -6.71 16.96 4.43
C LEU C 199 -7.52 17.49 5.56
N GLU C 200 -8.76 17.89 5.26
CA GLU C 200 -9.66 18.38 6.29
C GLU C 200 -10.53 17.23 6.72
N GLU C 201 -10.63 16.99 8.02
CA GLU C 201 -11.61 16.02 8.55
C GLU C 201 -12.68 16.76 9.34
N ILE C 202 -13.86 16.84 8.77
CA ILE C 202 -14.97 17.51 9.39
C ILE C 202 -15.63 16.57 10.36
N THR C 203 -15.92 17.05 11.56
CA THR C 203 -16.57 16.30 12.64
C THR C 203 -18.07 16.40 12.52
N VAL C 204 -18.74 15.27 12.49
CA VAL C 204 -20.18 15.26 12.28
C VAL C 204 -20.83 15.04 13.63
N HIS C 205 -21.51 16.08 14.12
CA HIS C 205 -21.98 16.04 15.49
C HIS C 205 -23.22 15.18 15.61
N ASN C 206 -24.06 15.22 14.59
CA ASN C 206 -25.26 14.39 14.60
C ASN C 206 -25.52 13.89 13.20
N LYS C 207 -26.54 13.08 13.02
CA LYS C 207 -26.86 12.67 11.68
C LYS C 207 -27.48 13.87 10.99
N ASP C 208 -27.75 14.93 11.75
CA ASP C 208 -28.51 16.04 11.17
C ASP C 208 -27.66 16.92 10.25
N GLU C 209 -26.36 17.03 10.49
CA GLU C 209 -25.51 17.78 9.57
C GLU C 209 -24.86 16.99 8.40
N VAL C 210 -25.22 15.72 8.23
CA VAL C 210 -24.62 14.90 7.19
C VAL C 210 -24.82 15.48 5.79
N TYR C 211 -26.08 15.66 5.42
CA TYR C 211 -26.39 16.07 4.06
C TYR C 211 -25.59 17.26 3.61
N GLN C 212 -25.53 18.31 4.40
CA GLN C 212 -24.91 19.52 3.89
C GLN C 212 -23.42 19.34 3.72
N ILE C 213 -22.80 18.53 4.56
CA ILE C 213 -21.42 18.14 4.26
C ILE C 213 -21.30 17.50 2.87
N LEU C 214 -22.14 16.51 2.58
CA LEU C 214 -22.08 15.92 1.25
C LEU C 214 -22.28 16.99 0.20
N GLU C 215 -23.32 17.78 0.33
CA GLU C 215 -23.62 18.89 -0.58
C GLU C 215 -22.44 19.83 -0.87
N LYS C 216 -21.64 20.12 0.15
CA LYS C 216 -20.46 20.97 -0.02
C LYS C 216 -19.41 20.22 -0.78
N GLY C 217 -19.40 18.90 -0.61
CA GLY C 217 -18.52 18.06 -1.39
C GLY C 217 -18.99 18.12 -2.83
N ALA C 218 -20.28 18.00 -3.04
CA ALA C 218 -20.80 17.93 -4.38
C ALA C 218 -20.46 19.16 -5.20
N ALA C 219 -20.80 20.32 -4.70
CA ALA C 219 -20.55 21.54 -5.42
C ALA C 219 -19.08 21.66 -5.75
N LYS C 220 -18.23 21.14 -4.89
CA LYS C 220 -16.81 21.40 -5.01
C LYS C 220 -16.29 20.47 -6.08
N ARG C 221 -16.90 19.31 -6.14
CA ARG C 221 -16.66 18.39 -7.24
C ARG C 221 -17.14 18.98 -8.56
N THR C 222 -18.35 19.55 -8.56
CA THR C 222 -18.92 20.10 -9.78
C THR C 222 -17.96 21.10 -10.44
N THR C 223 -17.31 21.91 -9.59
CA THR C 223 -16.28 22.83 -10.04
C THR C 223 -15.06 22.07 -10.56
N ALA C 224 -14.55 21.09 -9.81
CA ALA C 224 -13.35 20.36 -10.26
C ALA C 224 -13.54 19.82 -11.66
N ALA C 225 -14.72 19.26 -11.91
CA ALA C 225 -15.06 18.80 -13.26
C ALA C 225 -14.88 19.87 -14.34
N THR C 226 -15.14 21.14 -14.02
CA THR C 226 -15.04 22.21 -15.01
C THR C 226 -13.60 22.68 -15.28
N LEU C 227 -12.70 22.52 -14.31
CA LEU C 227 -11.29 22.80 -14.54
C LEU C 227 -10.51 21.68 -15.24
N MET C 228 -10.79 20.43 -14.86
CA MET C 228 -10.00 19.31 -15.37
C MET C 228 -10.75 18.40 -16.37
N ASN C 229 -10.02 17.87 -17.34
CA ASN C 229 -10.64 17.18 -18.48
C ASN C 229 -10.98 15.71 -18.20
N ALA C 230 -12.20 15.31 -18.58
CA ALA C 230 -12.71 13.97 -18.32
C ALA C 230 -12.63 13.61 -16.84
N TYR C 231 -12.97 14.57 -15.99
CA TYR C 231 -12.79 14.45 -14.56
C TYR C 231 -13.59 13.31 -13.90
N SER C 232 -14.89 13.27 -14.14
CA SER C 232 -15.74 12.24 -13.55
C SER C 232 -15.25 10.78 -13.78
N SER C 233 -14.98 10.43 -15.04
CA SER C 233 -14.44 9.13 -15.41
C SER C 233 -12.96 8.82 -15.17
N ARG C 234 -12.08 9.82 -15.14
CA ARG C 234 -10.64 9.59 -15.02
C ARG C 234 -10.04 9.71 -13.60
N SER C 235 -10.89 9.99 -12.61
CA SER C 235 -10.48 10.29 -11.23
C SER C 235 -10.97 9.28 -10.17
N HIS C 236 -10.23 9.17 -9.06
CA HIS C 236 -10.59 8.27 -7.98
C HIS C 236 -11.07 9.08 -6.78
N SER C 237 -12.19 8.70 -6.18
CA SER C 237 -12.63 9.36 -4.95
C SER C 237 -12.64 8.48 -3.71
N VAL C 238 -11.98 8.92 -2.65
CA VAL C 238 -11.93 8.18 -1.41
C VAL C 238 -12.64 8.92 -0.26
N PHE C 239 -13.79 8.43 0.18
CA PHE C 239 -14.50 9.07 1.29
C PHE C 239 -14.26 8.30 2.61
N SER C 240 -13.46 8.85 3.52
CA SER C 240 -13.14 8.16 4.77
C SER C 240 -14.04 8.55 5.94
N VAL C 241 -14.41 7.57 6.74
CA VAL C 241 -15.18 7.79 7.95
C VAL C 241 -14.44 7.22 9.13
N THR C 242 -14.23 8.02 10.16
CA THR C 242 -13.59 7.54 11.38
C THR C 242 -14.47 7.73 12.62
N ILE C 243 -14.59 6.65 13.40
CA ILE C 243 -15.50 6.59 14.54
C ILE C 243 -14.77 6.28 15.84
N HIS C 244 -14.80 7.20 16.80
CA HIS C 244 -14.24 6.90 18.13
C HIS C 244 -15.30 6.46 19.14
N MET C 245 -15.00 5.40 19.90
CA MET C 245 -15.94 4.84 20.88
C MET C 245 -15.27 4.36 22.17
N LYS C 246 -16.03 4.38 23.29
CA LYS C 246 -15.58 3.83 24.58
C LYS C 246 -16.60 2.90 25.24
N VAL C 256 -12.47 2.59 24.55
CA VAL C 256 -11.45 3.34 23.83
C VAL C 256 -11.01 2.66 22.50
N LYS C 257 -11.96 2.49 21.56
CA LYS C 257 -11.67 1.84 20.28
C LYS C 257 -11.92 2.77 19.07
N ILE C 258 -11.14 2.59 17.98
CA ILE C 258 -11.25 3.47 16.81
C ILE C 258 -11.50 2.69 15.52
N GLY C 259 -12.71 2.83 14.96
CA GLY C 259 -13.03 2.29 13.64
C GLY C 259 -12.82 3.27 12.49
N LYS C 260 -12.49 2.74 11.31
CA LYS C 260 -12.32 3.57 10.10
C LYS C 260 -13.00 2.88 8.92
N LEU C 261 -13.75 3.62 8.11
CA LEU C 261 -14.39 3.01 6.94
C LEU C 261 -14.09 3.78 5.70
N ASN C 262 -13.34 3.19 4.78
CA ASN C 262 -13.09 3.81 3.48
C ASN C 262 -14.08 3.30 2.47
N LEU C 263 -14.74 4.23 1.80
CA LEU C 263 -15.60 3.88 0.70
C LEU C 263 -14.91 4.51 -0.48
N VAL C 264 -14.33 3.66 -1.35
CA VAL C 264 -13.52 4.14 -2.48
C VAL C 264 -14.19 3.98 -3.81
N ASP C 265 -14.04 4.98 -4.67
CA ASP C 265 -14.72 4.88 -5.96
C ASP C 265 -13.74 5.12 -7.11
N LEU C 266 -13.44 4.04 -7.83
CA LEU C 266 -12.31 4.06 -8.77
C LEU C 266 -12.57 4.66 -10.16
N ALA C 267 -11.53 5.10 -10.83
CA ALA C 267 -11.67 5.48 -12.23
C ALA C 267 -12.27 4.37 -13.13
N GLY C 268 -12.97 4.74 -14.19
CA GLY C 268 -13.44 3.75 -15.15
C GLY C 268 -12.37 2.78 -15.64
N SER C 269 -12.70 1.51 -15.79
CA SER C 269 -11.68 0.48 -16.07
C SER C 269 -11.23 0.36 -17.52
N GLU C 270 -12.06 0.83 -18.46
CA GLU C 270 -11.64 0.95 -19.85
C GLU C 270 -10.28 1.65 -19.95
N ASN C 271 -10.07 2.70 -19.16
CA ASN C 271 -8.81 3.49 -19.17
C ASN C 271 -7.46 2.71 -19.18
N ASN C 287 0.74 9.91 -16.65
CA ASN C 287 0.28 10.07 -15.27
C ASN C 287 -1.27 10.03 -15.03
N ILE C 288 -2.05 10.06 -16.11
CA ILE C 288 -3.51 10.01 -16.00
C ILE C 288 -3.95 8.67 -15.44
N ASN C 289 -3.39 7.58 -15.96
CA ASN C 289 -3.73 6.20 -15.54
C ASN C 289 -2.83 5.48 -14.52
N GLN C 290 -1.83 6.17 -13.99
CA GLN C 290 -0.84 5.54 -13.13
C GLN C 290 -1.48 4.83 -11.95
N SER C 291 -2.53 5.40 -11.41
CA SER C 291 -3.19 4.73 -10.29
C SER C 291 -3.96 3.47 -10.73
N LEU C 292 -4.83 3.59 -11.72
CA LEU C 292 -5.60 2.45 -12.19
C LEU C 292 -4.65 1.35 -12.65
N LEU C 293 -3.60 1.78 -13.33
CA LEU C 293 -2.53 0.87 -13.73
C LEU C 293 -1.82 0.19 -12.56
N THR C 294 -1.24 0.95 -11.63
CA THR C 294 -0.50 0.34 -10.54
C THR C 294 -1.38 -0.55 -9.68
N LEU C 295 -2.67 -0.22 -9.58
CA LEU C 295 -3.59 -1.03 -8.81
C LEU C 295 -3.48 -2.42 -9.38
N GLY C 296 -3.85 -2.57 -10.65
CA GLY C 296 -3.70 -3.84 -11.32
C GLY C 296 -2.36 -4.53 -11.13
N ARG C 297 -1.26 -3.77 -11.14
CA ARG C 297 0.04 -4.42 -10.94
C ARG C 297 0.17 -4.93 -9.54
N VAL C 298 -0.51 -4.29 -8.60
CA VAL C 298 -0.40 -4.63 -7.20
C VAL C 298 -1.18 -5.89 -6.97
N ILE C 299 -2.36 -5.94 -7.55
CA ILE C 299 -3.17 -7.09 -7.37
C ILE C 299 -2.42 -8.29 -7.92
N THR C 300 -1.86 -8.14 -9.11
CA THR C 300 -1.20 -9.25 -9.77
C THR C 300 0.09 -9.71 -9.08
N ALA C 301 0.76 -8.82 -8.36
CA ALA C 301 1.92 -9.23 -7.56
C ALA C 301 1.46 -9.94 -6.28
N LEU C 302 0.29 -9.59 -5.78
CA LEU C 302 -0.22 -10.26 -4.61
C LEU C 302 -0.75 -11.66 -4.93
N VAL C 303 -1.45 -11.82 -6.05
CA VAL C 303 -2.01 -13.15 -6.30
C VAL C 303 -0.97 -14.13 -6.79
N GLU C 304 0.08 -13.63 -7.43
CA GLU C 304 1.18 -14.46 -7.92
C GLU C 304 2.31 -14.52 -6.89
N ARG C 305 2.05 -13.97 -5.73
CA ARG C 305 2.96 -14.04 -4.59
C ARG C 305 4.39 -13.61 -4.94
N THR C 306 4.48 -12.66 -5.87
CA THR C 306 5.70 -11.89 -6.12
C THR C 306 6.23 -11.23 -4.83
N PRO C 307 7.56 -11.14 -4.73
CA PRO C 307 8.30 -10.63 -3.56
C PRO C 307 7.99 -9.19 -3.18
N HIS C 308 7.98 -8.30 -4.15
CA HIS C 308 7.75 -6.90 -3.85
C HIS C 308 6.53 -6.35 -4.59
N VAL C 309 5.62 -5.76 -3.84
CA VAL C 309 4.36 -5.27 -4.36
C VAL C 309 4.48 -3.79 -4.55
N PRO C 310 4.42 -3.31 -5.80
CA PRO C 310 4.77 -1.91 -6.01
C PRO C 310 3.67 -0.95 -5.50
N TYR C 311 3.35 -1.07 -4.19
CA TYR C 311 2.33 -0.26 -3.56
C TYR C 311 2.63 1.20 -3.83
N ARG C 312 3.92 1.50 -3.93
CA ARG C 312 4.40 2.85 -3.77
C ARG C 312 4.47 3.56 -5.10
N GLU C 313 3.98 2.89 -6.13
CA GLU C 313 4.14 3.37 -7.50
C GLU C 313 3.01 4.30 -7.94
N SER C 314 1.98 4.41 -7.11
CA SER C 314 0.89 5.35 -7.36
C SER C 314 0.21 5.78 -6.05
N LYS C 315 -0.41 6.95 -6.09
CA LYS C 315 -1.03 7.52 -4.90
C LYS C 315 -2.17 6.65 -4.47
N LEU C 316 -2.94 6.13 -5.42
CA LEU C 316 -4.07 5.30 -5.04
C LEU C 316 -3.61 4.14 -4.23
N THR C 317 -2.49 3.55 -4.61
CA THR C 317 -2.02 2.33 -3.95
C THR C 317 -1.28 2.52 -2.65
N ARG C 318 -0.53 3.61 -2.54
CA ARG C 318 -0.01 4.02 -1.24
C ARG C 318 -1.13 4.25 -0.22
N ILE C 319 -2.25 4.79 -0.67
CA ILE C 319 -3.37 5.04 0.24
C ILE C 319 -4.05 3.73 0.56
N LEU C 320 -4.24 2.90 -0.45
CA LEU C 320 -5.01 1.67 -0.30
C LEU C 320 -4.19 0.51 0.24
N GLN C 321 -2.90 0.72 0.53
CA GLN C 321 -2.00 -0.38 0.88
C GLN C 321 -2.55 -1.34 1.93
N ASP C 322 -2.80 -0.83 3.12
CA ASP C 322 -3.31 -1.67 4.18
C ASP C 322 -4.62 -2.36 3.76
N SER C 323 -5.23 -1.95 2.66
CA SER C 323 -6.44 -2.57 2.12
C SER C 323 -6.16 -3.72 1.15
N LEU C 324 -4.89 -3.87 0.77
CA LEU C 324 -4.51 -4.99 -0.08
C LEU C 324 -3.28 -5.69 0.53
N GLY C 325 -3.44 -6.93 0.98
CA GLY C 325 -2.35 -7.62 1.66
C GLY C 325 -1.96 -7.03 3.00
N GLY C 326 -2.76 -6.10 3.48
CA GLY C 326 -2.56 -5.49 4.78
C GLY C 326 -3.60 -5.97 5.75
N ARG C 327 -3.68 -5.30 6.90
CA ARG C 327 -4.52 -5.75 8.03
C ARG C 327 -5.96 -5.22 8.01
N THR C 328 -6.31 -4.50 6.96
CA THR C 328 -7.66 -3.98 6.74
C THR C 328 -8.58 -4.99 6.02
N ARG C 329 -9.87 -5.04 6.38
CA ARG C 329 -10.81 -5.94 5.71
C ARG C 329 -11.44 -5.28 4.49
N THR C 330 -11.35 -5.93 3.33
CA THR C 330 -11.65 -5.27 2.07
C THR C 330 -12.84 -5.85 1.32
N SER C 331 -13.56 -5.03 0.55
CA SER C 331 -14.53 -5.59 -0.38
C SER C 331 -14.52 -4.85 -1.69
N ILE C 332 -14.52 -5.62 -2.77
CA ILE C 332 -14.60 -5.06 -4.08
C ILE C 332 -16.00 -5.34 -4.59
N ILE C 333 -16.70 -4.30 -5.04
CA ILE C 333 -17.93 -4.48 -5.81
C ILE C 333 -17.61 -4.16 -7.29
N ALA C 334 -17.61 -5.18 -8.14
CA ALA C 334 -17.36 -4.99 -9.57
C ALA C 334 -18.70 -4.74 -10.19
N THR C 335 -18.78 -3.71 -11.02
CA THR C 335 -20.06 -3.37 -11.61
C THR C 335 -19.99 -3.64 -13.11
N ILE C 336 -21.05 -4.17 -13.70
CA ILE C 336 -21.02 -4.51 -15.10
C ILE C 336 -22.34 -4.19 -15.69
N SER C 337 -22.42 -4.22 -17.01
CA SER C 337 -23.62 -3.83 -17.70
C SER C 337 -24.13 -5.07 -18.43
N PRO C 338 -25.43 -5.22 -18.55
CA PRO C 338 -26.15 -6.30 -19.22
C PRO C 338 -25.96 -6.34 -20.74
N ALA C 339 -25.43 -5.27 -21.30
CA ALA C 339 -25.48 -5.09 -22.77
C ALA C 339 -24.45 -5.92 -23.55
N SER C 340 -24.90 -6.46 -24.68
CA SER C 340 -24.05 -7.19 -25.61
C SER C 340 -22.97 -6.33 -26.24
N LEU C 341 -23.21 -5.02 -26.39
CA LEU C 341 -22.21 -4.20 -27.00
C LEU C 341 -20.96 -4.23 -26.13
N ASN C 342 -21.14 -4.49 -24.83
CA ASN C 342 -20.06 -4.45 -23.83
C ASN C 342 -19.32 -5.76 -23.49
N LEU C 343 -19.56 -6.78 -24.30
CA LEU C 343 -19.01 -8.10 -24.04
C LEU C 343 -17.60 -8.05 -23.55
N GLU C 344 -16.67 -7.54 -24.31
CA GLU C 344 -15.30 -7.54 -23.82
C GLU C 344 -15.03 -6.79 -22.51
N GLU C 345 -15.66 -5.64 -22.31
CA GLU C 345 -15.41 -4.95 -21.05
C GLU C 345 -16.07 -5.69 -19.90
N THR C 346 -17.30 -6.15 -20.14
CA THR C 346 -17.95 -7.00 -19.16
C THR C 346 -16.99 -8.17 -18.81
N LEU C 347 -16.48 -8.95 -19.78
CA LEU C 347 -15.60 -10.08 -19.40
C LEU C 347 -14.34 -9.62 -18.72
N SER C 348 -13.86 -8.50 -19.17
CA SER C 348 -12.64 -8.01 -18.62
C SER C 348 -12.82 -7.71 -17.13
N THR C 349 -13.90 -7.01 -16.74
CA THR C 349 -14.21 -6.76 -15.32
C THR C 349 -14.34 -8.02 -14.45
N LEU C 350 -15.21 -8.95 -14.83
CA LEU C 350 -15.34 -10.26 -14.15
C LEU C 350 -13.96 -10.93 -13.95
N GLU C 351 -13.12 -10.86 -14.98
CA GLU C 351 -11.86 -11.56 -14.92
C GLU C 351 -10.91 -10.90 -13.94
N TYR C 352 -10.96 -9.59 -13.88
CA TYR C 352 -10.13 -8.82 -12.98
C TYR C 352 -10.65 -9.02 -11.56
N ALA C 353 -11.97 -9.07 -11.43
CA ALA C 353 -12.56 -9.17 -10.12
C ALA C 353 -12.26 -10.56 -9.56
N HIS C 354 -12.51 -11.57 -10.38
CA HIS C 354 -12.24 -12.95 -10.00
C HIS C 354 -10.82 -13.15 -9.53
N ARG C 355 -9.87 -12.67 -10.31
CA ARG C 355 -8.47 -12.76 -9.95
C ARG C 355 -8.32 -12.26 -8.53
N ALA C 356 -9.22 -11.39 -8.10
CA ALA C 356 -9.02 -10.66 -6.87
C ALA C 356 -9.31 -11.45 -5.62
N LYS C 357 -10.24 -12.40 -5.71
CA LYS C 357 -10.64 -13.14 -4.50
C LYS C 357 -9.45 -13.87 -3.88
N ASN C 358 -8.35 -13.96 -4.62
CA ASN C 358 -7.14 -14.64 -4.14
C ASN C 358 -6.23 -13.84 -3.19
N ILE C 359 -6.28 -12.51 -3.27
CA ILE C 359 -5.50 -11.70 -2.33
C ILE C 359 -6.08 -11.90 -0.94
N LEU C 360 -5.23 -11.92 0.07
CA LEU C 360 -5.65 -12.25 1.44
C LEU C 360 -5.14 -11.24 2.48
N ASN C 361 -6.02 -10.88 3.43
CA ASN C 361 -5.66 -9.89 4.44
C ASN C 361 -5.55 -10.48 5.81
N LYS C 362 -4.42 -10.27 6.49
CA LYS C 362 -4.29 -10.66 7.89
C LYS C 362 -4.53 -9.46 8.80
N PRO C 363 -5.73 -9.37 9.44
CA PRO C 363 -6.05 -8.22 10.30
C PRO C 363 -5.71 -8.35 11.80
N GLU C 364 -5.95 -7.24 12.50
CA GLU C 364 -5.90 -7.15 13.96
C GLU C 364 -6.71 -5.90 14.32
N VAL C 365 -7.20 -5.79 15.56
CA VAL C 365 -8.09 -4.67 15.90
C VAL C 365 -7.41 -3.38 16.38
N ASN C 366 -6.86 -3.44 17.60
CA ASN C 366 -6.37 -2.29 18.36
C ASN C 366 -6.89 -2.33 19.81
N ASN D 18 25.44 -15.02 0.15
CA ASN D 18 26.08 -15.15 1.48
C ASN D 18 27.27 -14.18 1.67
N ILE D 19 27.12 -13.18 2.54
CA ILE D 19 28.13 -12.12 2.69
C ILE D 19 29.35 -12.53 3.51
N GLN D 20 30.49 -11.93 3.19
CA GLN D 20 31.75 -12.27 3.80
C GLN D 20 31.97 -11.42 5.03
N VAL D 21 32.50 -12.00 6.09
CA VAL D 21 32.70 -11.25 7.31
C VAL D 21 34.04 -11.55 7.87
N VAL D 22 34.88 -10.52 7.99
CA VAL D 22 36.17 -10.68 8.62
C VAL D 22 36.31 -9.84 9.88
N VAL D 23 37.41 -10.01 10.59
CA VAL D 23 37.60 -9.35 11.88
C VAL D 23 39.07 -8.92 11.95
N ARG D 24 39.28 -7.69 12.39
CA ARG D 24 40.62 -7.21 12.51
C ARG D 24 40.78 -6.60 13.84
N CYS D 25 41.90 -6.89 14.51
CA CYS D 25 42.12 -6.35 15.83
C CYS D 25 43.32 -5.40 15.85
N ARG D 26 43.10 -4.12 16.19
CA ARG D 26 44.19 -3.17 16.30
C ARG D 26 45.16 -3.61 17.40
N PRO D 27 46.40 -3.17 17.30
CA PRO D 27 47.31 -3.30 18.44
C PRO D 27 46.88 -2.37 19.56
N PHE D 28 47.44 -2.60 20.74
CA PHE D 28 47.29 -1.72 21.87
C PHE D 28 47.71 -0.32 21.45
N ASN D 29 47.09 0.73 22.01
CA ASN D 29 47.62 2.10 21.90
C ASN D 29 48.35 2.59 23.16
N LEU D 30 48.79 3.84 23.16
CA LEU D 30 49.62 4.30 24.29
C LEU D 30 48.85 4.54 25.60
N ALA D 31 47.66 5.11 25.50
CA ALA D 31 46.89 5.27 26.70
C ALA D 31 46.73 3.87 27.34
N GLU D 32 46.50 2.86 26.50
CA GLU D 32 46.33 1.48 26.96
C GLU D 32 47.64 0.95 27.53
N ARG D 33 48.73 1.26 26.85
CA ARG D 33 50.00 0.80 27.31
C ARG D 33 50.28 1.51 28.61
N LYS D 34 49.97 2.80 28.70
CA LYS D 34 50.24 3.53 29.95
C LYS D 34 49.49 2.89 31.12
N ALA D 35 48.20 2.62 30.91
CA ALA D 35 47.32 2.11 31.95
C ALA D 35 47.64 0.69 32.30
N SER D 36 48.58 0.09 31.59
CA SER D 36 48.90 -1.34 31.73
C SER D 36 47.79 -2.27 31.24
N ALA D 37 47.11 -1.94 30.17
CA ALA D 37 46.04 -2.81 29.69
C ALA D 37 46.50 -4.29 29.48
N HIS D 38 45.76 -5.25 30.06
CA HIS D 38 45.86 -6.65 29.60
C HIS D 38 45.04 -6.92 28.35
N SER D 39 45.48 -7.91 27.58
CA SER D 39 44.79 -8.30 26.38
C SER D 39 43.79 -9.39 26.73
N ILE D 40 42.58 -9.24 26.22
CA ILE D 40 41.57 -10.29 26.20
C ILE D 40 41.28 -10.88 24.85
N VAL D 41 42.01 -10.45 23.83
CA VAL D 41 41.79 -11.01 22.50
C VAL D 41 42.94 -11.91 22.05
N GLU D 42 42.59 -13.05 21.44
CA GLU D 42 43.53 -13.87 20.65
C GLU D 42 42.98 -14.21 19.27
N CYS D 43 43.68 -13.73 18.26
CA CYS D 43 43.34 -14.06 16.91
C CYS D 43 44.17 -15.25 16.48
N ASP D 44 43.55 -16.14 15.71
CA ASP D 44 44.23 -17.30 15.11
C ASP D 44 43.85 -17.36 13.65
N PRO D 45 44.67 -16.73 12.81
CA PRO D 45 44.42 -16.52 11.39
C PRO D 45 44.14 -17.82 10.68
N VAL D 46 44.88 -18.85 11.06
CA VAL D 46 44.81 -20.15 10.39
C VAL D 46 43.49 -20.90 10.68
N ARG D 47 43.08 -21.00 11.95
CA ARG D 47 41.75 -21.57 12.30
C ARG D 47 40.62 -20.63 11.84
N LYS D 48 40.96 -19.37 11.57
CA LYS D 48 39.97 -18.33 11.30
C LYS D 48 39.07 -17.99 12.49
N GLU D 49 39.68 -17.85 13.68
CA GLU D 49 38.96 -17.78 14.95
C GLU D 49 39.44 -16.65 15.86
N VAL D 50 38.51 -15.85 16.40
CA VAL D 50 38.86 -14.94 17.48
C VAL D 50 38.38 -15.52 18.80
N SER D 51 39.14 -15.26 19.84
CA SER D 51 38.78 -15.75 21.13
C SER D 51 39.07 -14.76 22.26
N VAL D 52 38.01 -14.46 23.02
CA VAL D 52 37.96 -13.37 23.98
C VAL D 52 37.98 -13.93 25.40
N ARG D 53 38.87 -13.44 26.24
CA ARG D 53 38.87 -13.86 27.64
C ARG D 53 37.77 -13.07 28.46
N THR D 54 36.77 -13.78 28.95
CA THR D 54 35.58 -13.15 29.50
C THR D 54 35.43 -13.09 31.04
N GLY D 55 36.32 -13.75 31.75
CA GLY D 55 36.14 -13.96 33.16
C GLY D 55 37.07 -13.20 34.07
N GLY D 56 37.77 -12.23 33.50
CA GLY D 56 38.49 -11.33 34.37
C GLY D 56 39.31 -12.00 35.45
N LEU D 57 39.15 -11.55 36.68
CA LEU D 57 39.89 -12.14 37.79
C LEU D 57 39.09 -13.25 38.44
N ALA D 58 37.88 -13.52 37.95
CA ALA D 58 37.02 -14.50 38.62
C ALA D 58 37.26 -15.90 38.06
N ASP D 59 37.02 -16.06 36.75
CA ASP D 59 37.28 -17.28 36.02
C ASP D 59 38.47 -17.11 35.07
N LYS D 60 39.63 -17.65 35.42
CA LYS D 60 40.80 -17.47 34.57
C LYS D 60 40.68 -18.19 33.23
N SER D 61 39.98 -19.32 33.20
CA SER D 61 39.94 -20.15 31.99
C SER D 61 38.80 -19.86 31.02
N SER D 62 37.84 -19.05 31.39
CA SER D 62 36.72 -18.97 30.49
C SER D 62 36.98 -18.12 29.21
N ARG D 63 36.40 -18.56 28.10
CA ARG D 63 36.62 -17.89 26.86
C ARG D 63 35.37 -18.06 26.04
N LYS D 64 35.12 -17.10 25.17
CA LYS D 64 34.13 -17.25 24.11
C LYS D 64 34.94 -17.16 22.86
N THR D 65 34.70 -18.09 21.93
CA THR D 65 35.46 -18.24 20.72
C THR D 65 34.56 -18.32 19.50
N TYR D 66 34.92 -17.62 18.42
CA TYR D 66 34.07 -17.48 17.25
C TYR D 66 34.89 -17.61 15.99
N THR D 67 34.19 -17.75 14.89
CA THR D 67 34.82 -18.17 13.67
C THR D 67 34.27 -17.30 12.58
N PHE D 68 35.18 -16.76 11.76
CA PHE D 68 34.75 -15.97 10.64
C PHE D 68 35.46 -16.41 9.38
N ASP D 69 35.10 -15.77 8.27
CA ASP D 69 35.80 -15.98 7.02
C ASP D 69 37.27 -15.62 7.14
N MET D 70 37.58 -14.57 7.87
CA MET D 70 38.99 -14.27 8.06
C MET D 70 39.22 -13.59 9.35
N VAL D 71 40.36 -13.81 9.93
CA VAL D 71 40.72 -13.12 11.12
C VAL D 71 42.12 -12.49 10.98
N PHE D 72 42.22 -11.19 11.25
CA PHE D 72 43.49 -10.46 11.26
C PHE D 72 43.81 -9.97 12.64
N GLY D 73 44.87 -10.50 13.21
CA GLY D 73 45.29 -10.07 14.51
C GLY D 73 46.11 -8.80 14.49
N ALA D 74 46.64 -8.46 15.67
CA ALA D 74 47.13 -7.12 15.95
C ALA D 74 48.33 -6.72 15.11
N SER D 75 49.10 -7.69 14.64
CA SER D 75 50.27 -7.34 13.90
C SER D 75 49.96 -7.27 12.42
N THR D 76 48.71 -7.58 12.05
CA THR D 76 48.35 -7.53 10.63
C THR D 76 48.75 -6.20 10.02
N LYS D 77 49.29 -6.23 8.82
CA LYS D 77 49.69 -5.00 8.11
C LYS D 77 48.72 -4.61 6.97
N GLN D 78 48.57 -3.31 6.69
CA GLN D 78 47.56 -2.85 5.72
C GLN D 78 47.61 -3.62 4.43
N ILE D 79 48.80 -3.77 3.86
CA ILE D 79 48.99 -4.56 2.64
C ILE D 79 48.31 -5.97 2.72
N ASP D 80 48.43 -6.64 3.88
CA ASP D 80 47.69 -7.87 4.11
C ASP D 80 46.20 -7.72 3.93
N VAL D 81 45.62 -6.72 4.60
CA VAL D 81 44.16 -6.57 4.51
C VAL D 81 43.84 -6.42 3.05
N TYR D 82 44.64 -5.62 2.36
CA TYR D 82 44.37 -5.34 0.96
C TYR D 82 44.40 -6.58 0.08
N ARG D 83 45.52 -7.33 0.16
CA ARG D 83 45.68 -8.57 -0.59
C ARG D 83 44.50 -9.52 -0.29
N SER D 84 44.43 -9.95 0.98
CA SER D 84 43.43 -10.89 1.46
C SER D 84 41.99 -10.48 1.20
N VAL D 85 41.65 -9.20 1.42
CA VAL D 85 40.24 -8.79 1.36
C VAL D 85 39.83 -8.14 0.06
N VAL D 86 40.47 -7.02 -0.28
CA VAL D 86 40.05 -6.21 -1.43
C VAL D 86 40.33 -6.79 -2.84
N CYS D 87 41.48 -7.44 -3.04
CA CYS D 87 41.84 -7.93 -4.38
C CYS D 87 40.71 -8.68 -5.07
N PRO D 88 40.19 -9.71 -4.39
CA PRO D 88 39.13 -10.51 -5.00
C PRO D 88 37.85 -9.70 -5.25
N ILE D 89 37.60 -8.65 -4.47
CA ILE D 89 36.42 -7.83 -4.69
C ILE D 89 36.71 -6.90 -5.86
N LEU D 90 37.94 -6.42 -5.91
CA LEU D 90 38.36 -5.57 -7.00
C LEU D 90 38.26 -6.27 -8.36
N ASP D 91 38.71 -7.54 -8.43
CA ASP D 91 38.48 -8.38 -9.62
C ASP D 91 37.00 -8.42 -10.05
N GLU D 92 36.13 -8.62 -9.08
CA GLU D 92 34.71 -8.77 -9.36
C GLU D 92 34.13 -7.47 -9.87
N VAL D 93 34.61 -6.36 -9.30
CA VAL D 93 34.12 -5.04 -9.70
C VAL D 93 34.60 -4.68 -11.12
N ILE D 94 35.85 -4.97 -11.39
CA ILE D 94 36.45 -4.85 -12.71
C ILE D 94 35.72 -5.75 -13.72
N MET D 95 35.24 -6.88 -13.23
CA MET D 95 34.54 -7.85 -14.06
C MET D 95 33.09 -7.41 -14.27
N GLY D 96 32.72 -6.27 -13.71
CA GLY D 96 31.39 -5.69 -13.94
C GLY D 96 30.34 -5.80 -12.85
N TYR D 97 30.77 -6.18 -11.65
CA TYR D 97 29.91 -6.37 -10.47
C TYR D 97 29.53 -5.11 -9.65
N ASN D 98 28.94 -5.33 -8.47
CA ASN D 98 28.74 -4.26 -7.50
C ASN D 98 29.24 -4.68 -6.14
N CYS D 99 30.00 -3.84 -5.47
CA CYS D 99 30.61 -4.29 -4.23
C CYS D 99 30.75 -3.23 -3.14
N THR D 100 30.53 -3.69 -1.92
CA THR D 100 30.46 -2.81 -0.79
C THR D 100 31.33 -3.42 0.27
N ILE D 101 32.12 -2.61 0.94
CA ILE D 101 32.88 -3.12 2.08
C ILE D 101 32.55 -2.23 3.29
N PHE D 102 31.91 -2.75 4.34
CA PHE D 102 31.59 -1.94 5.52
C PHE D 102 32.70 -2.11 6.49
N ALA D 103 33.06 -1.04 7.21
CA ALA D 103 33.82 -1.20 8.45
C ALA D 103 32.89 -0.96 9.64
N TYR D 104 32.87 -1.89 10.58
CA TYR D 104 31.94 -1.85 11.70
C TYR D 104 32.72 -2.08 13.01
N GLY D 105 32.43 -1.28 14.04
CA GLY D 105 33.10 -1.43 15.32
C GLY D 105 33.08 -0.16 16.17
N GLN D 106 33.53 -0.29 17.42
CA GLN D 106 33.56 0.77 18.41
C GLN D 106 34.54 1.87 17.99
N THR D 107 34.28 3.12 18.34
CA THR D 107 35.17 4.22 18.05
C THR D 107 36.52 3.92 18.67
N GLY D 108 37.61 4.18 17.94
CA GLY D 108 38.97 3.89 18.38
C GLY D 108 39.57 2.53 17.97
N THR D 109 38.81 1.76 17.21
CA THR D 109 39.20 0.39 16.90
C THR D 109 39.83 0.16 15.54
N GLY D 110 39.90 1.21 14.73
CA GLY D 110 40.46 1.06 13.41
C GLY D 110 39.57 1.14 12.20
N LYS D 111 38.30 1.44 12.36
CA LYS D 111 37.46 1.65 11.17
C LYS D 111 38.13 2.56 10.12
N THR D 112 38.37 3.84 10.45
CA THR D 112 38.94 4.76 9.47
C THR D 112 40.38 4.36 9.03
N PHE D 113 41.17 3.89 9.99
CA PHE D 113 42.47 3.33 9.72
C PHE D 113 42.45 2.27 8.66
N THR D 114 41.48 1.37 8.75
CA THR D 114 41.28 0.35 7.78
C THR D 114 40.94 0.85 6.36
N MET D 115 39.96 1.74 6.26
CA MET D 115 39.38 2.16 4.98
C MET D 115 40.17 3.22 4.22
N GLU D 116 40.91 4.04 4.96
CA GLU D 116 41.62 5.20 4.41
C GLU D 116 43.05 5.04 4.84
N GLY D 117 43.28 4.99 6.13
CA GLY D 117 44.62 4.86 6.61
C GLY D 117 45.21 6.19 7.00
N GLU D 118 46.52 6.22 7.08
CA GLU D 118 47.23 7.39 7.51
C GLU D 118 48.40 7.65 6.55
N ARG D 119 49.02 8.82 6.66
CA ARG D 119 50.29 9.02 5.96
C ARG D 119 51.37 8.87 7.02
N SER D 120 52.45 8.16 6.68
CA SER D 120 53.56 7.97 7.60
C SER D 120 54.21 9.29 8.00
N PRO D 121 54.92 9.30 9.13
CA PRO D 121 55.42 10.58 9.64
C PRO D 121 56.42 11.24 8.67
N ASN D 122 56.49 12.57 8.74
CA ASN D 122 57.18 13.42 7.76
C ASN D 122 56.68 13.12 6.35
N GLU D 123 57.56 13.13 5.37
CA GLU D 123 57.18 12.67 4.04
C GLU D 123 57.57 11.29 3.53
N GLU D 124 58.11 10.46 4.39
CA GLU D 124 59.01 9.40 3.98
C GLU D 124 58.55 8.56 2.79
N TYR D 125 57.25 8.49 2.56
CA TYR D 125 56.75 7.65 1.49
C TYR D 125 55.88 8.41 0.51
N THR D 126 55.86 7.95 -0.73
CA THR D 126 54.96 8.52 -1.71
C THR D 126 53.59 7.98 -1.28
N TRP D 127 52.49 8.58 -1.69
CA TRP D 127 51.20 8.07 -1.22
C TRP D 127 50.83 6.69 -1.75
N GLU D 128 51.36 6.28 -2.90
CA GLU D 128 51.09 4.92 -3.36
C GLU D 128 52.01 3.94 -2.68
N GLU D 129 53.12 4.43 -2.14
CA GLU D 129 54.03 3.58 -1.37
C GLU D 129 53.90 3.62 0.16
N ASP D 130 52.99 4.42 0.71
CA ASP D 130 52.90 4.52 2.16
C ASP D 130 52.35 3.23 2.76
N PRO D 131 53.11 2.63 3.67
CA PRO D 131 52.67 1.42 4.38
C PRO D 131 51.33 1.63 5.13
N LEU D 132 51.17 2.78 5.81
CA LEU D 132 49.96 3.14 6.57
C LEU D 132 48.76 3.45 5.69
N ALA D 133 48.95 3.42 4.39
CA ALA D 133 47.80 3.63 3.51
C ALA D 133 46.75 2.53 3.64
N GLY D 134 45.48 2.93 3.60
CA GLY D 134 44.39 1.99 3.77
C GLY D 134 43.73 1.50 2.51
N ILE D 135 42.46 1.15 2.59
CA ILE D 135 41.85 0.46 1.49
C ILE D 135 41.66 1.43 0.34
N ILE D 136 41.24 2.66 0.64
CA ILE D 136 40.79 3.57 -0.39
C ILE D 136 41.90 4.03 -1.32
N PRO D 137 42.96 4.60 -0.77
CA PRO D 137 43.97 5.00 -1.73
C PRO D 137 44.41 3.80 -2.57
N ARG D 138 44.47 2.61 -1.98
CA ARG D 138 45.04 1.49 -2.72
C ARG D 138 44.16 1.01 -3.85
N THR D 139 42.86 1.00 -3.64
CA THR D 139 41.98 0.51 -4.68
C THR D 139 42.11 1.49 -5.82
N LEU D 140 42.20 2.77 -5.49
CA LEU D 140 42.28 3.80 -6.51
C LEU D 140 43.60 3.66 -7.26
N HIS D 141 44.66 3.31 -6.54
CA HIS D 141 45.95 3.22 -7.17
C HIS D 141 46.05 1.97 -8.03
N GLN D 142 45.39 0.90 -7.63
CA GLN D 142 45.50 -0.33 -8.37
C GLN D 142 44.43 -0.43 -9.44
N ILE D 143 43.54 0.55 -9.53
CA ILE D 143 42.59 0.51 -10.62
C ILE D 143 43.31 1.00 -11.88
N PHE D 144 44.33 1.81 -11.65
CA PHE D 144 45.11 2.36 -12.75
C PHE D 144 46.15 1.36 -13.24
N GLU D 145 47.06 0.97 -12.35
CA GLU D 145 48.01 -0.10 -12.64
C GLU D 145 47.36 -1.38 -13.22
N LYS D 146 46.12 -1.69 -12.84
CA LYS D 146 45.44 -2.87 -13.39
C LYS D 146 44.79 -2.61 -14.73
N LEU D 147 43.80 -1.72 -14.75
CA LEU D 147 43.01 -1.49 -15.95
C LEU D 147 43.81 -0.83 -17.09
N THR D 148 45.00 -0.32 -16.79
CA THR D 148 45.82 0.25 -17.85
C THR D 148 46.26 -0.79 -18.88
N ASP D 149 46.85 -1.87 -18.40
CA ASP D 149 47.36 -2.93 -19.26
C ASP D 149 46.36 -4.06 -19.48
N ASN D 150 45.14 -3.87 -19.01
CA ASN D 150 44.08 -4.72 -19.49
C ASN D 150 43.77 -4.30 -20.93
N GLY D 151 44.28 -3.12 -21.30
CA GLY D 151 44.27 -2.63 -22.67
C GLY D 151 42.97 -1.99 -23.11
N THR D 152 41.89 -2.27 -22.40
CA THR D 152 40.59 -1.65 -22.71
C THR D 152 40.52 -0.20 -22.20
N GLU D 153 39.64 0.61 -22.79
CA GLU D 153 39.51 2.00 -22.37
C GLU D 153 38.49 2.12 -21.27
N PHE D 154 38.82 2.94 -20.28
CA PHE D 154 38.01 3.05 -19.09
C PHE D 154 38.14 4.42 -18.48
N SER D 155 37.06 4.91 -17.87
CA SER D 155 37.14 6.09 -17.00
C SER D 155 36.79 5.74 -15.54
N VAL D 156 37.35 6.52 -14.62
CA VAL D 156 37.18 6.27 -13.20
C VAL D 156 36.53 7.47 -12.51
N LYS D 157 35.45 7.21 -11.77
CA LYS D 157 34.74 8.25 -11.00
C LYS D 157 34.83 8.01 -9.49
N VAL D 158 34.76 9.08 -8.71
CA VAL D 158 34.72 8.94 -7.27
C VAL D 158 33.82 9.99 -6.67
N SER D 159 32.99 9.60 -5.72
CA SER D 159 32.16 10.53 -4.99
C SER D 159 32.30 10.21 -3.50
N LEU D 160 32.15 11.21 -2.63
CA LEU D 160 32.26 10.98 -1.20
C LEU D 160 31.16 11.65 -0.48
N LEU D 161 30.24 10.94 0.15
CA LEU D 161 29.21 11.64 0.91
C LEU D 161 29.31 11.17 2.32
N GLU D 162 28.84 11.98 3.25
CA GLU D 162 28.87 11.66 4.64
C GLU D 162 27.46 11.81 5.16
N ILE D 163 27.04 10.96 6.10
CA ILE D 163 25.68 11.00 6.63
C ILE D 163 25.71 11.35 8.12
N TYR D 164 25.04 12.41 8.50
CA TYR D 164 25.05 12.85 9.89
C TYR D 164 23.64 13.35 10.28
N ASN D 165 23.13 12.89 11.42
CA ASN D 165 21.79 13.24 11.80
C ASN D 165 20.79 13.06 10.64
N GLU D 166 21.02 12.05 9.80
CA GLU D 166 20.16 11.75 8.64
C GLU D 166 20.12 12.83 7.56
N GLU D 167 21.15 13.66 7.51
CA GLU D 167 21.25 14.59 6.40
C GLU D 167 22.54 14.29 5.66
N LEU D 168 22.52 14.38 4.33
CA LEU D 168 23.73 14.09 3.56
C LEU D 168 24.58 15.33 3.18
N PHE D 169 25.88 15.25 3.39
CA PHE D 169 26.81 16.29 2.97
C PHE D 169 27.72 15.77 1.86
N ASP D 170 28.26 16.67 1.04
CA ASP D 170 29.09 16.28 -0.09
C ASP D 170 30.53 16.72 0.05
N LEU D 171 31.44 15.80 0.33
CA LEU D 171 32.80 16.21 0.63
C LEU D 171 33.62 16.56 -0.59
N LEU D 172 33.20 16.11 -1.77
CA LEU D 172 34.01 16.43 -2.94
C LEU D 172 33.44 17.61 -3.70
N ASN D 173 32.32 18.12 -3.23
CA ASN D 173 31.64 19.19 -3.95
C ASN D 173 32.56 20.41 -4.21
N PRO D 174 32.35 21.10 -5.36
CA PRO D 174 32.96 22.40 -5.66
C PRO D 174 32.60 23.49 -4.65
N SER D 175 31.37 23.50 -4.16
CA SER D 175 30.92 24.54 -3.24
C SER D 175 31.84 24.69 -2.04
N SER D 176 31.98 25.90 -1.53
CA SER D 176 32.81 26.14 -0.36
C SER D 176 32.15 25.83 0.98
N ASP D 177 30.83 25.84 1.07
CA ASP D 177 30.25 25.52 2.37
C ASP D 177 29.94 24.04 2.50
N VAL D 178 30.71 23.35 3.33
CA VAL D 178 30.53 21.91 3.51
C VAL D 178 29.15 21.56 4.01
N SER D 179 28.44 22.52 4.57
CA SER D 179 27.15 22.24 5.14
C SER D 179 26.00 22.24 4.14
N GLU D 180 26.25 22.59 2.88
CA GLU D 180 25.18 22.49 1.88
C GLU D 180 24.73 21.03 1.74
N ARG D 181 23.44 20.78 1.88
CA ARG D 181 22.93 19.42 1.96
C ARG D 181 22.35 18.84 0.66
N LEU D 182 22.68 17.57 0.41
CA LEU D 182 22.11 16.75 -0.66
C LEU D 182 20.69 16.25 -0.40
N GLN D 183 19.97 15.88 -1.44
CA GLN D 183 18.65 15.24 -1.27
C GLN D 183 18.65 13.87 -1.96
N MET D 184 17.71 13.00 -1.60
CA MET D 184 17.83 11.63 -2.04
C MET D 184 16.50 11.07 -2.52
N PHE D 185 16.50 10.62 -3.77
CA PHE D 185 15.29 10.21 -4.46
C PHE D 185 15.41 8.78 -4.97
N ASP D 186 14.27 8.10 -5.12
CA ASP D 186 14.24 6.72 -5.66
C ASP D 186 14.60 6.73 -7.13
N ASP D 187 15.42 5.77 -7.56
CA ASP D 187 15.89 5.76 -8.96
C ASP D 187 14.97 5.01 -9.90
N PRO D 188 14.39 5.72 -10.88
CA PRO D 188 13.53 5.05 -11.87
C PRO D 188 14.20 3.83 -12.52
N ARG D 189 15.45 3.96 -12.96
CA ARG D 189 16.16 2.82 -13.55
C ARG D 189 16.22 1.63 -12.60
N ASN D 190 16.99 1.75 -11.53
CA ASN D 190 17.08 0.63 -10.59
C ASN D 190 15.92 0.52 -9.60
N LYS D 191 15.44 -0.71 -9.38
CA LYS D 191 14.46 -0.98 -8.33
C LYS D 191 14.97 -0.54 -6.95
N ARG D 192 16.04 -1.16 -6.50
CA ARG D 192 16.58 -0.98 -5.15
C ARG D 192 17.49 0.22 -5.00
N GLY D 193 17.62 1.03 -6.05
CA GLY D 193 18.54 2.16 -6.04
C GLY D 193 18.02 3.55 -5.68
N VAL D 194 18.95 4.44 -5.33
CA VAL D 194 18.64 5.83 -5.07
C VAL D 194 19.51 6.73 -5.93
N ILE D 195 18.89 7.79 -6.45
CA ILE D 195 19.59 8.94 -7.00
C ILE D 195 19.95 9.88 -5.85
N ILE D 196 21.23 10.22 -5.69
CA ILE D 196 21.56 11.19 -4.66
C ILE D 196 21.77 12.57 -5.30
N LYS D 197 20.83 13.47 -5.10
CA LYS D 197 20.75 14.68 -5.90
C LYS D 197 21.79 15.71 -5.50
N GLY D 198 22.61 16.10 -6.47
CA GLY D 198 23.56 17.18 -6.30
C GLY D 198 24.93 16.63 -5.95
N LEU D 199 25.04 15.32 -5.92
CA LEU D 199 26.30 14.75 -5.54
C LEU D 199 27.31 15.03 -6.65
N GLU D 200 28.43 15.64 -6.32
CA GLU D 200 29.47 15.82 -7.30
C GLU D 200 30.07 14.48 -7.51
N GLU D 201 30.44 14.16 -8.74
CA GLU D 201 31.22 12.97 -9.04
C GLU D 201 32.44 13.35 -9.86
N ILE D 202 33.64 13.17 -9.33
CA ILE D 202 34.83 13.66 -10.01
C ILE D 202 35.46 12.57 -10.86
N THR D 203 35.50 12.74 -12.17
CA THR D 203 36.30 11.83 -12.99
C THR D 203 37.78 11.98 -12.64
N VAL D 204 38.42 10.85 -12.37
CA VAL D 204 39.83 10.84 -12.05
C VAL D 204 40.47 10.38 -13.34
N HIS D 205 41.14 11.30 -14.03
CA HIS D 205 41.61 10.99 -15.35
C HIS D 205 42.79 10.01 -15.29
N ASN D 206 43.46 9.95 -14.13
CA ASN D 206 44.62 9.07 -13.99
C ASN D 206 45.23 9.08 -12.59
N LYS D 207 46.13 8.14 -12.33
CA LYS D 207 46.67 8.01 -10.99
C LYS D 207 47.36 9.26 -10.42
N ASP D 208 47.77 10.20 -11.24
CA ASP D 208 48.40 11.39 -10.66
C ASP D 208 47.40 12.49 -10.25
N GLU D 209 46.12 12.21 -10.43
CA GLU D 209 45.05 13.10 -10.05
C GLU D 209 44.37 12.73 -8.70
N VAL D 210 44.83 11.64 -8.08
CA VAL D 210 44.13 11.14 -6.92
C VAL D 210 44.38 11.91 -5.62
N TYR D 211 45.62 11.92 -5.16
CA TYR D 211 45.91 12.49 -3.86
C TYR D 211 45.25 13.83 -3.66
N GLN D 212 45.21 14.68 -4.68
CA GLN D 212 44.61 16.00 -4.48
C GLN D 212 43.12 15.91 -4.25
N ILE D 213 42.46 14.94 -4.89
CA ILE D 213 41.04 14.73 -4.61
C ILE D 213 40.86 14.28 -3.16
N LEU D 214 41.60 13.27 -2.73
CA LEU D 214 41.52 12.88 -1.34
C LEU D 214 41.71 14.13 -0.45
N GLU D 215 42.73 14.93 -0.78
CA GLU D 215 43.16 16.03 0.07
C GLU D 215 42.03 17.06 0.18
N LYS D 216 41.37 17.30 -0.95
CA LYS D 216 40.28 18.25 -0.89
C LYS D 216 39.24 17.71 0.10
N GLY D 217 39.01 16.38 0.04
CA GLY D 217 38.11 15.68 0.94
C GLY D 217 38.46 15.86 2.41
N ALA D 218 39.69 15.56 2.80
CA ALA D 218 40.09 15.72 4.17
C ALA D 218 39.72 17.09 4.69
N ALA D 219 40.15 18.12 4.00
CA ALA D 219 39.96 19.49 4.47
C ALA D 219 38.48 19.82 4.71
N LYS D 220 37.65 19.48 3.73
CA LYS D 220 36.24 19.76 3.85
C LYS D 220 35.72 19.02 5.11
N ARG D 221 36.17 17.77 5.28
CA ARG D 221 35.73 17.00 6.42
C ARG D 221 36.17 17.62 7.73
N THR D 222 37.38 18.14 7.75
CA THR D 222 37.91 18.82 8.93
C THR D 222 37.04 20.02 9.29
N THR D 223 36.64 20.81 8.29
CA THR D 223 35.67 21.86 8.54
C THR D 223 34.43 21.27 9.26
N ALA D 224 33.86 20.18 8.73
CA ALA D 224 32.58 19.71 9.23
C ALA D 224 32.69 19.25 10.68
N ALA D 225 33.83 18.68 11.03
CA ALA D 225 34.02 18.26 12.40
C ALA D 225 33.90 19.46 13.37
N THR D 226 34.29 20.67 12.94
CA THR D 226 34.16 21.84 13.81
C THR D 226 32.77 22.43 13.84
N LEU D 227 31.93 22.12 12.85
CA LEU D 227 30.54 22.57 12.89
C LEU D 227 29.59 21.70 13.75
N MET D 228 29.96 20.43 13.92
CA MET D 228 29.00 19.44 14.42
C MET D 228 29.54 18.56 15.55
N ASN D 229 28.80 18.40 16.63
CA ASN D 229 29.34 17.67 17.77
C ASN D 229 29.55 16.23 17.44
N ALA D 230 30.78 15.76 17.72
CA ALA D 230 31.05 14.36 17.65
C ALA D 230 30.92 13.90 16.19
N TYR D 231 31.19 14.83 15.28
CA TYR D 231 31.05 14.54 13.88
C TYR D 231 31.69 13.22 13.48
N SER D 232 32.93 13.02 13.90
CA SER D 232 33.70 11.91 13.37
C SER D 232 33.06 10.59 13.77
N SER D 233 32.80 10.45 15.07
CA SER D 233 32.27 9.21 15.60
C SER D 233 30.77 9.02 15.38
N ARG D 234 30.05 10.06 15.01
CA ARG D 234 28.61 9.91 14.74
C ARG D 234 28.21 9.79 13.29
N SER D 235 29.14 9.92 12.37
CA SER D 235 28.77 10.03 10.97
C SER D 235 29.31 8.84 10.20
N HIS D 236 28.57 8.42 9.19
CA HIS D 236 29.01 7.38 8.27
C HIS D 236 29.61 8.03 7.03
N SER D 237 30.67 7.47 6.43
CA SER D 237 31.08 7.93 5.10
C SER D 237 30.93 6.90 4.01
N VAL D 238 30.37 7.30 2.89
CA VAL D 238 30.30 6.39 1.78
C VAL D 238 31.20 6.91 0.62
N PHE D 239 32.36 6.29 0.44
CA PHE D 239 33.28 6.66 -0.64
C PHE D 239 32.99 5.71 -1.78
N SER D 240 32.85 6.22 -2.99
CA SER D 240 32.40 5.34 -4.05
C SER D 240 33.13 5.52 -5.35
N VAL D 241 33.59 4.41 -5.91
CA VAL D 241 34.30 4.36 -7.17
C VAL D 241 33.40 3.74 -8.25
N THR D 242 33.16 4.46 -9.35
CA THR D 242 32.49 3.84 -10.50
C THR D 242 33.47 3.63 -11.65
N ILE D 243 33.36 2.49 -12.30
CA ILE D 243 34.29 2.13 -13.36
C ILE D 243 33.53 1.74 -14.61
N HIS D 244 33.66 2.52 -15.68
CA HIS D 244 33.09 2.17 -16.99
C HIS D 244 34.13 1.49 -17.86
N MET D 245 33.79 0.37 -18.46
CA MET D 245 34.76 -0.34 -19.26
C MET D 245 34.17 -0.69 -20.63
N LYS D 246 34.86 -0.26 -21.69
CA LYS D 246 34.42 -0.58 -23.05
C LYS D 246 35.26 -1.68 -23.72
N GLU D 247 34.58 -2.53 -24.48
CA GLU D 247 35.16 -3.77 -25.00
C GLU D 247 35.37 -3.72 -26.51
N GLU D 254 31.56 -3.69 -29.80
CA GLU D 254 31.99 -3.15 -28.52
C GLU D 254 30.86 -3.17 -27.48
N LEU D 255 31.20 -3.51 -26.23
CA LEU D 255 30.22 -3.50 -25.12
C LEU D 255 30.71 -2.76 -23.86
N VAL D 256 29.75 -2.27 -23.09
CA VAL D 256 29.98 -1.55 -21.84
C VAL D 256 29.90 -2.48 -20.63
N LYS D 257 30.72 -2.16 -19.63
CA LYS D 257 30.55 -2.75 -18.30
C LYS D 257 30.81 -1.71 -17.20
N ILE D 258 29.95 -1.69 -16.19
CA ILE D 258 30.10 -0.76 -15.08
C ILE D 258 30.28 -1.44 -13.73
N GLY D 259 31.48 -1.34 -13.17
CA GLY D 259 31.71 -1.68 -11.77
C GLY D 259 31.49 -0.52 -10.82
N LYS D 260 30.95 -0.82 -9.64
CA LYS D 260 30.84 0.14 -8.55
C LYS D 260 31.42 -0.49 -7.31
N LEU D 261 32.22 0.26 -6.59
CA LEU D 261 32.71 -0.21 -5.31
C LEU D 261 32.46 0.84 -4.22
N ASN D 262 31.54 0.55 -3.29
CA ASN D 262 31.29 1.41 -2.13
C ASN D 262 32.21 1.09 -0.98
N LEU D 263 32.94 2.07 -0.48
CA LEU D 263 33.71 1.85 0.73
C LEU D 263 33.14 2.67 1.88
N VAL D 264 32.55 1.95 2.82
CA VAL D 264 31.70 2.55 3.78
C VAL D 264 32.36 2.52 5.12
N ASP D 265 32.49 3.67 5.74
CA ASP D 265 33.04 3.76 7.08
C ASP D 265 31.95 4.24 8.06
N LEU D 266 31.45 3.32 8.86
CA LEU D 266 30.27 3.52 9.67
C LEU D 266 30.52 4.24 10.97
N ALA D 267 29.49 4.88 11.49
CA ALA D 267 29.58 5.50 12.78
C ALA D 267 29.88 4.44 13.84
N GLY D 268 30.44 4.85 14.98
CA GLY D 268 30.86 3.92 16.02
C GLY D 268 29.76 3.09 16.63
N SER D 269 30.01 1.80 16.74
CA SER D 269 28.96 0.86 17.15
C SER D 269 28.45 1.10 18.55
N GLU D 270 29.21 1.77 19.39
CA GLU D 270 28.75 2.02 20.73
C GLU D 270 27.50 2.92 20.76
N ASN D 271 27.43 3.90 19.86
CA ASN D 271 26.26 4.81 19.70
C ASN D 271 24.93 4.08 19.51
N ILE D 288 19.58 10.81 14.74
CA ILE D 288 21.01 10.92 15.05
C ILE D 288 21.75 9.57 15.14
N ASN D 289 21.14 8.59 15.80
CA ASN D 289 21.56 7.20 15.70
C ASN D 289 20.71 6.45 14.73
N GLN D 290 19.76 7.14 14.12
CA GLN D 290 18.74 6.46 13.34
C GLN D 290 19.34 5.43 12.39
N SER D 291 20.32 5.90 11.62
CA SER D 291 20.96 5.10 10.59
C SER D 291 21.65 3.85 11.11
N LEU D 292 22.48 3.97 12.13
CA LEU D 292 23.18 2.83 12.72
C LEU D 292 22.16 1.90 13.39
N LEU D 293 21.20 2.49 14.09
CA LEU D 293 20.04 1.78 14.64
C LEU D 293 19.33 0.96 13.58
N THR D 294 19.20 1.49 12.38
CA THR D 294 18.43 0.81 11.35
C THR D 294 19.23 -0.27 10.68
N LEU D 295 20.53 -0.06 10.59
CA LEU D 295 21.37 -1.05 9.95
C LEU D 295 21.23 -2.34 10.77
N GLY D 296 21.09 -2.15 12.07
CA GLY D 296 20.89 -3.25 13.01
C GLY D 296 19.62 -4.03 12.75
N ARG D 297 18.50 -3.32 12.65
CA ARG D 297 17.21 -3.94 12.38
C ARG D 297 17.11 -4.46 10.97
N VAL D 298 17.84 -3.87 10.03
CA VAL D 298 17.79 -4.44 8.70
C VAL D 298 18.48 -5.78 8.78
N ILE D 299 19.60 -5.84 9.49
CA ILE D 299 20.33 -7.10 9.61
C ILE D 299 19.50 -8.21 10.28
N THR D 300 18.93 -7.93 11.45
CA THR D 300 18.05 -8.89 12.12
C THR D 300 16.97 -9.37 11.14
N ALA D 301 16.23 -8.44 10.54
CA ALA D 301 15.18 -8.80 9.61
C ALA D 301 15.65 -9.74 8.49
N LEU D 302 16.92 -9.65 8.10
CA LEU D 302 17.45 -10.49 7.04
C LEU D 302 17.79 -11.88 7.53
N VAL D 303 18.42 -12.00 8.70
CA VAL D 303 18.75 -13.34 9.18
C VAL D 303 17.51 -14.07 9.67
N GLU D 304 16.53 -13.33 10.17
CA GLU D 304 15.31 -13.95 10.70
C GLU D 304 14.23 -14.13 9.64
N ARG D 305 14.57 -13.76 8.41
CA ARG D 305 13.65 -13.85 7.28
C ARG D 305 12.26 -13.35 7.69
N THR D 306 12.18 -12.04 7.89
CA THR D 306 10.93 -11.32 8.09
C THR D 306 10.38 -10.94 6.72
N PRO D 307 9.04 -10.82 6.60
CA PRO D 307 8.45 -10.42 5.31
C PRO D 307 8.84 -9.01 4.80
N HIS D 308 8.77 -7.99 5.65
CA HIS D 308 9.01 -6.59 5.22
C HIS D 308 10.21 -5.94 5.95
N VAL D 309 11.26 -5.67 5.19
CA VAL D 309 12.59 -5.39 5.73
C VAL D 309 12.97 -3.91 5.60
N PRO D 310 13.14 -3.20 6.73
CA PRO D 310 12.95 -1.74 6.84
C PRO D 310 14.06 -0.84 6.24
N TYR D 311 14.43 -1.05 4.99
CA TYR D 311 15.43 -0.21 4.37
C TYR D 311 15.07 1.25 4.56
N ARG D 312 13.85 1.61 4.18
CA ARG D 312 13.49 3.01 4.06
C ARG D 312 13.64 3.81 5.36
N GLU D 313 13.72 3.12 6.47
CA GLU D 313 13.76 3.82 7.76
C GLU D 313 15.06 4.58 8.03
N SER D 314 16.03 4.50 7.12
CA SER D 314 17.25 5.31 7.28
C SER D 314 17.94 5.68 5.98
N LYS D 315 18.62 6.81 5.97
CA LYS D 315 19.38 7.19 4.77
C LYS D 315 20.47 6.17 4.47
N LEU D 316 21.16 5.67 5.51
CA LEU D 316 22.26 4.73 5.29
C LEU D 316 21.76 3.43 4.64
N THR D 317 20.77 2.79 5.27
CA THR D 317 20.26 1.51 4.80
C THR D 317 19.51 1.67 3.51
N ARG D 318 19.13 2.90 3.21
CA ARG D 318 18.50 3.18 1.92
C ARG D 318 19.48 3.28 0.75
N ILE D 319 20.70 3.74 1.02
CA ILE D 319 21.81 3.75 0.05
C ILE D 319 22.51 2.40 -0.06
N LEU D 320 22.43 1.63 1.02
CA LEU D 320 22.94 0.26 1.06
C LEU D 320 21.91 -0.84 0.80
N GLN D 321 20.68 -0.49 0.40
CA GLN D 321 19.64 -1.52 0.27
C GLN D 321 20.11 -2.77 -0.48
N ASP D 322 20.89 -2.60 -1.55
CA ASP D 322 21.36 -3.76 -2.32
C ASP D 322 22.67 -4.32 -1.78
N SER D 323 23.22 -3.67 -0.77
CA SER D 323 24.37 -4.23 -0.09
C SER D 323 23.92 -5.13 1.06
N LEU D 324 22.63 -5.13 1.33
CA LEU D 324 22.07 -6.01 2.34
C LEU D 324 20.88 -6.80 1.79
N GLY D 325 21.06 -8.12 1.66
CA GLY D 325 20.09 -8.94 0.96
C GLY D 325 19.85 -8.50 -0.48
N GLY D 326 20.84 -7.84 -1.10
CA GLY D 326 20.71 -7.36 -2.46
C GLY D 326 21.55 -8.13 -3.48
N ARG D 327 21.72 -7.55 -4.67
CA ARG D 327 22.52 -8.16 -5.72
C ARG D 327 24.02 -7.80 -5.62
N THR D 328 24.33 -6.88 -4.71
CA THR D 328 25.73 -6.51 -4.42
C THR D 328 26.48 -7.65 -3.69
N ARG D 329 27.78 -7.77 -3.93
CA ARG D 329 28.61 -8.69 -3.16
C ARG D 329 29.26 -7.93 -2.01
N THR D 330 28.85 -8.23 -0.78
CA THR D 330 29.23 -7.42 0.37
C THR D 330 30.27 -8.04 1.27
N SER D 331 31.13 -7.22 1.85
CA SER D 331 32.02 -7.67 2.93
C SER D 331 31.96 -6.75 4.13
N ILE D 332 32.26 -7.30 5.30
CA ILE D 332 32.16 -6.55 6.53
C ILE D 332 33.45 -6.71 7.27
N ILE D 333 34.15 -5.63 7.54
CA ILE D 333 35.32 -5.71 8.39
C ILE D 333 34.93 -5.21 9.77
N ALA D 334 34.92 -6.11 10.74
CA ALA D 334 34.51 -5.74 12.08
C ALA D 334 35.75 -5.41 12.85
N THR D 335 35.85 -4.25 13.48
CA THR D 335 37.12 -3.93 14.11
C THR D 335 36.98 -3.95 15.57
N ILE D 336 38.05 -4.25 16.29
CA ILE D 336 37.98 -4.36 17.73
C ILE D 336 39.36 -4.15 18.37
N SER D 337 39.43 -4.16 19.68
CA SER D 337 40.57 -3.64 20.39
C SER D 337 40.94 -4.70 21.41
N PRO D 338 42.22 -4.85 21.70
CA PRO D 338 42.71 -5.91 22.58
C PRO D 338 42.41 -5.78 24.07
N ALA D 339 42.07 -4.60 24.53
CA ALA D 339 42.13 -4.37 25.97
C ALA D 339 40.96 -4.86 26.82
N SER D 340 41.28 -5.23 28.04
CA SER D 340 40.29 -5.62 29.02
C SER D 340 39.12 -4.63 29.15
N LEU D 341 39.45 -3.35 29.24
CA LEU D 341 38.43 -2.34 29.44
C LEU D 341 37.26 -2.54 28.50
N ASN D 342 37.53 -2.94 27.27
CA ASN D 342 36.52 -2.90 26.22
C ASN D 342 35.75 -4.18 26.06
N LEU D 343 35.94 -5.07 27.02
CA LEU D 343 35.35 -6.40 26.95
C LEU D 343 33.88 -6.38 26.48
N GLU D 344 33.02 -5.56 27.06
CA GLU D 344 31.59 -5.60 26.72
CA GLU D 344 31.61 -5.67 26.70
C GLU D 344 31.37 -5.20 25.26
N GLU D 345 32.05 -4.13 24.82
CA GLU D 345 31.96 -3.69 23.41
C GLU D 345 32.60 -4.67 22.41
N THR D 346 33.75 -5.24 22.80
CA THR D 346 34.39 -6.24 21.98
C THR D 346 33.38 -7.41 21.78
N LEU D 347 32.84 -7.99 22.89
CA LEU D 347 31.88 -9.09 22.72
C LEU D 347 30.73 -8.67 21.83
N SER D 348 30.31 -7.43 22.01
CA SER D 348 29.20 -6.93 21.26
C SER D 348 29.39 -6.91 19.74
N THR D 349 30.53 -6.35 19.27
CA THR D 349 30.92 -6.30 17.82
C THR D 349 31.05 -7.69 17.22
N LEU D 350 31.77 -8.58 17.90
CA LEU D 350 31.86 -9.98 17.47
C LEU D 350 30.49 -10.65 17.32
N GLU D 351 29.60 -10.39 18.28
CA GLU D 351 28.29 -11.02 18.26
C GLU D 351 27.46 -10.42 17.14
N TYR D 352 27.73 -9.18 16.80
CA TYR D 352 26.99 -8.54 15.72
C TYR D 352 27.47 -8.99 14.34
N ALA D 353 28.78 -9.06 14.17
CA ALA D 353 29.37 -9.45 12.91
C ALA D 353 28.90 -10.89 12.64
N HIS D 354 29.16 -11.76 13.62
CA HIS D 354 28.68 -13.16 13.63
C HIS D 354 27.20 -13.40 13.31
N ARG D 355 26.29 -12.53 13.75
CA ARG D 355 24.93 -12.60 13.23
C ARG D 355 24.89 -12.35 11.72
N ALA D 356 25.66 -11.39 11.21
CA ALA D 356 25.56 -10.99 9.81
C ALA D 356 26.09 -12.07 8.89
N LYS D 357 26.81 -13.00 9.49
CA LYS D 357 27.37 -14.14 8.79
C LYS D 357 26.29 -15.02 8.17
N ASN D 358 25.04 -14.87 8.64
CA ASN D 358 23.87 -15.59 8.08
C ASN D 358 23.02 -14.82 7.08
N ILE D 359 23.44 -13.61 6.76
CA ILE D 359 22.75 -12.88 5.72
C ILE D 359 23.17 -13.49 4.37
N LEU D 360 22.38 -13.26 3.33
CA LEU D 360 22.71 -13.79 2.01
C LEU D 360 22.61 -12.79 0.84
N ASN D 361 23.52 -12.90 -0.12
CA ASN D 361 23.43 -12.11 -1.34
C ASN D 361 23.33 -12.95 -2.62
N ASN E 18 24.28 36.58 -24.98
CA ASN E 18 23.61 36.25 -23.73
C ASN E 18 22.17 36.77 -23.68
N ILE E 19 21.24 35.91 -24.06
CA ILE E 19 19.93 36.37 -24.52
C ILE E 19 18.95 36.85 -23.44
N GLN E 20 18.32 38.01 -23.67
CA GLN E 20 17.31 38.50 -22.73
C GLN E 20 16.18 37.49 -22.54
N VAL E 21 15.77 37.32 -21.29
CA VAL E 21 14.63 36.47 -20.96
C VAL E 21 13.80 37.20 -19.93
N VAL E 22 12.53 37.46 -20.24
CA VAL E 22 11.64 38.11 -19.29
C VAL E 22 10.46 37.19 -19.04
N VAL E 23 9.58 37.56 -18.12
CA VAL E 23 8.41 36.76 -17.78
C VAL E 23 7.21 37.69 -17.73
N ARG E 24 6.07 37.28 -18.26
CA ARG E 24 4.87 38.11 -18.18
C ARG E 24 3.63 37.35 -17.75
N CYS E 25 3.08 37.72 -16.61
CA CYS E 25 1.98 36.94 -16.10
C CYS E 25 0.65 37.66 -16.32
N ARG E 26 -0.25 37.09 -17.11
CA ARG E 26 -1.58 37.69 -17.26
C ARG E 26 -2.29 37.75 -15.94
N PRO E 27 -3.29 38.62 -15.86
CA PRO E 27 -4.28 38.64 -14.77
C PRO E 27 -5.31 37.54 -14.95
N PHE E 28 -6.07 37.26 -13.90
CA PHE E 28 -7.13 36.26 -13.92
C PHE E 28 -8.20 36.59 -14.95
N ASN E 29 -8.92 35.56 -15.39
CA ASN E 29 -10.05 35.72 -16.30
C ASN E 29 -11.39 35.33 -15.68
N LEU E 30 -12.44 35.32 -16.49
CA LEU E 30 -13.80 34.94 -16.08
C LEU E 30 -13.88 33.54 -15.44
N ALA E 31 -13.59 32.52 -16.26
CA ALA E 31 -13.56 31.14 -15.79
C ALA E 31 -12.81 31.11 -14.47
N GLU E 32 -11.52 31.45 -14.53
CA GLU E 32 -10.67 31.44 -13.35
C GLU E 32 -11.35 32.11 -12.14
N ARG E 33 -11.87 33.31 -12.32
CA ARG E 33 -12.39 34.07 -11.17
C ARG E 33 -13.75 33.53 -10.75
N LYS E 34 -14.46 32.89 -11.66
CA LYS E 34 -15.75 32.30 -11.32
C LYS E 34 -15.62 30.96 -10.60
N ALA E 35 -14.44 30.36 -10.74
CA ALA E 35 -14.11 29.09 -10.06
C ALA E 35 -13.40 29.39 -8.76
N SER E 36 -13.36 30.68 -8.43
CA SER E 36 -12.71 31.16 -7.22
C SER E 36 -11.26 30.74 -7.17
N ALA E 37 -10.51 30.95 -8.25
CA ALA E 37 -9.10 30.58 -8.25
C ALA E 37 -8.24 31.39 -7.28
N HIS E 38 -7.20 30.76 -6.73
CA HIS E 38 -6.22 31.46 -5.89
C HIS E 38 -4.97 31.75 -6.71
N SER E 39 -4.28 32.84 -6.40
CA SER E 39 -3.01 33.16 -7.05
C SER E 39 -1.88 32.38 -6.39
N ILE E 40 -1.03 31.77 -7.20
CA ILE E 40 0.22 31.23 -6.69
C ILE E 40 1.44 32.02 -7.13
N VAL E 41 1.19 33.13 -7.83
CA VAL E 41 2.29 33.90 -8.44
C VAL E 41 2.47 35.30 -7.83
N GLU E 42 3.70 35.65 -7.51
CA GLU E 42 4.09 36.97 -7.04
C GLU E 42 5.33 37.40 -7.78
N CYS E 43 5.24 38.47 -8.56
CA CYS E 43 6.42 39.04 -9.20
C CYS E 43 6.90 40.26 -8.42
N ASP E 44 8.21 40.35 -8.18
CA ASP E 44 8.81 41.57 -7.65
C ASP E 44 9.62 42.21 -8.75
N PRO E 45 9.09 43.28 -9.35
CA PRO E 45 9.81 43.97 -10.43
C PRO E 45 11.16 44.48 -9.97
N VAL E 46 11.24 45.10 -8.80
CA VAL E 46 12.52 45.58 -8.29
C VAL E 46 13.62 44.53 -8.38
N ARG E 47 13.44 43.41 -7.68
CA ARG E 47 14.48 42.36 -7.58
C ARG E 47 14.49 41.35 -8.73
N LYS E 48 13.50 41.48 -9.61
CA LYS E 48 13.43 40.69 -10.84
C LYS E 48 13.21 39.19 -10.61
N GLU E 49 12.40 38.88 -9.61
CA GLU E 49 12.15 37.50 -9.23
C GLU E 49 10.68 37.17 -9.46
N VAL E 50 10.42 35.99 -10.01
CA VAL E 50 9.08 35.43 -9.88
C VAL E 50 9.12 34.38 -8.79
N SER E 51 8.15 34.38 -7.88
CA SER E 51 8.11 33.37 -6.85
C SER E 51 6.82 32.60 -6.97
N VAL E 52 6.91 31.29 -7.15
CA VAL E 52 5.70 30.47 -7.26
C VAL E 52 5.42 29.78 -5.95
N ARG E 53 4.15 29.74 -5.56
CA ARG E 53 3.75 29.05 -4.36
C ARG E 53 3.44 27.57 -4.64
N THR E 54 4.26 26.69 -4.09
CA THR E 54 4.25 25.28 -4.47
C THR E 54 3.62 24.26 -3.54
N GLY E 55 3.15 24.68 -2.38
CA GLY E 55 2.76 23.70 -1.37
C GLY E 55 1.27 23.54 -1.13
N GLY E 56 0.44 24.13 -1.97
CA GLY E 56 -0.98 23.86 -1.91
C GLY E 56 -1.51 23.90 -0.49
N LEU E 57 -2.44 23.02 -0.16
CA LEU E 57 -3.04 22.95 1.17
C LEU E 57 -2.05 22.48 2.22
N ALA E 58 -0.99 21.79 1.80
CA ALA E 58 -0.10 21.13 2.75
C ALA E 58 0.74 22.11 3.56
N ASP E 59 1.35 23.05 2.85
CA ASP E 59 2.22 24.03 3.46
C ASP E 59 2.07 25.40 2.79
N LYS E 60 1.97 26.46 3.58
CA LYS E 60 1.68 27.75 2.98
C LYS E 60 2.95 28.53 2.74
N SER E 61 4.08 27.99 3.20
CA SER E 61 5.35 28.70 3.12
C SER E 61 6.28 28.31 1.99
N SER E 62 5.92 27.33 1.18
CA SER E 62 6.88 26.82 0.22
C SER E 62 6.81 27.59 -1.08
N ARG E 63 7.95 27.85 -1.69
CA ARG E 63 8.00 28.72 -2.86
C ARG E 63 9.10 28.23 -3.75
N LYS E 64 8.89 28.32 -5.06
CA LYS E 64 10.03 28.25 -5.94
C LYS E 64 10.29 29.65 -6.45
N THR E 65 11.56 30.00 -6.56
CA THR E 65 11.95 31.35 -6.90
C THR E 65 12.94 31.36 -8.05
N TYR E 66 12.66 32.21 -9.02
CA TYR E 66 13.47 32.28 -10.22
C TYR E 66 13.79 33.71 -10.50
N THR E 67 15.04 33.96 -10.88
CA THR E 67 15.46 35.32 -11.26
C THR E 67 15.66 35.49 -12.77
N PHE E 68 14.94 36.45 -13.35
CA PHE E 68 15.12 36.73 -14.77
C PHE E 68 15.59 38.16 -15.01
N ASP E 69 15.83 38.50 -16.28
CA ASP E 69 16.22 39.86 -16.67
C ASP E 69 15.13 40.92 -16.47
N MET E 70 13.87 40.58 -16.72
CA MET E 70 12.81 41.46 -16.21
C MET E 70 11.62 40.61 -15.83
N VAL E 71 10.58 41.25 -15.28
CA VAL E 71 9.42 40.54 -14.80
C VAL E 71 8.19 41.43 -14.84
N PHE E 72 7.02 40.90 -15.22
CA PHE E 72 5.82 41.73 -15.38
C PHE E 72 4.56 41.12 -14.78
N GLY E 73 4.00 41.74 -13.75
CA GLY E 73 2.88 41.15 -13.04
C GLY E 73 1.55 41.44 -13.69
N ALA E 74 0.49 40.89 -13.12
CA ALA E 74 -0.81 40.97 -13.78
C ALA E 74 -1.16 42.41 -14.10
N SER E 75 -0.50 43.35 -13.42
CA SER E 75 -0.90 44.74 -13.58
C SER E 75 -0.21 45.40 -14.77
N THR E 76 0.79 44.73 -15.34
CA THR E 76 1.47 45.25 -16.51
C THR E 76 0.53 45.48 -17.69
N LYS E 77 0.73 46.59 -18.37
CA LYS E 77 -0.11 46.93 -19.50
C LYS E 77 0.80 46.95 -20.72
N GLN E 78 0.19 46.83 -21.88
CA GLN E 78 0.96 46.56 -23.09
C GLN E 78 2.02 47.61 -23.35
N ILE E 79 1.62 48.86 -23.26
CA ILE E 79 2.54 49.97 -23.43
C ILE E 79 3.82 49.74 -22.61
N ASP E 80 3.64 49.24 -21.39
CA ASP E 80 4.76 48.98 -20.48
C ASP E 80 5.78 48.04 -21.09
N VAL E 81 5.31 46.86 -21.48
CA VAL E 81 6.18 45.84 -22.06
C VAL E 81 6.89 46.41 -23.26
N TYR E 82 6.15 47.17 -24.07
CA TYR E 82 6.75 47.74 -25.29
C TYR E 82 7.99 48.55 -24.98
N ARG E 83 7.83 49.48 -24.04
CA ARG E 83 8.90 50.32 -23.55
C ARG E 83 10.13 49.54 -23.12
N SER E 84 9.98 48.70 -22.12
CA SER E 84 11.09 47.98 -21.55
C SER E 84 11.78 47.03 -22.51
N VAL E 85 10.98 46.41 -23.38
CA VAL E 85 11.47 45.30 -24.20
C VAL E 85 11.83 45.73 -25.61
N VAL E 86 10.82 46.26 -26.32
CA VAL E 86 10.91 46.41 -27.77
C VAL E 86 11.85 47.52 -28.22
N CYS E 87 11.55 48.77 -27.86
CA CYS E 87 12.34 49.95 -28.29
C CYS E 87 13.84 49.91 -27.96
N PRO E 88 14.18 49.48 -26.73
CA PRO E 88 15.59 49.13 -26.58
C PRO E 88 16.05 48.24 -27.73
N ILE E 89 15.26 47.26 -28.16
CA ILE E 89 15.62 46.36 -29.27
C ILE E 89 15.33 46.92 -30.66
N LEU E 90 14.33 47.79 -30.77
CA LEU E 90 13.99 48.38 -32.06
C LEU E 90 15.10 49.29 -32.56
N ASP E 91 15.66 50.06 -31.65
CA ASP E 91 16.75 50.96 -32.00
C ASP E 91 17.88 50.31 -32.80
N GLU E 92 18.38 49.16 -32.36
CA GLU E 92 19.49 48.54 -33.11
C GLU E 92 19.03 47.66 -34.24
N VAL E 93 17.73 47.48 -34.41
CA VAL E 93 17.30 46.91 -35.67
C VAL E 93 17.64 48.01 -36.64
N ILE E 94 17.34 49.22 -36.20
CA ILE E 94 17.51 50.45 -36.95
C ILE E 94 19.01 50.75 -37.19
N MET E 95 19.86 50.22 -36.33
CA MET E 95 21.29 50.44 -36.43
C MET E 95 21.94 49.41 -37.33
N GLY E 96 21.12 48.54 -37.94
CA GLY E 96 21.61 47.51 -38.84
C GLY E 96 21.74 46.12 -38.23
N TYR E 97 21.41 46.00 -36.95
CA TYR E 97 21.42 44.71 -36.24
C TYR E 97 20.20 43.81 -36.52
N ASN E 98 20.36 42.51 -36.32
CA ASN E 98 19.22 41.57 -36.35
C ASN E 98 18.60 41.30 -34.97
N CYS E 99 17.29 41.06 -34.97
CA CYS E 99 16.59 40.87 -33.70
C CYS E 99 15.46 39.84 -33.77
N THR E 100 15.29 39.12 -32.68
CA THR E 100 14.17 38.21 -32.54
C THR E 100 13.63 38.29 -31.14
N ILE E 101 12.33 38.54 -31.04
CA ILE E 101 11.61 38.41 -29.79
C ILE E 101 10.63 37.24 -29.95
N PHE E 102 10.58 36.30 -29.00
CA PHE E 102 9.54 35.28 -29.12
C PHE E 102 8.84 34.88 -27.84
N ALA E 103 7.54 34.65 -27.96
CA ALA E 103 6.74 34.26 -26.81
C ALA E 103 6.72 32.72 -26.65
N TYR E 104 7.01 32.28 -25.42
CA TYR E 104 7.00 30.86 -25.03
C TYR E 104 6.04 30.70 -23.85
N GLY E 105 5.22 29.64 -23.86
CA GLY E 105 4.41 29.33 -22.68
C GLY E 105 3.13 28.55 -22.98
N GLN E 106 2.45 28.08 -21.95
CA GLN E 106 1.28 27.26 -22.23
C GLN E 106 0.13 28.05 -22.88
N THR E 107 -0.74 27.35 -23.60
CA THR E 107 -1.82 27.99 -24.32
C THR E 107 -2.63 28.71 -23.32
N GLY E 108 -2.98 29.96 -23.60
CA GLY E 108 -3.91 30.70 -22.75
C GLY E 108 -3.28 31.62 -21.73
N THR E 109 -1.97 31.77 -21.76
CA THR E 109 -1.26 32.68 -20.89
C THR E 109 -0.85 34.03 -21.51
N GLY E 110 -1.27 34.31 -22.75
CA GLY E 110 -0.95 35.58 -23.39
C GLY E 110 0.25 35.72 -24.32
N LYS E 111 0.67 34.66 -24.97
CA LYS E 111 1.60 34.81 -26.09
C LYS E 111 1.02 35.71 -27.22
N THR E 112 -0.22 35.47 -27.64
CA THR E 112 -0.71 36.23 -28.78
C THR E 112 -1.06 37.66 -28.39
N PHE E 113 -1.74 37.82 -27.25
CA PHE E 113 -1.99 39.12 -26.64
C PHE E 113 -0.70 39.91 -26.58
N THR E 114 0.34 39.32 -26.01
CA THR E 114 1.63 39.99 -26.02
C THR E 114 2.21 40.37 -27.39
N MET E 115 2.16 39.47 -28.39
CA MET E 115 2.79 39.75 -29.69
C MET E 115 1.87 40.43 -30.70
N GLU E 116 0.57 40.41 -30.45
CA GLU E 116 -0.33 41.03 -31.41
C GLU E 116 -1.23 41.94 -30.61
N GLY E 117 -2.02 41.35 -29.73
CA GLY E 117 -2.88 42.14 -28.89
C GLY E 117 -4.25 42.18 -29.49
N GLU E 118 -5.13 43.00 -28.95
CA GLU E 118 -6.51 43.03 -29.40
C GLU E 118 -6.97 44.38 -29.86
N ARG E 119 -8.08 44.37 -30.60
CA ARG E 119 -8.76 45.58 -30.99
C ARG E 119 -9.77 45.87 -29.90
N SER E 120 -9.64 47.01 -29.24
CA SER E 120 -10.51 47.28 -28.10
C SER E 120 -11.96 47.16 -28.52
N PRO E 121 -12.84 46.91 -27.55
CA PRO E 121 -14.22 46.62 -27.93
C PRO E 121 -14.80 47.76 -28.77
N ASN E 122 -15.71 47.41 -29.67
CA ASN E 122 -16.34 48.35 -30.60
C ASN E 122 -15.35 49.12 -31.46
N GLU E 123 -15.68 50.37 -31.74
CA GLU E 123 -14.85 51.21 -32.61
C GLU E 123 -13.99 52.18 -31.81
N GLU E 124 -14.02 52.02 -30.48
CA GLU E 124 -13.60 53.06 -29.55
C GLU E 124 -12.31 53.82 -29.92
N TYR E 125 -11.16 53.15 -29.96
CA TYR E 125 -9.91 53.86 -30.28
C TYR E 125 -9.53 53.69 -31.72
N THR E 126 -8.37 54.19 -32.07
CA THR E 126 -7.77 53.96 -33.38
C THR E 126 -6.59 53.00 -33.22
N TRP E 127 -6.27 52.26 -34.27
CA TRP E 127 -5.23 51.24 -34.18
C TRP E 127 -3.86 51.74 -33.67
N GLU E 128 -3.47 52.96 -34.03
CA GLU E 128 -2.19 53.48 -33.53
C GLU E 128 -2.33 53.72 -32.03
N GLU E 129 -3.57 54.02 -31.64
CA GLU E 129 -3.93 54.44 -30.29
C GLU E 129 -4.18 53.37 -29.22
N ASP E 130 -4.76 52.23 -29.62
CA ASP E 130 -5.34 51.23 -28.69
C ASP E 130 -4.46 50.76 -27.54
N PRO E 131 -4.95 50.90 -26.29
CA PRO E 131 -4.19 50.41 -25.13
C PRO E 131 -4.04 48.88 -25.15
N LEU E 132 -5.03 48.20 -25.75
CA LEU E 132 -5.01 46.75 -25.88
C LEU E 132 -4.18 46.24 -27.07
N ALA E 133 -3.47 47.11 -27.80
CA ALA E 133 -2.61 46.64 -28.90
C ALA E 133 -1.22 46.21 -28.44
N GLY E 134 -0.64 45.22 -29.11
CA GLY E 134 0.60 44.65 -28.66
C GLY E 134 1.80 44.98 -29.51
N ILE E 135 2.89 44.30 -29.24
CA ILE E 135 4.19 44.57 -29.82
C ILE E 135 4.22 44.77 -31.34
N ILE E 136 3.50 43.97 -32.12
CA ILE E 136 3.58 44.09 -33.58
C ILE E 136 2.95 45.35 -34.19
N PRO E 137 1.70 45.67 -33.83
CA PRO E 137 1.17 46.89 -34.42
C PRO E 137 1.90 48.14 -33.91
N ARG E 138 2.38 48.10 -32.67
CA ARG E 138 3.21 49.17 -32.13
C ARG E 138 4.53 49.28 -32.88
N THR E 139 5.25 48.18 -32.96
CA THR E 139 6.60 48.25 -33.47
C THR E 139 6.60 48.59 -34.95
N LEU E 140 5.44 48.46 -35.59
CA LEU E 140 5.30 48.88 -36.99
C LEU E 140 5.07 50.37 -37.05
N HIS E 141 4.26 50.85 -36.10
CA HIS E 141 3.92 52.27 -36.02
C HIS E 141 5.06 53.19 -35.54
N GLN E 142 6.07 52.63 -34.89
CA GLN E 142 7.27 53.40 -34.57
C GLN E 142 8.41 53.16 -35.56
N ILE E 143 8.19 52.37 -36.60
CA ILE E 143 9.21 52.25 -37.63
C ILE E 143 9.00 53.44 -38.56
N PHE E 144 8.04 54.27 -38.17
CA PHE E 144 7.75 55.50 -38.90
C PHE E 144 7.99 56.76 -38.02
N GLU E 145 7.25 56.88 -36.91
CA GLU E 145 7.36 58.02 -35.98
C GLU E 145 8.78 58.14 -35.45
N LYS E 146 9.60 57.15 -35.77
CA LYS E 146 11.02 57.18 -35.47
C LYS E 146 11.84 57.45 -36.73
N LEU E 147 11.69 56.61 -37.75
CA LEU E 147 12.52 56.75 -38.94
C LEU E 147 12.17 57.89 -39.93
N THR E 148 11.09 58.62 -39.67
CA THR E 148 10.84 59.86 -40.41
C THR E 148 11.67 61.04 -39.87
N ASP E 149 12.00 60.97 -38.58
CA ASP E 149 12.83 61.98 -37.90
C ASP E 149 14.25 61.99 -38.48
N ASN E 150 14.91 60.85 -38.46
CA ASN E 150 16.18 60.68 -39.16
C ASN E 150 15.94 60.88 -40.67
N GLY E 151 14.74 60.53 -41.11
CA GLY E 151 14.34 60.65 -42.50
C GLY E 151 15.17 59.71 -43.38
N THR E 152 15.87 60.33 -44.31
CA THR E 152 16.80 59.64 -45.20
C THR E 152 16.21 58.53 -46.07
N GLU E 153 17.01 57.50 -46.28
CA GLU E 153 16.71 56.50 -47.28
C GLU E 153 16.41 55.20 -46.56
N PHE E 154 15.13 54.83 -46.58
CA PHE E 154 14.65 53.66 -45.86
C PHE E 154 13.42 53.08 -46.55
N SER E 155 13.25 51.77 -46.43
CA SER E 155 11.97 51.15 -46.77
C SER E 155 11.71 49.95 -45.88
N VAL E 156 10.43 49.70 -45.64
CA VAL E 156 10.00 48.58 -44.79
C VAL E 156 9.26 47.44 -45.49
N LYS E 157 9.74 46.22 -45.23
CA LYS E 157 9.08 44.97 -45.60
C LYS E 157 8.55 44.17 -44.38
N VAL E 158 7.33 43.66 -44.50
CA VAL E 158 6.76 42.70 -43.55
C VAL E 158 6.40 41.41 -44.29
N SER E 159 6.77 40.27 -43.72
CA SER E 159 6.27 38.97 -44.17
C SER E 159 5.59 38.23 -42.99
N LEU E 160 4.52 37.46 -43.23
CA LEU E 160 3.92 36.62 -42.15
C LEU E 160 3.68 35.13 -42.49
N LEU E 161 4.46 34.23 -41.91
CA LEU E 161 4.29 32.79 -42.18
C LEU E 161 3.96 31.96 -40.94
N GLU E 162 3.36 30.78 -41.16
CA GLU E 162 2.94 29.90 -40.07
C GLU E 162 3.65 28.61 -40.22
N ILE E 163 4.00 27.99 -39.10
CA ILE E 163 4.47 26.62 -39.16
C ILE E 163 3.50 25.75 -38.41
N TYR E 164 2.85 24.84 -39.11
CA TYR E 164 1.91 23.91 -38.52
C TYR E 164 2.20 22.53 -39.06
N ASN E 165 2.54 21.61 -38.17
CA ASN E 165 2.80 20.25 -38.62
C ASN E 165 3.92 20.23 -39.66
N GLU E 166 4.96 21.02 -39.41
CA GLU E 166 6.13 21.12 -40.30
C GLU E 166 5.74 21.51 -41.73
N GLU E 167 4.82 22.46 -41.87
CA GLU E 167 4.36 22.85 -43.18
C GLU E 167 4.23 24.31 -43.13
N LEU E 168 4.84 25.03 -44.08
CA LEU E 168 4.87 26.49 -44.03
C LEU E 168 3.71 27.12 -44.79
N PHE E 169 3.01 28.05 -44.17
CA PHE E 169 1.89 28.74 -44.79
C PHE E 169 2.18 30.23 -44.76
N ASP E 170 1.58 30.96 -45.70
CA ASP E 170 1.93 32.36 -45.90
C ASP E 170 0.69 33.21 -45.75
N LEU E 171 0.62 34.00 -44.69
CA LEU E 171 -0.64 34.65 -44.39
C LEU E 171 -0.83 36.00 -45.09
N LEU E 172 0.25 36.54 -45.64
CA LEU E 172 0.11 37.77 -46.40
C LEU E 172 -0.03 37.51 -47.90
N ASN E 173 0.23 36.29 -48.32
CA ASN E 173 0.24 35.98 -49.74
C ASN E 173 -1.07 36.33 -50.46
N PRO E 174 -0.98 36.75 -51.75
CA PRO E 174 -2.09 37.08 -52.66
C PRO E 174 -2.94 35.89 -53.11
N SER E 175 -2.38 34.68 -53.15
CA SER E 175 -3.15 33.46 -53.41
C SER E 175 -4.36 33.34 -52.48
N SER E 176 -5.49 32.90 -53.00
CA SER E 176 -6.71 32.92 -52.19
C SER E 176 -6.79 31.74 -51.21
N ASP E 177 -6.09 30.67 -51.55
CA ASP E 177 -6.09 29.48 -50.71
C ASP E 177 -4.93 29.51 -49.73
N VAL E 178 -5.23 29.68 -48.44
CA VAL E 178 -4.19 29.65 -47.43
C VAL E 178 -3.56 28.26 -47.32
N SER E 179 -4.05 27.27 -48.03
CA SER E 179 -3.42 25.97 -47.89
C SER E 179 -2.18 25.79 -48.74
N GLU E 180 -2.01 26.59 -49.80
CA GLU E 180 -0.78 26.54 -50.61
C GLU E 180 0.48 26.74 -49.75
N ARG E 181 1.43 25.82 -49.91
CA ARG E 181 2.57 25.65 -49.01
C ARG E 181 3.94 26.17 -49.53
N LEU E 182 4.66 26.88 -48.66
CA LEU E 182 6.03 27.29 -48.89
C LEU E 182 7.02 26.12 -48.77
N GLN E 183 8.22 26.28 -49.33
CA GLN E 183 9.31 25.38 -49.03
C GLN E 183 10.47 26.22 -48.49
N MET E 184 11.44 25.54 -47.91
CA MET E 184 12.58 26.23 -47.35
C MET E 184 13.87 25.52 -47.69
N PHE E 185 14.91 26.31 -47.93
CA PHE E 185 16.29 25.82 -47.99
C PHE E 185 17.32 26.86 -47.60
N ASP E 186 18.54 26.36 -47.38
CA ASP E 186 19.70 27.16 -47.03
C ASP E 186 20.00 28.29 -48.03
N ASP E 187 20.51 29.40 -47.51
CA ASP E 187 21.02 30.48 -48.33
C ASP E 187 22.54 30.38 -48.35
N PRO E 188 23.15 30.38 -49.54
CA PRO E 188 24.62 30.46 -49.50
C PRO E 188 25.11 31.66 -48.67
N ARG E 189 24.38 32.78 -48.75
CA ARG E 189 24.71 34.01 -48.02
C ARG E 189 24.16 33.94 -46.57
N ASN E 190 25.05 34.03 -45.58
CA ASN E 190 24.73 33.60 -44.21
C ASN E 190 24.38 32.12 -44.02
N LYS E 191 25.40 31.24 -44.01
CA LYS E 191 25.20 29.80 -43.83
C LYS E 191 24.39 29.34 -42.59
N ARG E 192 24.24 30.22 -41.59
CA ARG E 192 23.47 29.92 -40.38
C ARG E 192 21.97 30.27 -40.48
N GLY E 193 21.51 30.54 -41.70
CA GLY E 193 20.14 31.00 -41.93
C GLY E 193 19.60 30.41 -43.22
N VAL E 194 18.32 30.65 -43.51
CA VAL E 194 17.66 30.03 -44.65
C VAL E 194 16.81 31.04 -45.40
N ILE E 195 16.41 30.70 -46.62
CA ILE E 195 15.42 31.52 -47.34
C ILE E 195 14.12 30.75 -47.61
N ILE E 196 13.00 31.42 -47.37
CA ILE E 196 11.69 30.78 -47.44
C ILE E 196 11.20 30.92 -48.89
N LYS E 197 11.18 29.80 -49.61
CA LYS E 197 10.80 29.82 -51.02
C LYS E 197 9.29 30.08 -51.20
N GLY E 198 8.95 31.14 -51.93
CA GLY E 198 7.57 31.47 -52.24
C GLY E 198 6.97 32.54 -51.34
N LEU E 199 7.76 33.05 -50.40
CA LEU E 199 7.17 33.91 -49.38
C LEU E 199 6.97 35.33 -49.88
N GLU E 200 5.72 35.77 -49.88
CA GLU E 200 5.39 37.11 -50.33
C GLU E 200 5.78 38.13 -49.28
N GLU E 201 6.64 39.09 -49.63
CA GLU E 201 7.07 40.13 -48.70
C GLU E 201 6.40 41.43 -49.07
N ILE E 202 5.42 41.85 -48.29
CA ILE E 202 4.76 43.09 -48.58
C ILE E 202 5.67 44.26 -48.23
N THR E 203 5.71 45.27 -49.10
CA THR E 203 6.42 46.52 -48.85
C THR E 203 5.49 47.57 -48.24
N VAL E 204 5.89 48.10 -47.09
CA VAL E 204 4.99 48.93 -46.28
C VAL E 204 5.34 50.43 -46.37
N HIS E 205 4.51 51.19 -47.08
CA HIS E 205 4.84 52.57 -47.44
C HIS E 205 4.51 53.60 -46.35
N ASN E 206 3.68 53.22 -45.39
CA ASN E 206 3.34 54.14 -44.30
C ASN E 206 2.28 53.61 -43.35
N LYS E 207 2.23 54.21 -42.17
CA LYS E 207 1.34 53.76 -41.13
C LYS E 207 -0.10 53.52 -41.64
N ASP E 208 -0.59 54.36 -42.55
CA ASP E 208 -1.98 54.24 -43.02
C ASP E 208 -2.19 53.07 -44.01
N GLU E 209 -1.10 52.40 -44.37
CA GLU E 209 -1.17 51.18 -45.14
C GLU E 209 -1.32 49.94 -44.25
N VAL E 210 -1.13 50.10 -42.93
CA VAL E 210 -0.89 48.93 -42.07
C VAL E 210 -2.08 48.10 -41.58
N TYR E 211 -3.11 48.72 -41.03
CA TYR E 211 -4.21 47.96 -40.42
C TYR E 211 -5.01 47.26 -41.48
N GLN E 212 -4.70 47.51 -42.75
CA GLN E 212 -5.23 46.70 -43.84
C GLN E 212 -4.40 45.46 -44.15
N ILE E 213 -3.08 45.58 -44.05
CA ILE E 213 -2.22 44.46 -44.37
C ILE E 213 -2.27 43.43 -43.23
N LEU E 214 -2.43 43.92 -42.00
CA LEU E 214 -2.65 43.05 -40.86
C LEU E 214 -4.04 42.42 -40.96
N GLU E 215 -5.07 43.22 -41.14
CA GLU E 215 -6.44 42.70 -41.18
C GLU E 215 -6.60 41.63 -42.26
N LYS E 216 -5.71 41.65 -43.24
CA LYS E 216 -5.74 40.64 -44.30
C LYS E 216 -4.86 39.44 -43.99
N GLY E 217 -4.06 39.55 -42.93
CA GLY E 217 -3.42 38.40 -42.35
C GLY E 217 -4.43 37.64 -41.51
N ALA E 218 -5.18 38.38 -40.70
CA ALA E 218 -6.08 37.80 -39.70
C ALA E 218 -7.17 36.95 -40.31
N ALA E 219 -7.54 37.25 -41.55
CA ALA E 219 -8.59 36.49 -42.24
C ALA E 219 -8.05 35.22 -42.87
N LYS E 220 -6.84 35.29 -43.40
CA LYS E 220 -6.21 34.07 -43.86
C LYS E 220 -6.08 33.11 -42.69
N ARG E 221 -5.85 33.65 -41.52
CA ARG E 221 -5.59 32.86 -40.36
C ARG E 221 -6.84 32.21 -39.77
N THR E 222 -7.91 32.97 -39.56
CA THR E 222 -9.10 32.33 -39.03
C THR E 222 -9.61 31.26 -40.02
N THR E 223 -9.28 31.43 -41.29
CA THR E 223 -9.58 30.39 -42.26
C THR E 223 -8.75 29.11 -42.03
N ALA E 224 -7.44 29.25 -41.91
CA ALA E 224 -6.61 28.10 -41.63
C ALA E 224 -7.14 27.38 -40.40
N ALA E 225 -7.72 28.12 -39.47
CA ALA E 225 -8.16 27.52 -38.23
C ALA E 225 -9.33 26.57 -38.46
N THR E 226 -10.17 26.85 -39.46
CA THR E 226 -11.34 26.01 -39.75
C THR E 226 -10.92 24.83 -40.60
N LEU E 227 -9.63 24.72 -40.85
CA LEU E 227 -9.07 23.81 -41.85
C LEU E 227 -8.23 22.71 -41.18
N MET E 228 -7.25 23.14 -40.38
CA MET E 228 -6.44 22.23 -39.59
C MET E 228 -6.86 22.18 -38.11
N ASN E 229 -6.83 20.99 -37.51
CA ASN E 229 -7.28 20.85 -36.11
C ASN E 229 -6.34 21.45 -35.09
N ALA E 230 -6.89 22.24 -34.19
CA ALA E 230 -6.07 22.82 -33.13
C ALA E 230 -4.99 23.70 -33.74
N TYR E 231 -5.34 24.34 -34.84
CA TYR E 231 -4.36 25.15 -35.57
C TYR E 231 -3.90 26.23 -34.63
N SER E 232 -4.84 26.84 -33.93
CA SER E 232 -4.48 28.01 -33.17
C SER E 232 -3.37 27.74 -32.15
N SER E 233 -3.47 26.67 -31.39
CA SER E 233 -2.45 26.35 -30.39
C SER E 233 -1.32 25.44 -30.84
N ARG E 234 -1.42 24.83 -32.01
CA ARG E 234 -0.31 24.01 -32.44
C ARG E 234 0.69 24.65 -33.38
N SER E 235 0.36 25.84 -33.91
CA SER E 235 1.16 26.48 -34.95
C SER E 235 2.09 27.56 -34.40
N HIS E 236 3.27 27.66 -34.99
CA HIS E 236 4.22 28.73 -34.70
C HIS E 236 4.03 29.84 -35.73
N SER E 237 4.08 31.09 -35.26
CA SER E 237 3.77 32.23 -36.09
C SER E 237 4.93 33.19 -36.13
N VAL E 238 5.53 33.37 -37.30
CA VAL E 238 6.71 34.21 -37.45
C VAL E 238 6.42 35.49 -38.25
N PHE E 239 6.34 36.62 -37.56
CA PHE E 239 6.15 37.92 -38.21
C PHE E 239 7.48 38.68 -38.41
N SER E 240 7.76 39.14 -39.63
CA SER E 240 9.07 39.73 -39.91
C SER E 240 9.06 41.11 -40.56
N VAL E 241 9.50 42.11 -39.79
CA VAL E 241 9.61 43.48 -40.24
C VAL E 241 11.03 43.70 -40.67
N THR E 242 11.23 43.96 -41.95
CA THR E 242 12.57 44.20 -42.47
C THR E 242 12.76 45.64 -42.94
N ILE E 243 13.88 46.25 -42.56
CA ILE E 243 14.15 47.65 -42.90
C ILE E 243 15.51 47.91 -43.56
N HIS E 244 15.46 48.43 -44.78
CA HIS E 244 16.66 48.79 -45.55
C HIS E 244 16.95 50.27 -45.42
N MET E 245 18.17 50.62 -44.98
CA MET E 245 18.50 52.04 -44.77
C MET E 245 19.87 52.45 -45.27
N LYS E 246 19.90 53.51 -46.07
CA LYS E 246 21.15 54.20 -46.44
C LYS E 246 21.14 55.60 -45.83
N VAL E 256 24.45 52.62 -45.56
CA VAL E 256 23.60 51.73 -46.35
C VAL E 256 23.46 50.31 -45.77
N LYS E 257 22.66 50.17 -44.70
CA LYS E 257 22.57 48.93 -43.93
C LYS E 257 21.13 48.40 -43.66
N ILE E 258 21.00 47.06 -43.61
CA ILE E 258 19.71 46.39 -43.37
C ILE E 258 19.57 45.81 -41.98
N GLY E 259 18.62 46.31 -41.20
CA GLY E 259 18.16 45.60 -40.01
C GLY E 259 16.91 44.73 -40.21
N LYS E 260 16.80 43.63 -39.48
CA LYS E 260 15.65 42.75 -39.60
C LYS E 260 15.17 42.30 -38.24
N LEU E 261 13.87 42.39 -37.99
CA LEU E 261 13.27 42.00 -36.70
C LEU E 261 12.23 40.86 -36.86
N ASN E 262 12.56 39.65 -36.41
CA ASN E 262 11.62 38.51 -36.42
C ASN E 262 10.80 38.46 -35.13
N LEU E 263 9.48 38.66 -35.22
CA LEU E 263 8.63 38.53 -34.01
C LEU E 263 7.89 37.18 -33.99
N VAL E 264 8.35 36.27 -33.13
CA VAL E 264 7.89 34.89 -33.17
C VAL E 264 6.88 34.54 -32.07
N ASP E 265 5.74 33.98 -32.46
CA ASP E 265 4.73 33.59 -31.48
C ASP E 265 4.53 32.06 -31.48
N LEU E 266 5.08 31.38 -30.47
CA LEU E 266 5.16 29.92 -30.51
C LEU E 266 3.86 29.17 -30.18
N ALA E 267 3.82 27.91 -30.57
CA ALA E 267 2.80 27.00 -30.09
C ALA E 267 2.98 26.78 -28.58
N GLY E 268 1.91 26.33 -27.91
CA GLY E 268 1.87 26.28 -26.46
C GLY E 268 2.83 25.24 -25.89
N SER E 269 3.40 25.52 -24.73
CA SER E 269 4.45 24.68 -24.19
C SER E 269 3.89 23.36 -23.70
N GLU E 270 2.58 23.33 -23.49
CA GLU E 270 1.98 22.12 -22.97
C GLU E 270 2.14 20.97 -23.98
N ASN E 271 2.63 21.29 -25.16
CA ASN E 271 2.71 20.39 -26.33
C ASN E 271 1.46 20.46 -27.24
N ILE E 288 3.12 17.12 -35.52
CA ILE E 288 2.49 18.30 -34.94
C ILE E 288 3.40 18.98 -33.90
N ASN E 289 4.15 18.18 -33.16
CA ASN E 289 5.07 18.70 -32.13
C ASN E 289 6.58 18.78 -32.40
N GLN E 290 7.01 18.43 -33.60
CA GLN E 290 8.44 18.33 -33.93
C GLN E 290 9.22 19.66 -33.81
N SER E 291 8.61 20.76 -34.25
CA SER E 291 9.23 22.06 -34.05
C SER E 291 9.36 22.42 -32.58
N LEU E 292 8.26 22.37 -31.85
CA LEU E 292 8.30 22.68 -30.42
C LEU E 292 9.27 21.78 -29.67
N LEU E 293 9.12 20.48 -29.90
CA LEU E 293 10.04 19.46 -29.37
C LEU E 293 11.49 19.80 -29.67
N THR E 294 11.78 20.03 -30.94
CA THR E 294 13.16 20.26 -31.36
C THR E 294 13.69 21.53 -30.74
N LEU E 295 12.88 22.58 -30.67
CA LEU E 295 13.36 23.82 -30.08
C LEU E 295 14.07 23.46 -28.79
N GLY E 296 13.38 22.72 -27.92
CA GLY E 296 13.91 22.39 -26.60
C GLY E 296 15.13 21.52 -26.69
N ARG E 297 15.06 20.58 -27.62
CA ARG E 297 16.18 19.70 -27.91
C ARG E 297 17.42 20.48 -28.31
N VAL E 298 17.23 21.61 -28.95
CA VAL E 298 18.31 22.49 -29.34
C VAL E 298 18.78 23.40 -28.21
N ILE E 299 17.85 23.93 -27.43
CA ILE E 299 18.22 24.76 -26.30
C ILE E 299 19.08 23.99 -25.28
N THR E 300 18.68 22.77 -24.96
CA THR E 300 19.45 21.88 -24.07
C THR E 300 20.88 21.61 -24.56
N ALA E 301 21.03 21.51 -25.88
CA ALA E 301 22.32 21.28 -26.51
C ALA E 301 23.24 22.50 -26.45
N LEU E 302 22.67 23.69 -26.34
CA LEU E 302 23.48 24.90 -26.20
C LEU E 302 23.98 25.01 -24.77
N VAL E 303 23.11 24.72 -23.82
CA VAL E 303 23.43 24.89 -22.42
C VAL E 303 24.35 23.78 -21.89
N GLU E 304 24.33 22.61 -22.53
CA GLU E 304 25.24 21.54 -22.14
C GLU E 304 26.48 21.38 -23.02
N ARG E 305 26.58 22.21 -24.07
CA ARG E 305 27.68 22.09 -25.02
C ARG E 305 27.72 20.72 -25.68
N THR E 306 26.70 20.40 -26.48
CA THR E 306 26.67 19.14 -27.22
C THR E 306 27.37 19.36 -28.57
N PRO E 307 27.95 18.30 -29.15
CA PRO E 307 28.90 18.60 -30.23
C PRO E 307 28.33 19.38 -31.42
N HIS E 308 27.23 18.93 -32.03
CA HIS E 308 26.62 19.63 -33.16
C HIS E 308 25.10 19.59 -32.99
N VAL E 309 24.51 20.80 -32.96
CA VAL E 309 23.13 21.02 -32.52
C VAL E 309 22.08 20.74 -33.63
N PRO E 310 20.89 20.23 -33.24
CA PRO E 310 20.01 19.78 -34.32
C PRO E 310 19.12 20.86 -34.91
N TYR E 311 19.68 21.99 -35.30
CA TYR E 311 18.87 23.05 -35.88
C TYR E 311 18.05 22.50 -37.07
N ARG E 312 18.53 21.41 -37.65
CA ARG E 312 18.04 20.90 -38.93
C ARG E 312 16.75 20.07 -38.82
N GLU E 313 16.49 19.54 -37.62
CA GLU E 313 15.40 18.58 -37.43
C GLU E 313 14.01 19.21 -37.45
N SER E 314 13.90 20.54 -37.33
CA SER E 314 12.60 21.19 -37.50
C SER E 314 12.66 22.57 -38.16
N LYS E 315 11.59 22.92 -38.89
CA LYS E 315 11.48 24.20 -39.59
C LYS E 315 11.65 25.39 -38.65
N LEU E 316 11.12 25.30 -37.45
CA LEU E 316 11.24 26.41 -36.52
C LEU E 316 12.71 26.68 -36.16
N THR E 317 13.42 25.62 -35.83
CA THR E 317 14.81 25.75 -35.45
C THR E 317 15.70 26.11 -36.64
N ARG E 318 15.17 25.98 -37.85
CA ARG E 318 15.88 26.46 -39.03
C ARG E 318 15.70 27.96 -39.24
N ILE E 319 14.47 28.43 -39.17
CA ILE E 319 14.21 29.86 -39.11
C ILE E 319 14.91 30.50 -37.91
N LEU E 320 14.95 29.82 -36.78
CA LEU E 320 15.54 30.41 -35.59
C LEU E 320 17.02 30.05 -35.35
N GLN E 321 17.65 29.37 -36.30
CA GLN E 321 19.04 28.99 -36.11
C GLN E 321 19.94 30.15 -35.74
N ASP E 322 19.74 31.31 -36.39
CA ASP E 322 20.57 32.49 -36.14
C ASP E 322 20.18 33.21 -34.84
N SER E 323 19.00 32.90 -34.32
CA SER E 323 18.52 33.55 -33.12
C SER E 323 18.94 32.78 -31.86
N LEU E 324 19.44 31.55 -32.02
CA LEU E 324 19.87 30.74 -30.88
C LEU E 324 21.28 30.19 -31.07
N GLY E 325 22.24 30.72 -30.31
CA GLY E 325 23.63 30.38 -30.51
C GLY E 325 24.19 30.93 -31.82
N GLY E 326 23.42 31.82 -32.45
CA GLY E 326 23.79 32.41 -33.73
C GLY E 326 24.14 33.88 -33.65
N ARG E 327 23.99 34.58 -34.78
CA ARG E 327 24.42 35.97 -34.90
C ARG E 327 23.35 37.00 -34.52
N THR E 328 22.12 36.56 -34.29
CA THR E 328 21.03 37.47 -33.91
C THR E 328 21.06 37.84 -32.42
N ARG E 329 20.49 39.00 -32.07
CA ARG E 329 20.31 39.39 -30.66
C ARG E 329 18.86 39.16 -30.25
N THR E 330 18.60 38.20 -29.37
CA THR E 330 17.23 37.75 -29.16
C THR E 330 16.69 37.83 -27.73
N SER E 331 15.38 37.83 -27.65
CA SER E 331 14.74 37.82 -26.37
C SER E 331 13.54 36.88 -26.28
N ILE E 332 13.49 36.12 -25.20
CA ILE E 332 12.32 35.30 -24.90
C ILE E 332 11.42 36.05 -23.92
N ILE E 333 10.14 36.13 -24.25
CA ILE E 333 9.13 36.60 -23.30
C ILE E 333 8.29 35.39 -22.87
N ALA E 334 8.38 35.00 -21.61
CA ALA E 334 7.73 33.78 -21.17
C ALA E 334 6.50 34.14 -20.42
N THR E 335 5.40 33.57 -20.83
CA THR E 335 4.14 33.90 -20.23
C THR E 335 3.67 32.81 -19.27
N ILE E 336 2.93 33.20 -18.24
CA ILE E 336 2.55 32.29 -17.20
C ILE E 336 1.23 32.79 -16.69
N SER E 337 0.52 31.95 -15.92
CA SER E 337 -0.80 32.28 -15.44
C SER E 337 -0.70 32.38 -13.94
N PRO E 338 -1.51 33.24 -13.31
CA PRO E 338 -1.43 33.37 -11.86
C PRO E 338 -2.02 32.18 -11.11
N ALA E 339 -2.82 31.36 -11.78
CA ALA E 339 -3.72 30.44 -11.06
C ALA E 339 -3.10 29.12 -10.54
N SER E 340 -3.59 28.69 -9.39
CA SER E 340 -3.16 27.45 -8.78
C SER E 340 -3.31 26.24 -9.74
N LEU E 341 -4.39 26.21 -10.51
CA LEU E 341 -4.65 25.08 -11.41
C LEU E 341 -3.43 24.79 -12.26
N ASN E 342 -2.78 25.84 -12.74
CA ASN E 342 -1.73 25.74 -13.75
C ASN E 342 -0.29 25.58 -13.21
N LEU E 343 -0.18 25.31 -11.91
CA LEU E 343 1.12 25.22 -11.23
C LEU E 343 2.18 24.44 -11.98
N GLU E 344 1.87 23.23 -12.44
CA GLU E 344 2.90 22.44 -13.13
C GLU E 344 3.43 23.14 -14.36
N GLU E 345 2.52 23.57 -15.24
CA GLU E 345 2.89 24.35 -16.41
C GLU E 345 3.73 25.59 -16.09
N THR E 346 3.26 26.38 -15.12
CA THR E 346 3.96 27.56 -14.71
C THR E 346 5.36 27.21 -14.26
N LEU E 347 5.50 26.16 -13.48
CA LEU E 347 6.85 25.71 -13.11
C LEU E 347 7.74 25.23 -14.30
N SER E 348 7.17 24.54 -15.27
CA SER E 348 7.97 24.08 -16.41
C SER E 348 8.33 25.23 -17.33
N THR E 349 7.45 26.25 -17.38
CA THR E 349 7.73 27.43 -18.19
C THR E 349 8.85 28.25 -17.56
N LEU E 350 8.70 28.56 -16.28
CA LEU E 350 9.74 29.28 -15.57
C LEU E 350 11.05 28.49 -15.67
N GLU E 351 10.96 27.18 -15.49
CA GLU E 351 12.17 26.36 -15.48
C GLU E 351 12.86 26.35 -16.83
N TYR E 352 12.06 26.44 -17.89
CA TYR E 352 12.57 26.41 -19.27
C TYR E 352 13.14 27.75 -19.66
N ALA E 353 12.40 28.80 -19.37
CA ALA E 353 12.87 30.15 -19.68
C ALA E 353 14.18 30.41 -18.95
N HIS E 354 14.22 30.12 -17.66
CA HIS E 354 15.44 30.33 -16.89
C HIS E 354 16.62 29.51 -17.44
N ARG E 355 16.30 28.53 -18.29
CA ARG E 355 17.33 27.68 -18.89
C ARG E 355 18.04 28.40 -20.01
N ALA E 356 17.27 29.14 -20.80
CA ALA E 356 17.75 29.81 -22.00
C ALA E 356 18.58 31.05 -21.66
N LYS E 357 18.47 31.51 -20.41
CA LYS E 357 19.21 32.68 -19.97
C LYS E 357 20.72 32.49 -20.08
N ASN E 358 21.16 31.24 -20.06
CA ASN E 358 22.57 30.90 -20.15
C ASN E 358 23.02 30.63 -21.59
N ILE E 359 22.09 30.72 -22.52
CA ILE E 359 22.47 30.61 -23.93
C ILE E 359 23.25 31.86 -24.33
N LEU E 360 24.46 31.64 -24.82
CA LEU E 360 25.32 32.75 -25.24
C LEU E 360 25.20 33.00 -26.75
N ASN E 361 24.94 34.25 -27.09
CA ASN E 361 24.67 34.66 -28.46
C ASN E 361 25.60 35.80 -28.85
N LYS E 362 26.42 35.62 -29.89
CA LYS E 362 27.31 36.70 -30.31
C LYS E 362 26.94 37.37 -31.64
N PRO E 363 26.36 38.58 -31.57
CA PRO E 363 26.03 39.36 -32.78
C PRO E 363 27.15 40.32 -33.19
N ASN F 18 -4.19 43.07 17.82
CA ASN F 18 -3.30 41.92 17.66
C ASN F 18 -1.93 42.10 18.34
N ILE F 19 -1.02 41.14 18.16
CA ILE F 19 0.34 41.27 18.72
C ILE F 19 1.45 41.18 17.69
N GLN F 20 2.50 41.95 17.91
CA GLN F 20 3.49 42.17 16.89
C GLN F 20 4.73 41.28 17.03
N VAL F 21 5.22 40.80 15.89
CA VAL F 21 6.34 39.92 15.81
C VAL F 21 7.23 40.49 14.75
N VAL F 22 8.47 40.81 15.08
CA VAL F 22 9.40 41.14 14.02
C VAL F 22 10.56 40.11 13.96
N VAL F 23 11.45 40.21 12.97
CA VAL F 23 12.47 39.17 12.81
C VAL F 23 13.76 39.86 12.46
N ARG F 24 14.80 39.63 13.24
CA ARG F 24 16.06 40.27 12.96
C ARG F 24 17.16 39.27 12.58
N CYS F 25 17.94 39.57 11.54
CA CYS F 25 18.94 38.61 11.16
C CYS F 25 20.36 39.06 11.34
N ARG F 26 21.03 38.46 12.29
CA ARG F 26 22.41 38.80 12.58
C ARG F 26 23.30 38.58 11.32
N PRO F 27 24.48 39.20 11.27
CA PRO F 27 25.44 38.88 10.21
C PRO F 27 26.47 37.80 10.56
N PHE F 28 27.32 37.47 9.60
CA PHE F 28 28.27 36.37 9.73
C PHE F 28 29.34 36.65 10.75
N ASN F 29 29.54 35.70 11.67
CA ASN F 29 30.58 35.85 12.66
C ASN F 29 31.88 35.40 12.08
N LEU F 30 32.91 35.31 12.91
CA LEU F 30 34.24 35.02 12.39
C LEU F 30 34.26 33.57 11.99
N ALA F 31 34.07 32.69 12.96
CA ALA F 31 34.06 31.25 12.71
C ALA F 31 33.17 30.92 11.50
N GLU F 32 31.95 31.44 11.50
CA GLU F 32 31.03 31.26 10.38
C GLU F 32 31.75 31.62 9.11
N ARG F 33 32.41 32.76 9.18
CA ARG F 33 33.07 33.31 8.02
C ARG F 33 34.32 32.50 7.67
N LYS F 34 34.97 31.95 8.70
CA LYS F 34 36.20 31.19 8.49
C LYS F 34 35.91 29.86 7.78
N ALA F 35 34.74 29.32 8.09
CA ALA F 35 34.27 28.02 7.61
C ALA F 35 33.65 28.14 6.22
N SER F 36 33.74 29.35 5.65
CA SER F 36 33.27 29.70 4.31
C SER F 36 31.77 29.52 4.17
N ALA F 37 31.00 29.97 5.15
CA ALA F 37 29.56 29.80 5.08
C ALA F 37 28.87 30.56 3.93
N HIS F 38 27.75 30.03 3.46
CA HIS F 38 26.87 30.70 2.50
C HIS F 38 25.64 31.20 3.20
N SER F 39 25.09 32.29 2.70
CA SER F 39 23.85 32.77 3.27
C SER F 39 22.71 32.02 2.63
N ILE F 40 21.84 31.52 3.49
CA ILE F 40 20.52 31.08 3.07
C ILE F 40 19.36 32.00 3.36
N VAL F 41 19.63 33.17 3.94
CA VAL F 41 18.55 34.06 4.35
C VAL F 41 18.56 35.34 3.55
N GLU F 42 17.37 35.77 3.12
CA GLU F 42 17.23 37.08 2.50
C GLU F 42 16.01 37.76 3.03
N CYS F 43 16.21 38.96 3.59
CA CYS F 43 15.12 39.77 4.16
C CYS F 43 14.72 40.91 3.22
N ASP F 44 13.42 41.18 3.17
CA ASP F 44 12.89 42.22 2.31
C ASP F 44 12.04 43.14 3.17
N PRO F 45 12.65 44.23 3.69
CA PRO F 45 12.07 45.15 4.69
C PRO F 45 10.79 45.78 4.16
N VAL F 46 10.77 46.17 2.90
CA VAL F 46 9.54 46.71 2.29
C VAL F 46 8.43 45.66 2.23
N ARG F 47 8.77 44.50 1.68
CA ARG F 47 7.79 43.45 1.48
C ARG F 47 7.41 42.76 2.81
N LYS F 48 8.25 42.93 3.83
CA LYS F 48 8.02 42.35 5.16
C LYS F 48 8.08 40.82 5.20
N GLU F 49 9.02 40.29 4.42
CA GLU F 49 9.19 38.85 4.24
C GLU F 49 10.61 38.40 4.62
N VAL F 50 10.74 37.18 5.16
CA VAL F 50 12.04 36.46 5.15
C VAL F 50 11.91 35.27 4.23
N SER F 51 12.94 35.04 3.42
CA SER F 51 12.91 33.90 2.50
C SER F 51 14.17 33.09 2.70
N VAL F 52 13.96 31.84 3.16
CA VAL F 52 15.07 30.98 3.54
C VAL F 52 15.31 30.03 2.40
N ARG F 53 16.55 29.91 1.94
CA ARG F 53 16.84 29.00 0.88
C ARG F 53 16.91 27.60 1.52
N THR F 54 16.02 26.70 1.09
CA THR F 54 16.00 25.32 1.59
C THR F 54 16.61 24.18 0.73
N GLY F 55 17.04 24.46 -0.49
CA GLY F 55 17.29 23.36 -1.40
C GLY F 55 18.69 22.78 -1.43
N GLY F 56 19.57 23.31 -0.59
CA GLY F 56 20.92 22.80 -0.54
C GLY F 56 21.55 22.67 -1.89
N LEU F 57 22.17 21.52 -2.15
CA LEU F 57 22.84 21.30 -3.42
C LEU F 57 21.86 20.77 -4.46
N ALA F 58 20.67 20.40 -4.02
CA ALA F 58 19.77 19.67 -4.91
C ALA F 58 19.06 20.54 -5.93
N ASP F 59 18.49 21.65 -5.47
CA ASP F 59 17.89 22.63 -6.40
C ASP F 59 18.06 24.08 -5.93
N LYS F 60 18.30 24.98 -6.86
CA LYS F 60 18.54 26.38 -6.52
C LYS F 60 17.23 27.12 -6.24
N SER F 61 16.12 26.55 -6.67
CA SER F 61 14.83 27.26 -6.66
C SER F 61 14.05 27.32 -5.34
N SER F 62 14.21 26.31 -4.49
CA SER F 62 13.29 26.08 -3.37
C SER F 62 13.46 27.08 -2.26
N ARG F 63 12.36 27.42 -1.60
CA ARG F 63 12.42 28.38 -0.51
C ARG F 63 11.27 28.22 0.46
N LYS F 64 11.46 28.72 1.68
CA LYS F 64 10.35 28.90 2.61
C LYS F 64 10.26 30.37 2.92
N THR F 65 9.04 30.87 3.03
CA THR F 65 8.86 32.31 3.06
C THR F 65 7.77 32.75 4.01
N TYR F 66 8.08 33.75 4.83
CA TYR F 66 7.14 34.19 5.84
C TYR F 66 7.09 35.72 5.88
N THR F 67 5.87 36.23 5.97
CA THR F 67 5.65 37.67 6.06
C THR F 67 5.47 38.06 7.53
N PHE F 68 6.19 39.10 7.93
CA PHE F 68 6.16 39.56 9.32
C PHE F 68 5.79 41.04 9.40
N ASP F 69 5.80 41.58 10.63
CA ASP F 69 5.49 42.99 10.84
C ASP F 69 6.67 43.90 10.52
N MET F 70 7.86 43.48 10.92
CA MET F 70 9.06 44.16 10.46
C MET F 70 10.19 43.15 10.29
N VAL F 71 11.07 43.38 9.34
CA VAL F 71 12.12 42.42 9.08
C VAL F 71 13.43 43.17 8.90
N PHE F 72 14.42 42.92 9.76
CA PHE F 72 15.67 43.63 9.65
C PHE F 72 16.76 42.69 9.15
N GLY F 73 17.38 43.04 8.02
CA GLY F 73 18.47 42.28 7.46
C GLY F 73 19.73 42.53 8.25
N ALA F 74 20.78 41.75 7.97
CA ALA F 74 22.04 41.84 8.72
C ALA F 74 22.62 43.24 8.89
N SER F 75 22.75 43.97 7.79
CA SER F 75 23.32 45.30 7.80
C SER F 75 22.63 46.14 8.85
N THR F 76 21.36 45.83 9.15
CA THR F 76 20.60 46.67 10.04
C THR F 76 21.41 46.90 11.30
N LYS F 77 21.62 48.16 11.63
CA LYS F 77 22.40 48.53 12.80
C LYS F 77 21.45 48.73 13.98
N GLN F 78 22.01 49.01 15.15
CA GLN F 78 21.23 49.00 16.38
C GLN F 78 20.17 50.11 16.56
N ILE F 79 20.52 51.34 16.14
CA ILE F 79 19.61 52.49 16.26
C ILE F 79 18.34 52.18 15.50
N ASP F 80 18.52 51.66 14.28
CA ASP F 80 17.42 51.28 13.41
C ASP F 80 16.41 50.43 14.19
N VAL F 81 16.92 49.44 14.89
CA VAL F 81 16.05 48.59 15.69
C VAL F 81 15.41 49.37 16.82
N TYR F 82 16.23 50.17 17.54
CA TYR F 82 15.62 51.05 18.54
C TYR F 82 14.63 52.01 17.91
N ARG F 83 15.07 52.78 16.92
CA ARG F 83 14.13 53.70 16.28
C ARG F 83 12.89 52.91 15.85
N SER F 84 13.08 51.86 15.05
CA SER F 84 11.93 51.20 14.42
C SER F 84 10.92 50.55 15.36
N VAL F 85 11.36 49.55 16.13
CA VAL F 85 10.44 48.78 16.99
C VAL F 85 10.09 49.41 18.36
N VAL F 86 11.08 50.09 18.96
CA VAL F 86 10.86 50.58 20.32
C VAL F 86 10.04 51.88 20.55
N CYS F 87 10.28 52.93 19.75
CA CYS F 87 9.68 54.24 20.08
C CYS F 87 8.16 54.16 20.30
N PRO F 88 7.41 53.54 19.37
CA PRO F 88 5.99 53.33 19.63
C PRO F 88 5.70 52.62 20.94
N ILE F 89 6.50 51.62 21.32
CA ILE F 89 6.21 50.89 22.54
C ILE F 89 6.49 51.79 23.74
N LEU F 90 7.62 52.48 23.68
CA LEU F 90 8.06 53.37 24.75
C LEU F 90 6.96 54.34 25.14
N ASP F 91 6.28 54.89 24.14
CA ASP F 91 5.09 55.72 24.34
C ASP F 91 3.93 55.01 25.06
N GLU F 92 3.37 53.99 24.44
CA GLU F 92 2.13 53.40 24.96
C GLU F 92 2.28 53.04 26.44
N VAL F 93 3.53 52.89 26.89
CA VAL F 93 3.83 52.83 28.32
C VAL F 93 3.75 54.23 28.96
N ILE F 94 4.59 55.14 28.47
CA ILE F 94 4.67 56.54 28.93
C ILE F 94 3.28 57.19 29.03
N MET F 95 2.39 56.74 28.16
CA MET F 95 0.99 57.16 28.08
C MET F 95 0.12 56.30 29.00
N GLY F 96 0.77 55.48 29.82
CA GLY F 96 0.09 54.75 30.87
C GLY F 96 -0.66 53.51 30.47
N TYR F 97 0.01 52.65 29.70
CA TYR F 97 -0.43 51.27 29.46
C TYR F 97 0.73 50.33 29.79
N ASN F 98 0.46 49.04 29.92
CA ASN F 98 1.54 48.08 30.22
C ASN F 98 2.02 47.20 29.07
N CYS F 99 3.31 47.24 28.74
CA CYS F 99 3.80 46.56 27.53
C CYS F 99 5.22 45.90 27.57
N THR F 100 5.32 44.67 27.03
CA THR F 100 6.60 43.93 27.00
C THR F 100 7.10 43.49 25.63
N ILE F 101 8.41 43.62 25.46
CA ILE F 101 9.13 43.09 24.31
C ILE F 101 9.99 41.90 24.71
N PHE F 102 9.96 40.83 23.92
CA PHE F 102 10.88 39.70 24.16
C PHE F 102 11.58 39.01 22.96
N ALA F 103 12.90 38.87 23.05
CA ALA F 103 13.73 38.12 22.07
C ALA F 103 13.52 36.60 22.11
N TYR F 104 13.19 36.00 20.97
CA TYR F 104 13.07 34.55 20.87
C TYR F 104 14.02 34.00 19.82
N GLY F 105 14.66 32.87 20.11
CA GLY F 105 15.53 32.25 19.12
C GLY F 105 16.72 31.47 19.64
N GLN F 106 17.57 31.03 18.72
CA GLN F 106 18.60 30.03 18.95
C GLN F 106 19.83 30.65 19.59
N THR F 107 20.48 29.95 20.52
CA THR F 107 21.67 30.49 21.16
C THR F 107 22.56 30.92 20.04
N GLY F 108 23.11 32.12 20.11
CA GLY F 108 24.03 32.58 19.08
C GLY F 108 23.53 33.60 18.05
N THR F 109 22.24 33.89 18.06
CA THR F 109 21.68 34.71 17.01
C THR F 109 21.53 36.21 17.32
N GLY F 110 21.95 36.63 18.52
CA GLY F 110 21.72 37.99 18.97
C GLY F 110 20.53 38.37 19.87
N LYS F 111 19.95 37.44 20.62
CA LYS F 111 18.90 37.81 21.56
C LYS F 111 19.44 38.85 22.55
N THR F 112 20.48 38.50 23.27
CA THR F 112 21.13 39.41 24.20
C THR F 112 21.60 40.70 23.52
N PHE F 113 22.49 40.59 22.56
CA PHE F 113 23.01 41.75 21.87
C PHE F 113 21.90 42.65 21.34
N THR F 114 20.70 42.12 21.11
CA THR F 114 19.56 42.97 20.80
C THR F 114 19.10 43.61 22.10
N MET F 115 18.58 42.81 23.00
CA MET F 115 18.10 43.30 24.28
C MET F 115 19.06 44.18 25.11
N GLU F 116 20.37 43.98 24.97
CA GLU F 116 21.30 44.71 25.81
C GLU F 116 22.34 45.35 24.94
N GLY F 117 23.14 44.54 24.26
CA GLY F 117 24.16 45.06 23.37
C GLY F 117 25.49 44.96 24.07
N GLU F 118 26.52 45.58 23.52
CA GLU F 118 27.82 45.48 24.14
C GLU F 118 28.48 46.85 24.32
N ARG F 119 29.71 46.87 24.80
CA ARG F 119 30.44 48.12 24.98
C ARG F 119 31.69 48.11 24.11
N SER F 120 31.87 49.15 23.30
CA SER F 120 32.95 49.18 22.31
C SER F 120 34.31 49.32 22.97
N PRO F 121 35.28 48.56 22.46
CA PRO F 121 36.64 48.29 22.98
C PRO F 121 37.54 49.52 23.07
N ASN F 122 38.81 49.31 23.43
CA ASN F 122 39.69 50.42 23.75
C ASN F 122 39.00 51.18 24.87
N GLU F 123 38.62 52.43 24.61
CA GLU F 123 37.52 53.05 25.34
C GLU F 123 36.49 53.55 24.32
N GLU F 124 36.84 54.66 23.66
CA GLU F 124 36.33 55.04 22.34
C GLU F 124 34.92 55.59 22.21
N TYR F 125 34.08 55.41 23.22
CA TYR F 125 32.73 55.99 23.19
C TYR F 125 32.23 56.09 24.60
N THR F 126 31.25 56.97 24.81
CA THR F 126 30.52 57.00 26.09
C THR F 126 29.20 56.25 25.90
N TRP F 127 28.82 55.50 26.93
CA TRP F 127 27.68 54.60 26.85
C TRP F 127 26.41 55.37 26.50
N GLU F 128 26.50 56.68 26.60
CA GLU F 128 25.41 57.58 26.21
C GLU F 128 24.87 57.13 24.87
N GLU F 129 25.70 57.21 23.84
CA GLU F 129 25.46 56.49 22.60
C GLU F 129 26.69 55.66 22.25
N ASP F 130 26.53 54.35 22.37
CA ASP F 130 27.49 53.39 21.86
C ASP F 130 26.84 52.94 20.58
N PRO F 131 27.58 52.94 19.48
CA PRO F 131 26.92 52.48 18.26
C PRO F 131 26.19 51.13 18.48
N LEU F 132 26.82 50.16 19.17
CA LEU F 132 26.10 48.93 19.44
C LEU F 132 25.64 48.78 20.91
N ALA F 133 24.39 49.08 21.16
CA ALA F 133 23.77 48.88 22.46
C ALA F 133 22.28 48.78 22.22
N GLY F 134 21.58 47.97 22.98
CA GLY F 134 20.24 47.60 22.61
C GLY F 134 19.14 48.18 23.43
N ILE F 135 17.95 47.61 23.29
CA ILE F 135 16.76 48.20 23.83
C ILE F 135 16.99 48.69 25.26
N ILE F 136 17.74 47.97 26.09
CA ILE F 136 17.85 48.35 27.53
C ILE F 136 18.42 49.76 27.80
N PRO F 137 19.68 50.02 27.40
CA PRO F 137 20.23 51.35 27.68
C PRO F 137 19.46 52.49 26.99
N ARG F 138 19.19 52.36 25.70
CA ARG F 138 18.43 53.36 24.97
C ARG F 138 17.08 53.64 25.63
N THR F 139 16.45 52.62 26.18
CA THR F 139 15.10 52.75 26.72
C THR F 139 15.14 53.44 28.08
N LEU F 140 16.34 53.68 28.59
CA LEU F 140 16.48 54.37 29.85
C LEU F 140 17.06 55.76 29.55
N HIS F 141 18.25 55.78 28.98
CA HIS F 141 18.90 57.02 28.62
C HIS F 141 17.92 57.93 27.89
N GLN F 142 17.00 57.37 27.13
CA GLN F 142 15.96 58.18 26.49
C GLN F 142 14.66 58.22 27.27
N ILE F 143 14.58 57.49 28.38
CA ILE F 143 13.37 57.52 29.20
C ILE F 143 13.47 58.75 30.10
N PHE F 144 14.60 59.44 29.95
CA PHE F 144 14.86 60.71 30.60
C PHE F 144 14.55 61.90 29.68
N GLU F 145 15.32 62.04 28.60
CA GLU F 145 15.15 63.18 27.71
C GLU F 145 13.67 63.44 27.40
N LYS F 146 12.94 62.39 27.06
CA LYS F 146 11.53 62.54 26.81
C LYS F 146 10.77 62.96 28.07
N LEU F 147 11.24 62.52 29.23
CA LEU F 147 10.52 62.86 30.46
C LEU F 147 10.97 64.12 31.19
N THR F 148 12.12 64.66 30.77
CA THR F 148 12.51 66.03 31.13
C THR F 148 11.82 67.03 30.21
N ASP F 149 11.75 66.69 28.92
CA ASP F 149 11.16 67.56 27.90
C ASP F 149 9.76 67.99 28.29
N ASN F 150 9.05 67.13 29.02
CA ASN F 150 7.79 67.52 29.65
C ASN F 150 8.02 68.48 30.82
N GLY F 151 9.28 68.66 31.22
CA GLY F 151 9.64 69.55 32.30
C GLY F 151 9.11 69.05 33.64
N THR F 152 8.43 67.91 33.59
CA THR F 152 7.64 67.41 34.70
C THR F 152 8.42 66.57 35.73
N GLU F 153 7.71 66.09 36.74
CA GLU F 153 8.31 65.25 37.78
CA GLU F 153 8.30 65.26 37.80
C GLU F 153 7.93 63.79 37.57
N PHE F 154 8.93 62.91 37.66
CA PHE F 154 8.74 61.48 37.43
C PHE F 154 9.75 60.62 38.20
N SER F 155 9.32 59.43 38.61
CA SER F 155 10.21 58.46 39.26
C SER F 155 10.56 57.26 38.33
N VAL F 156 11.84 56.88 38.26
CA VAL F 156 12.24 55.70 37.47
C VAL F 156 12.87 54.55 38.28
N LYS F 157 12.19 53.40 38.29
CA LYS F 157 12.71 52.18 38.96
C LYS F 157 12.84 50.90 38.06
N VAL F 158 14.02 50.29 38.09
CA VAL F 158 14.27 49.05 37.37
C VAL F 158 14.47 47.86 38.30
N SER F 159 14.10 46.66 37.82
CA SER F 159 14.37 45.38 38.50
C SER F 159 14.81 44.27 37.51
N LEU F 160 15.85 43.52 37.88
CA LEU F 160 16.36 42.45 37.02
C LEU F 160 16.33 41.04 37.67
N LEU F 161 15.44 40.18 37.17
CA LEU F 161 15.38 38.83 37.69
C LEU F 161 15.74 37.84 36.60
N GLU F 162 16.27 36.69 37.00
CA GLU F 162 16.59 35.66 36.06
C GLU F 162 15.95 34.32 36.38
N ILE F 163 15.40 33.66 35.36
CA ILE F 163 14.85 32.31 35.53
C ILE F 163 15.79 31.20 34.99
N TYR F 164 16.26 30.34 35.90
CA TYR F 164 17.07 29.15 35.59
C TYR F 164 16.69 27.92 36.42
N ASN F 165 16.35 26.84 35.71
CA ASN F 165 15.95 25.60 36.34
C ASN F 165 14.68 25.83 37.15
N GLU F 166 13.85 26.74 36.63
CA GLU F 166 12.63 27.16 37.29
C GLU F 166 12.90 27.74 38.69
N GLU F 167 13.99 28.48 38.81
CA GLU F 167 14.34 29.16 40.04
C GLU F 167 14.58 30.61 39.73
N LEU F 168 14.07 31.50 40.58
CA LEU F 168 14.25 32.92 40.29
C LEU F 168 15.44 33.50 41.03
N PHE F 169 16.27 34.24 40.31
CA PHE F 169 17.42 34.90 40.86
C PHE F 169 17.22 36.39 40.65
N ASP F 170 17.86 37.19 41.50
CA ASP F 170 17.69 38.64 41.48
C ASP F 170 19.03 39.30 41.24
N LEU F 171 19.19 39.91 40.08
CA LEU F 171 20.51 40.43 39.75
C LEU F 171 20.85 41.74 40.49
N LEU F 172 19.83 42.52 40.81
CA LEU F 172 19.99 43.87 41.36
C LEU F 172 19.94 43.95 42.89
N ASN F 173 19.86 42.80 43.55
CA ASN F 173 19.66 42.74 44.98
C ASN F 173 20.92 43.11 45.73
N PRO F 174 20.79 43.71 46.92
CA PRO F 174 21.96 44.16 47.68
C PRO F 174 22.77 42.99 48.20
N SER F 175 22.09 41.89 48.45
CA SER F 175 22.70 40.67 48.99
C SER F 175 23.90 40.16 48.15
N SER F 176 24.95 39.72 48.83
CA SER F 176 26.23 39.49 48.16
C SER F 176 26.29 38.18 47.37
N ASP F 177 25.46 37.20 47.75
CA ASP F 177 25.38 35.90 47.05
C ASP F 177 24.19 35.76 46.11
N VAL F 178 24.51 35.72 44.81
CA VAL F 178 23.50 35.73 43.75
C VAL F 178 22.59 34.50 43.76
N SER F 179 22.89 33.53 44.60
CA SER F 179 22.14 32.28 44.60
C SER F 179 21.02 32.22 45.62
N GLU F 180 20.81 33.30 46.38
CA GLU F 180 19.60 33.43 47.23
C GLU F 180 18.39 33.63 46.33
N ARG F 181 17.35 32.86 46.55
CA ARG F 181 16.29 32.74 45.56
C ARG F 181 14.93 33.44 45.88
N LEU F 182 14.42 34.18 44.88
CA LEU F 182 13.09 34.80 44.93
C LEU F 182 12.00 33.74 44.96
N GLN F 183 10.86 34.02 45.57
CA GLN F 183 9.69 33.17 45.32
C GLN F 183 8.67 33.91 44.47
N MET F 184 7.56 33.27 44.14
CA MET F 184 6.60 33.91 43.23
C MET F 184 5.23 33.79 43.78
N PHE F 185 4.49 34.90 43.76
CA PHE F 185 3.18 34.91 44.39
C PHE F 185 2.03 35.59 43.66
N ASP F 186 0.86 34.97 43.83
CA ASP F 186 -0.42 35.41 43.30
C ASP F 186 -0.81 36.78 43.84
N ASP F 187 -1.07 37.73 42.95
CA ASP F 187 -1.60 39.01 43.36
C ASP F 187 -3.09 38.89 43.68
N PRO F 188 -3.47 39.15 44.94
CA PRO F 188 -4.92 39.14 45.19
C PRO F 188 -5.66 40.08 44.23
N ARG F 189 -4.98 41.16 43.82
CA ARG F 189 -5.58 42.22 43.00
C ARG F 189 -5.54 42.04 41.47
N ASN F 190 -4.78 41.06 40.98
CA ASN F 190 -4.77 40.80 39.53
C ASN F 190 -4.96 39.33 39.14
N LYS F 191 -5.81 39.10 38.14
CA LYS F 191 -6.09 37.75 37.69
C LYS F 191 -4.87 37.16 37.01
N ARG F 192 -4.32 37.92 36.06
CA ARG F 192 -3.16 37.50 35.26
C ARG F 192 -1.78 37.65 35.94
N GLY F 193 -1.56 38.77 36.62
CA GLY F 193 -0.25 39.11 37.16
C GLY F 193 0.21 38.41 38.43
N VAL F 194 1.44 38.70 38.83
CA VAL F 194 2.04 38.18 40.07
C VAL F 194 3.10 39.13 40.61
N ILE F 195 3.48 38.96 41.89
CA ILE F 195 4.56 39.74 42.51
C ILE F 195 5.72 38.84 42.95
N ILE F 196 6.95 39.31 42.81
CA ILE F 196 8.06 38.46 43.15
C ILE F 196 8.59 38.86 44.52
N LYS F 197 8.24 38.06 45.51
CA LYS F 197 8.65 38.33 46.88
C LYS F 197 10.16 38.39 46.93
N GLY F 198 10.72 39.45 47.47
CA GLY F 198 12.15 39.55 47.60
C GLY F 198 12.76 40.39 46.50
N LEU F 199 11.99 40.65 45.45
CA LEU F 199 12.60 41.30 44.30
C LEU F 199 12.98 42.71 44.64
N GLU F 200 14.24 43.07 44.45
CA GLU F 200 14.68 44.42 44.70
C GLU F 200 14.28 45.34 43.53
N GLU F 201 13.73 46.53 43.82
CA GLU F 201 13.67 47.60 42.82
C GLU F 201 14.62 48.72 43.17
N ILE F 202 15.68 48.88 42.40
CA ILE F 202 16.47 50.08 42.52
C ILE F 202 15.61 51.19 41.97
N THR F 203 15.65 52.38 42.58
CA THR F 203 15.12 53.56 41.92
C THR F 203 16.31 54.32 41.41
N VAL F 204 16.27 54.66 40.13
CA VAL F 204 17.37 55.39 39.53
C VAL F 204 17.03 56.88 39.57
N HIS F 205 17.98 57.68 40.02
CA HIS F 205 17.77 59.11 40.19
C HIS F 205 17.89 59.82 38.86
N ASN F 206 18.70 59.26 37.97
CA ASN F 206 19.02 59.97 36.75
C ASN F 206 20.00 59.22 35.87
N LYS F 207 20.25 59.79 34.72
CA LYS F 207 21.18 59.22 33.78
C LYS F 207 22.49 58.83 34.45
N ASP F 208 23.18 59.80 35.02
CA ASP F 208 24.55 59.61 35.48
C ASP F 208 24.77 58.37 36.38
N GLU F 209 23.74 57.92 37.08
CA GLU F 209 23.87 56.73 37.95
C GLU F 209 23.44 55.37 37.36
N VAL F 210 23.11 55.35 36.06
CA VAL F 210 22.50 54.18 35.39
C VAL F 210 23.49 53.06 35.02
N TYR F 211 24.66 53.45 34.56
CA TYR F 211 25.63 52.51 34.02
C TYR F 211 26.37 51.79 35.16
N GLN F 212 26.01 52.09 36.40
CA GLN F 212 26.54 51.34 37.55
C GLN F 212 25.60 50.21 37.98
N ILE F 213 24.37 50.57 38.35
CA ILE F 213 23.40 49.55 38.71
C ILE F 213 23.36 48.44 37.64
N LEU F 214 23.60 48.81 36.37
CA LEU F 214 23.81 47.85 35.30
C LEU F 214 25.18 47.18 35.39
N GLU F 215 26.20 47.97 35.66
CA GLU F 215 27.55 47.44 35.72
C GLU F 215 27.66 46.33 36.76
N LYS F 216 26.92 46.46 37.86
CA LYS F 216 27.03 45.49 38.95
C LYS F 216 26.02 44.34 38.84
N GLY F 217 25.07 44.47 37.92
CA GLY F 217 24.21 43.35 37.57
C GLY F 217 25.02 42.42 36.67
N ALA F 218 25.68 43.01 35.69
CA ALA F 218 26.55 42.23 34.85
C ALA F 218 27.54 41.45 35.72
N ALA F 219 27.90 42.00 36.87
CA ALA F 219 28.89 41.31 37.69
C ALA F 219 28.19 40.24 38.49
N LYS F 220 26.88 40.39 38.62
CA LYS F 220 26.08 39.39 39.30
C LYS F 220 25.71 38.20 38.37
N ARG F 221 25.80 38.42 37.06
CA ARG F 221 25.70 37.34 36.07
C ARG F 221 26.97 36.55 36.06
N THR F 222 28.04 37.25 35.72
CA THR F 222 29.31 36.62 35.60
C THR F 222 29.52 35.66 36.78
N THR F 223 29.10 36.03 37.99
CA THR F 223 29.20 35.09 39.10
C THR F 223 28.27 33.89 38.90
N ALA F 224 27.02 34.15 38.50
CA ALA F 224 26.04 33.07 38.45
C ALA F 224 26.29 32.10 37.33
N ALA F 225 27.03 32.54 36.34
CA ALA F 225 27.30 31.71 35.19
C ALA F 225 28.44 30.72 35.51
N THR F 226 29.23 31.05 36.55
CA THR F 226 30.20 30.10 37.06
C THR F 226 29.62 29.17 38.13
N LEU F 227 28.40 29.42 38.62
CA LEU F 227 27.86 28.54 39.64
C LEU F 227 26.94 27.42 39.10
N MET F 228 26.55 27.58 37.85
CA MET F 228 25.46 26.79 37.31
C MET F 228 25.83 26.45 35.87
N ASN F 229 25.36 25.32 35.34
CA ASN F 229 25.83 24.90 34.01
C ASN F 229 25.04 25.41 32.82
N ALA F 230 25.78 26.03 31.91
CA ALA F 230 25.20 26.56 30.70
C ALA F 230 24.24 27.68 31.02
N TYR F 231 24.60 28.48 32.01
CA TYR F 231 23.73 29.54 32.54
C TYR F 231 23.25 30.50 31.45
N SER F 232 24.20 31.00 30.67
CA SER F 232 23.84 31.92 29.61
C SER F 232 22.64 31.41 28.80
N SER F 233 22.83 30.29 28.13
CA SER F 233 21.81 29.74 27.22
C SER F 233 20.52 29.16 27.84
N ARG F 234 20.58 28.67 29.07
CA ARG F 234 19.41 28.01 29.64
C ARG F 234 18.54 28.91 30.54
N SER F 235 19.00 30.14 30.78
CA SER F 235 18.32 31.03 31.73
C SER F 235 17.55 32.10 30.99
N HIS F 236 16.40 32.46 31.54
CA HIS F 236 15.63 33.60 31.04
C HIS F 236 15.99 34.88 31.81
N SER F 237 16.06 36.00 31.13
CA SER F 237 16.22 37.24 31.86
C SER F 237 15.17 38.29 31.50
N VAL F 238 14.36 38.64 32.49
CA VAL F 238 13.42 39.72 32.37
C VAL F 238 13.90 40.98 33.08
N PHE F 239 14.09 42.06 32.32
CA PHE F 239 14.48 43.36 32.87
C PHE F 239 13.31 44.33 32.91
N SER F 240 12.80 44.64 34.09
CA SER F 240 11.60 45.46 34.19
C SER F 240 11.85 46.96 34.52
N VAL F 241 11.42 47.85 33.64
CA VAL F 241 11.39 49.26 34.02
C VAL F 241 9.98 49.78 34.19
N THR F 242 9.76 50.46 35.31
CA THR F 242 8.49 51.12 35.58
C THR F 242 8.62 52.65 35.83
N ILE F 243 7.77 53.42 35.15
CA ILE F 243 7.75 54.87 35.35
C ILE F 243 6.57 55.27 36.22
N HIS F 244 6.86 56.05 37.28
CA HIS F 244 5.83 56.52 38.21
C HIS F 244 5.72 58.05 38.29
N LYS F 257 0.25 58.75 37.24
CA LYS F 257 0.20 57.67 36.25
C LYS F 257 1.33 56.64 36.35
N ILE F 258 1.00 55.38 36.04
CA ILE F 258 1.94 54.24 36.06
C ILE F 258 2.26 53.70 34.66
N GLY F 259 3.53 53.36 34.43
CA GLY F 259 3.81 52.53 33.27
C GLY F 259 5.06 51.69 33.40
N LYS F 260 5.04 50.54 32.73
CA LYS F 260 6.01 49.47 32.98
C LYS F 260 6.38 48.77 31.69
N LEU F 261 7.68 48.60 31.49
CA LEU F 261 8.17 47.98 30.27
C LEU F 261 9.05 46.80 30.64
N ASN F 262 8.63 45.58 30.33
CA ASN F 262 9.56 44.43 30.44
C ASN F 262 10.36 44.19 29.15
N LEU F 263 11.67 44.20 29.23
CA LEU F 263 12.43 43.68 28.12
C LEU F 263 12.87 42.29 28.57
N VAL F 264 12.24 41.23 28.07
CA VAL F 264 12.62 39.91 28.56
C VAL F 264 13.32 39.09 27.51
N ASP F 265 14.44 38.50 27.89
CA ASP F 265 15.27 37.83 26.90
C ASP F 265 15.46 36.33 27.22
N LEU F 266 14.88 35.47 26.38
CA LEU F 266 14.72 34.05 26.77
C LEU F 266 15.91 33.10 26.55
N ALA F 267 15.72 31.87 27.01
CA ALA F 267 16.65 30.80 26.78
C ALA F 267 16.61 30.41 25.29
N GLY F 268 17.72 29.91 24.75
CA GLY F 268 17.75 29.49 23.37
C GLY F 268 16.66 28.52 22.93
N SER F 269 16.14 28.73 21.72
CA SER F 269 14.98 28.00 21.25
C SER F 269 15.31 26.54 21.02
N GLU F 270 16.59 26.22 21.03
CA GLU F 270 17.05 24.90 20.67
C GLU F 270 16.51 23.79 21.60
N ASN F 271 15.80 24.18 22.67
CA ASN F 271 15.25 23.24 23.68
C ASN F 271 13.72 23.18 23.85
N ASN F 287 13.16 19.25 34.01
CA ASN F 287 12.92 20.40 34.88
C ASN F 287 13.72 21.65 34.55
N ILE F 288 14.77 21.52 33.73
CA ILE F 288 15.50 22.71 33.26
C ILE F 288 14.99 23.36 31.92
N ASN F 289 14.19 22.63 31.15
CA ASN F 289 13.64 23.18 29.91
C ASN F 289 12.23 23.70 30.07
N GLN F 290 11.70 23.53 31.28
CA GLN F 290 10.28 23.67 31.60
C GLN F 290 9.62 24.97 31.15
N SER F 291 10.20 26.11 31.51
CA SER F 291 9.58 27.35 31.09
C SER F 291 9.46 27.43 29.58
N LEU F 292 10.56 27.20 28.87
CA LEU F 292 10.56 27.21 27.41
C LEU F 292 9.55 26.23 26.80
N LEU F 293 9.48 25.04 27.39
CA LEU F 293 8.57 24.00 26.93
C LEU F 293 7.15 24.48 27.07
N THR F 294 6.88 25.20 28.15
CA THR F 294 5.53 25.66 28.44
C THR F 294 5.15 26.91 27.65
N LEU F 295 6.08 27.84 27.50
CA LEU F 295 5.85 29.04 26.68
C LEU F 295 5.29 28.60 25.34
N GLY F 296 5.81 27.50 24.83
CA GLY F 296 5.41 26.97 23.54
C GLY F 296 4.07 26.27 23.63
N ARG F 297 3.82 25.65 24.78
CA ARG F 297 2.58 24.92 25.02
C ARG F 297 1.44 25.93 25.20
N VAL F 298 1.82 27.16 25.53
CA VAL F 298 0.89 28.28 25.63
C VAL F 298 0.65 28.88 24.25
N ILE F 299 1.70 29.38 23.62
CA ILE F 299 1.56 29.95 22.29
C ILE F 299 0.73 29.02 21.42
N THR F 300 0.80 27.73 21.70
CA THR F 300 0.03 26.77 20.92
C THR F 300 -1.44 26.87 21.28
N ALA F 301 -1.79 26.58 22.54
CA ALA F 301 -3.19 26.52 22.97
C ALA F 301 -3.97 27.83 22.75
N LEU F 302 -3.26 28.91 22.44
CA LEU F 302 -3.89 30.18 22.04
C LEU F 302 -4.42 30.14 20.58
N VAL F 303 -3.52 30.05 19.59
CA VAL F 303 -3.90 29.95 18.17
C VAL F 303 -4.81 28.73 17.86
N GLU F 304 -4.70 27.73 18.73
CA GLU F 304 -5.48 26.48 18.71
C GLU F 304 -6.75 26.58 19.55
N ARG F 305 -7.15 27.80 19.89
CA ARG F 305 -7.73 28.19 21.18
C ARG F 305 -8.73 27.24 21.79
N THR F 306 -8.63 27.12 23.11
CA THR F 306 -9.05 25.92 23.82
C THR F 306 -9.39 26.18 25.30
N PRO F 307 -9.62 25.09 26.05
CA PRO F 307 -9.80 25.00 27.50
C PRO F 307 -8.58 25.56 28.19
N HIS F 308 -8.46 25.39 29.51
CA HIS F 308 -7.46 26.14 30.24
C HIS F 308 -6.14 26.04 29.50
N VAL F 309 -5.46 27.19 29.37
CA VAL F 309 -4.16 27.25 28.73
C VAL F 309 -3.08 27.35 29.78
N PRO F 310 -2.16 26.37 29.81
CA PRO F 310 -1.34 26.05 30.97
C PRO F 310 -0.34 27.14 31.38
N TYR F 311 -0.85 28.30 31.75
CA TYR F 311 -0.03 29.44 32.14
C TYR F 311 0.80 29.14 33.39
N ARG F 312 0.11 28.62 34.41
CA ARG F 312 0.70 28.42 35.73
C ARG F 312 1.84 27.40 35.69
N GLU F 313 1.80 26.50 34.70
CA GLU F 313 2.66 25.32 34.69
C GLU F 313 4.17 25.67 34.62
N SER F 314 4.53 26.94 34.41
CA SER F 314 5.92 27.34 34.64
C SER F 314 6.10 28.83 34.97
N LYS F 315 7.14 29.16 35.72
CA LYS F 315 7.37 30.55 36.10
C LYS F 315 7.36 31.53 34.94
N LEU F 316 8.15 31.27 33.91
CA LEU F 316 8.28 32.23 32.82
C LEU F 316 6.93 32.73 32.29
N THR F 317 5.96 31.82 32.16
CA THR F 317 4.63 32.18 31.66
C THR F 317 3.71 32.81 32.73
N ARG F 318 3.81 32.35 33.97
CA ARG F 318 3.22 33.08 35.08
C ARG F 318 3.57 34.57 34.92
N ILE F 319 4.86 34.87 34.98
CA ILE F 319 5.36 36.23 34.83
C ILE F 319 4.87 36.98 33.58
N LEU F 320 4.81 36.29 32.45
CA LEU F 320 4.36 36.88 31.18
C LEU F 320 2.88 36.63 30.84
N GLN F 321 2.15 35.95 31.73
CA GLN F 321 0.73 35.58 31.52
C GLN F 321 -0.16 36.74 31.14
N ASP F 322 0.10 37.91 31.73
CA ASP F 322 -0.63 39.09 31.34
C ASP F 322 -0.13 39.49 29.96
N SER F 323 1.08 39.02 29.64
CA SER F 323 1.73 39.53 28.46
C SER F 323 1.47 38.73 27.18
N LEU F 324 0.82 37.56 27.28
CA LEU F 324 0.37 36.83 26.09
C LEU F 324 -1.15 36.58 26.08
N GLY F 325 -1.86 37.26 25.18
CA GLY F 325 -3.32 37.19 25.14
C GLY F 325 -3.98 37.76 26.39
N GLY F 326 -3.18 38.46 27.19
CA GLY F 326 -3.66 39.13 28.38
C GLY F 326 -4.06 40.56 28.05
N ARG F 327 -3.95 41.42 29.03
CA ARG F 327 -4.40 42.79 28.85
C ARG F 327 -3.25 43.71 28.36
N THR F 328 -2.09 43.14 28.09
CA THR F 328 -0.94 43.97 27.73
C THR F 328 -0.39 43.79 26.31
N ARG F 329 0.27 44.82 25.81
CA ARG F 329 0.73 44.87 24.43
C ARG F 329 2.10 44.22 24.27
N THR F 330 2.13 43.11 23.54
CA THR F 330 3.33 42.30 23.42
C THR F 330 4.01 42.58 22.09
N SER F 331 5.32 42.62 22.11
CA SER F 331 6.07 42.76 20.88
C SER F 331 7.24 41.78 20.91
N ILE F 332 7.29 40.86 19.94
CA ILE F 332 8.26 39.74 19.93
C ILE F 332 9.36 39.86 18.88
N ILE F 333 10.61 39.83 19.29
CA ILE F 333 11.68 39.82 18.28
C ILE F 333 12.32 38.44 18.13
N ALA F 334 12.04 37.79 17.00
CA ALA F 334 12.64 36.51 16.64
C ALA F 334 13.90 36.80 15.85
N THR F 335 14.93 36.02 16.13
CA THR F 335 16.31 36.26 15.69
C THR F 335 16.85 34.99 15.03
N ILE F 336 17.74 35.13 14.05
CA ILE F 336 18.11 34.01 13.18
C ILE F 336 19.49 34.26 12.63
N SER F 337 20.11 33.25 12.05
CA SER F 337 21.48 33.37 11.58
C SER F 337 21.35 33.28 10.07
N PRO F 338 22.26 33.89 9.32
CA PRO F 338 22.27 33.66 7.87
C PRO F 338 22.79 32.28 7.41
N ALA F 339 23.56 31.58 8.23
CA ALA F 339 24.35 30.45 7.68
C ALA F 339 23.57 29.21 7.19
N SER F 340 24.14 28.47 6.26
CA SER F 340 23.50 27.24 5.78
C SER F 340 23.41 26.28 6.95
N LEU F 341 24.47 26.25 7.73
CA LEU F 341 24.59 25.36 8.86
C LEU F 341 23.32 25.33 9.68
N ASN F 342 22.68 26.49 9.84
CA ASN F 342 21.59 26.67 10.79
C ASN F 342 20.14 26.54 10.30
N LEU F 343 19.98 26.09 9.06
CA LEU F 343 18.69 26.00 8.39
C LEU F 343 17.55 25.42 9.23
N GLU F 344 17.63 24.16 9.62
CA GLU F 344 16.51 23.63 10.37
C GLU F 344 16.13 24.47 11.61
N GLU F 345 17.10 25.08 12.28
CA GLU F 345 16.77 25.95 13.42
C GLU F 345 16.15 27.28 12.98
N THR F 346 16.80 27.94 12.01
CA THR F 346 16.27 29.16 11.47
C THR F 346 14.82 28.92 11.11
N LEU F 347 14.55 27.81 10.41
CA LEU F 347 13.19 27.45 10.00
C LEU F 347 12.26 27.22 11.17
N SER F 348 12.76 26.54 12.18
CA SER F 348 11.95 26.25 13.35
C SER F 348 11.61 27.57 14.07
N THR F 349 12.59 28.49 14.10
CA THR F 349 12.41 29.81 14.69
C THR F 349 11.44 30.62 13.89
N LEU F 350 11.65 30.71 12.58
CA LEU F 350 10.72 31.45 11.76
C LEU F 350 9.30 30.92 11.97
N GLU F 351 9.17 29.60 12.02
CA GLU F 351 7.85 28.98 12.00
C GLU F 351 7.11 29.18 13.32
N TYR F 352 7.87 29.27 14.41
CA TYR F 352 7.33 29.49 15.76
C TYR F 352 6.97 30.97 15.97
N ALA F 353 7.89 31.87 15.61
CA ALA F 353 7.62 33.28 15.65
C ALA F 353 6.41 33.58 14.79
N HIS F 354 6.40 33.03 13.58
CA HIS F 354 5.24 33.21 12.72
C HIS F 354 3.93 32.62 13.26
N ARG F 355 3.99 31.55 14.04
CA ARG F 355 2.78 30.98 14.62
C ARG F 355 2.11 32.03 15.51
N ALA F 356 2.93 32.87 16.15
CA ALA F 356 2.45 33.70 17.23
C ALA F 356 1.74 34.98 16.76
N LYS F 357 1.67 35.21 15.46
CA LYS F 357 0.87 36.34 14.95
C LYS F 357 -0.62 36.17 15.23
N ASN F 358 -1.11 34.94 15.10
CA ASN F 358 -2.51 34.60 15.34
C ASN F 358 -2.95 34.73 16.80
N ILE F 359 -2.00 34.99 17.69
CA ILE F 359 -2.30 35.24 19.09
C ILE F 359 -2.63 36.71 19.23
N LEU F 360 -3.66 37.04 20.00
CA LEU F 360 -3.80 38.45 20.40
C LEU F 360 -4.39 38.72 21.79
N ASN F 361 -4.54 40.00 22.09
CA ASN F 361 -4.86 40.45 23.43
C ASN F 361 -6.18 41.21 23.51
N LYS F 362 -6.49 41.69 24.71
CA LYS F 362 -7.55 42.70 24.92
C LYS F 362 -7.22 43.70 26.03
N PRO F 363 -6.29 44.65 25.78
CA PRO F 363 -5.88 45.56 26.88
C PRO F 363 -7.06 46.21 27.61
N ASN G 18 -74.70 11.41 -6.58
CA ASN G 18 -74.30 12.15 -5.39
C ASN G 18 -72.78 12.11 -5.15
N ILE G 19 -72.08 11.37 -6.01
CA ILE G 19 -70.65 11.08 -5.84
C ILE G 19 -69.78 12.34 -5.71
N GLN G 20 -69.03 12.41 -4.62
CA GLN G 20 -68.59 13.70 -4.10
C GLN G 20 -67.27 14.20 -4.65
N VAL G 21 -67.35 15.24 -5.46
CA VAL G 21 -66.16 15.91 -5.93
C VAL G 21 -65.87 17.07 -5.00
N VAL G 22 -64.67 17.08 -4.44
CA VAL G 22 -64.19 18.15 -3.57
C VAL G 22 -63.03 18.89 -4.25
N VAL G 23 -62.51 19.94 -3.60
CA VAL G 23 -61.42 20.76 -4.13
C VAL G 23 -60.45 21.10 -3.03
N ARG G 24 -59.16 21.13 -3.35
CA ARG G 24 -58.15 21.40 -2.35
C ARG G 24 -57.18 22.40 -2.91
N CYS G 25 -56.67 23.29 -2.06
CA CYS G 25 -55.80 24.33 -2.58
C CYS G 25 -54.48 24.37 -1.83
N ARG G 26 -53.43 24.59 -2.61
CA ARG G 26 -52.07 24.48 -2.14
C ARG G 26 -51.64 25.80 -1.50
N PRO G 27 -50.76 25.76 -0.48
CA PRO G 27 -50.18 27.06 -0.24
C PRO G 27 -49.38 27.50 -1.47
N PHE G 28 -48.82 28.71 -1.43
CA PHE G 28 -47.86 29.19 -2.43
C PHE G 28 -46.58 28.40 -2.31
N ASN G 29 -45.86 28.27 -3.42
CA ASN G 29 -44.53 27.65 -3.44
C ASN G 29 -43.46 28.65 -3.87
N LEU G 30 -42.22 28.42 -3.44
CA LEU G 30 -41.14 29.38 -3.66
C LEU G 30 -41.17 29.94 -5.07
N ALA G 31 -41.48 29.10 -6.05
CA ALA G 31 -41.55 29.54 -7.45
C ALA G 31 -42.50 30.73 -7.57
N GLU G 32 -43.75 30.51 -7.19
CA GLU G 32 -44.77 31.56 -7.27
C GLU G 32 -44.44 32.77 -6.39
N ARG G 33 -43.68 32.56 -5.33
CA ARG G 33 -43.27 33.63 -4.40
C ARG G 33 -41.97 34.31 -4.84
N LYS G 34 -41.53 34.01 -6.06
CA LYS G 34 -40.41 34.70 -6.74
C LYS G 34 -40.93 35.54 -7.88
N ALA G 35 -41.64 34.90 -8.81
CA ALA G 35 -42.40 35.60 -9.84
C ALA G 35 -43.38 36.62 -9.25
N SER G 36 -43.56 36.55 -7.93
CA SER G 36 -44.38 37.53 -7.20
C SER G 36 -45.82 37.58 -7.71
N ALA G 37 -46.40 36.40 -7.90
CA ALA G 37 -47.81 36.27 -8.19
C ALA G 37 -48.59 36.65 -6.95
N HIS G 38 -49.88 36.93 -7.13
CA HIS G 38 -50.72 37.26 -6.00
C HIS G 38 -51.90 36.32 -5.98
N SER G 39 -52.58 36.24 -4.83
CA SER G 39 -53.69 35.32 -4.68
C SER G 39 -54.71 35.57 -5.78
N ILE G 40 -55.09 34.51 -6.46
CA ILE G 40 -56.24 34.52 -7.32
C ILE G 40 -57.42 33.79 -6.69
N VAL G 41 -57.24 33.25 -5.49
CA VAL G 41 -58.29 32.35 -5.01
C VAL G 41 -58.59 32.40 -3.52
N GLU G 42 -59.87 32.45 -3.20
CA GLU G 42 -60.28 32.39 -1.82
C GLU G 42 -61.18 31.18 -1.72
N CYS G 43 -61.01 30.39 -0.68
CA CYS G 43 -61.74 29.14 -0.62
C CYS G 43 -62.57 29.19 0.64
N ASP G 44 -63.84 28.83 0.54
CA ASP G 44 -64.73 28.99 1.69
C ASP G 44 -65.04 27.67 2.36
N PRO G 45 -64.37 27.39 3.48
CA PRO G 45 -64.58 26.14 4.21
C PRO G 45 -65.98 26.05 4.77
N VAL G 46 -66.52 27.21 5.18
CA VAL G 46 -67.87 27.28 5.77
C VAL G 46 -68.98 27.22 4.70
N ARG G 47 -68.82 27.99 3.63
CA ARG G 47 -69.82 28.06 2.55
C ARG G 47 -69.69 26.94 1.51
N LYS G 48 -68.56 26.24 1.53
CA LYS G 48 -68.27 25.14 0.59
C LYS G 48 -68.13 25.54 -0.87
N GLU G 49 -67.40 26.61 -1.14
CA GLU G 49 -67.20 27.05 -2.52
C GLU G 49 -65.90 27.80 -2.71
N VAL G 50 -65.50 27.96 -3.97
CA VAL G 50 -64.19 28.48 -4.29
C VAL G 50 -64.37 29.64 -5.26
N SER G 51 -63.65 30.74 -5.04
CA SER G 51 -63.78 31.91 -5.91
C SER G 51 -62.45 32.29 -6.56
N VAL G 52 -62.51 32.70 -7.82
CA VAL G 52 -61.28 32.89 -8.59
C VAL G 52 -61.30 34.18 -9.40
N ARG G 53 -60.30 35.01 -9.20
CA ARG G 53 -60.25 36.33 -9.82
C ARG G 53 -59.84 36.21 -11.29
N THR G 54 -60.75 36.57 -12.18
CA THR G 54 -60.58 36.30 -13.61
C THR G 54 -59.87 37.42 -14.38
N GLY G 55 -59.47 38.48 -13.68
CA GLY G 55 -59.02 39.72 -14.31
C GLY G 55 -57.52 39.97 -14.54
N GLY G 56 -57.20 41.15 -15.04
CA GLY G 56 -55.83 41.52 -15.36
C GLY G 56 -55.14 42.58 -14.48
N LEU G 57 -55.79 42.99 -13.39
CA LEU G 57 -55.21 43.88 -12.35
C LEU G 57 -55.31 45.44 -12.36
N ALA G 58 -55.83 46.15 -13.37
CA ALA G 58 -56.67 45.67 -14.49
C ALA G 58 -57.84 44.79 -14.05
N ASP G 59 -58.87 45.43 -13.49
CA ASP G 59 -59.91 44.74 -12.71
C ASP G 59 -59.36 44.11 -11.42
N LYS G 60 -59.01 44.98 -10.48
CA LYS G 60 -58.55 44.58 -9.14
C LYS G 60 -59.64 43.84 -8.33
N SER G 61 -60.86 43.85 -8.85
CA SER G 61 -61.92 42.99 -8.33
C SER G 61 -62.70 42.38 -9.50
N SER G 62 -62.75 41.06 -9.54
CA SER G 62 -63.51 40.34 -10.57
C SER G 62 -63.83 38.92 -10.13
N ARG G 63 -64.78 38.27 -10.82
CA ARG G 63 -65.35 37.03 -10.32
C ARG G 63 -65.46 35.85 -11.30
N LYS G 64 -65.28 34.67 -10.73
CA LYS G 64 -65.83 33.42 -11.27
C LYS G 64 -66.04 32.55 -10.05
N THR G 65 -67.06 31.71 -10.04
CA THR G 65 -67.30 30.88 -8.86
C THR G 65 -68.01 29.54 -9.06
N TYR G 66 -67.57 28.54 -8.27
CA TYR G 66 -68.10 27.19 -8.31
C TYR G 66 -68.38 26.71 -6.89
N THR G 67 -69.18 25.66 -6.75
CA THR G 67 -69.53 25.08 -5.44
C THR G 67 -69.38 23.54 -5.48
N PHE G 68 -68.98 22.93 -4.35
CA PHE G 68 -68.70 21.49 -4.33
C PHE G 68 -69.07 20.86 -2.99
N ASP G 69 -68.90 19.55 -2.88
CA ASP G 69 -69.23 18.84 -1.64
C ASP G 69 -68.38 19.37 -0.47
N MET G 70 -67.14 19.76 -0.77
CA MET G 70 -66.22 20.22 0.25
C MET G 70 -65.17 21.12 -0.35
N VAL G 71 -64.58 21.97 0.49
CA VAL G 71 -63.48 22.81 0.06
C VAL G 71 -62.43 22.91 1.17
N PHE G 72 -61.17 22.64 0.82
CA PHE G 72 -60.07 22.77 1.79
C PHE G 72 -59.11 23.83 1.31
N GLY G 73 -58.92 24.85 2.12
CA GLY G 73 -58.05 25.93 1.70
C GLY G 73 -56.62 25.66 2.08
N ALA G 74 -55.76 26.56 1.61
CA ALA G 74 -54.31 26.39 1.64
C ALA G 74 -53.76 25.96 3.01
N SER G 75 -54.57 26.08 4.06
CA SER G 75 -54.06 25.77 5.39
C SER G 75 -54.42 24.37 5.86
N THR G 76 -55.25 23.66 5.10
CA THR G 76 -55.74 22.37 5.55
C THR G 76 -54.61 21.38 5.87
N LYS G 77 -54.59 20.88 7.10
CA LYS G 77 -53.63 19.85 7.47
C LYS G 77 -54.05 18.49 6.87
N GLN G 78 -53.13 17.51 6.85
CA GLN G 78 -53.37 16.20 6.23
C GLN G 78 -54.37 15.38 7.03
N ILE G 79 -54.14 15.28 8.34
CA ILE G 79 -55.11 14.60 9.18
C ILE G 79 -56.53 15.13 8.94
N ASP G 80 -56.62 16.43 8.61
CA ASP G 80 -57.90 17.03 8.24
C ASP G 80 -58.58 16.34 7.04
N VAL G 81 -57.86 16.20 5.93
CA VAL G 81 -58.43 15.63 4.70
C VAL G 81 -58.80 14.17 4.85
N TYR G 82 -58.01 13.45 5.64
CA TYR G 82 -58.28 12.04 5.85
C TYR G 82 -59.61 11.84 6.56
N ARG G 83 -59.83 12.65 7.60
CA ARG G 83 -61.02 12.55 8.44
C ARG G 83 -62.23 12.96 7.66
N SER G 84 -62.16 14.14 7.08
CA SER G 84 -63.26 14.56 6.24
C SER G 84 -63.55 13.56 5.14
N VAL G 85 -62.62 13.43 4.20
CA VAL G 85 -62.87 12.73 2.93
C VAL G 85 -62.79 11.19 2.93
N VAL G 86 -61.81 10.61 3.61
CA VAL G 86 -61.67 9.16 3.51
C VAL G 86 -62.52 8.31 4.48
N CYS G 87 -62.71 8.80 5.69
CA CYS G 87 -63.36 7.98 6.74
C CYS G 87 -64.77 7.49 6.40
N PRO G 88 -65.61 8.40 5.87
CA PRO G 88 -66.90 8.01 5.30
C PRO G 88 -66.71 6.89 4.28
N ILE G 89 -65.60 6.92 3.53
CA ILE G 89 -65.35 5.92 2.50
C ILE G 89 -64.77 4.61 3.04
N LEU G 90 -63.81 4.71 3.96
CA LEU G 90 -63.17 3.52 4.51
C LEU G 90 -64.18 2.63 5.22
N ASP G 91 -65.38 3.17 5.45
CA ASP G 91 -66.47 2.43 6.10
C ASP G 91 -67.36 1.70 5.09
N GLU G 92 -68.02 2.46 4.22
CA GLU G 92 -68.89 1.83 3.23
C GLU G 92 -68.05 0.94 2.33
N VAL G 93 -66.72 1.07 2.42
CA VAL G 93 -65.82 0.08 1.82
C VAL G 93 -65.67 -1.11 2.78
N ILE G 94 -65.52 -0.82 4.07
CA ILE G 94 -65.30 -1.87 5.06
C ILE G 94 -66.50 -2.81 5.31
N MET G 95 -67.70 -2.38 4.93
CA MET G 95 -68.92 -3.21 5.00
C MET G 95 -68.96 -4.00 3.71
N GLY G 96 -67.98 -3.69 2.89
CA GLY G 96 -67.75 -4.29 1.59
C GLY G 96 -68.47 -3.43 0.58
N TYR G 97 -67.72 -3.10 -0.46
CA TYR G 97 -68.18 -2.41 -1.64
C TYR G 97 -66.82 -2.01 -2.20
N ASN G 98 -66.75 -1.64 -3.47
CA ASN G 98 -65.48 -1.06 -3.93
C ASN G 98 -65.60 0.39 -4.37
N CYS G 99 -65.06 1.26 -3.52
CA CYS G 99 -65.07 2.70 -3.74
C CYS G 99 -63.66 3.17 -4.11
N THR G 100 -63.59 4.16 -4.99
CA THR G 100 -62.32 4.67 -5.44
C THR G 100 -62.20 6.19 -5.31
N ILE G 101 -61.32 6.66 -4.43
CA ILE G 101 -61.00 8.08 -4.33
C ILE G 101 -59.98 8.44 -5.40
N PHE G 102 -60.02 9.64 -5.96
CA PHE G 102 -58.85 10.05 -6.69
C PHE G 102 -58.52 11.55 -6.83
N ALA G 103 -57.24 11.88 -6.79
CA ALA G 103 -56.80 13.28 -6.92
C ALA G 103 -56.53 13.66 -8.37
N TYR G 104 -57.27 14.61 -8.91
CA TYR G 104 -57.02 15.05 -10.27
C TYR G 104 -56.62 16.49 -10.24
N GLY G 105 -55.79 16.94 -11.20
CA GLY G 105 -55.37 18.34 -11.25
C GLY G 105 -54.08 18.65 -11.99
N GLN G 106 -53.69 19.92 -12.00
CA GLN G 106 -52.46 20.36 -12.69
C GLN G 106 -51.27 19.71 -12.00
N THR G 107 -50.12 19.69 -12.67
CA THR G 107 -48.95 19.12 -12.05
C THR G 107 -48.28 20.12 -11.12
N GLY G 108 -48.09 19.71 -9.87
CA GLY G 108 -47.41 20.54 -8.88
C GLY G 108 -48.36 21.08 -7.86
N THR G 109 -49.62 20.72 -8.01
CA THR G 109 -50.64 21.27 -7.16
C THR G 109 -51.05 20.38 -5.98
N GLY G 110 -50.34 19.30 -5.74
CA GLY G 110 -50.63 18.46 -4.58
C GLY G 110 -51.32 17.11 -4.78
N LYS G 111 -51.38 16.65 -6.03
CA LYS G 111 -51.96 15.35 -6.32
C LYS G 111 -51.28 14.24 -5.55
N THR G 112 -49.96 14.21 -5.58
CA THR G 112 -49.24 13.15 -4.90
C THR G 112 -49.12 13.46 -3.42
N PHE G 113 -49.11 14.75 -3.10
CA PHE G 113 -49.10 15.15 -1.70
C PHE G 113 -50.35 14.60 -1.05
N THR G 114 -51.49 14.72 -1.72
CA THR G 114 -52.70 14.22 -1.12
C THR G 114 -52.74 12.70 -1.01
N MET G 115 -52.47 11.99 -2.11
CA MET G 115 -52.56 10.52 -2.11
C MET G 115 -51.44 9.79 -1.33
N GLU G 116 -50.25 10.34 -1.40
CA GLU G 116 -49.13 9.69 -0.72
C GLU G 116 -48.73 10.37 0.60
N GLY G 117 -48.39 11.65 0.51
CA GLY G 117 -47.82 12.29 1.67
C GLY G 117 -46.37 12.51 1.40
N GLU G 118 -45.65 13.01 2.40
CA GLU G 118 -44.22 13.18 2.34
C GLU G 118 -43.79 12.79 3.72
N ARG G 119 -42.50 12.67 3.96
CA ARG G 119 -42.04 12.41 5.32
C ARG G 119 -41.43 13.72 5.81
N SER G 120 -41.48 13.96 7.11
CA SER G 120 -40.98 15.24 7.57
C SER G 120 -39.47 15.16 7.74
N PRO G 121 -38.78 16.31 7.56
CA PRO G 121 -37.33 16.45 7.59
C PRO G 121 -36.72 15.79 8.80
N ASN G 122 -35.49 15.35 8.67
CA ASN G 122 -34.82 14.51 9.65
C ASN G 122 -35.76 13.33 9.90
N GLU G 123 -35.85 12.82 11.13
CA GLU G 123 -36.83 11.77 11.37
C GLU G 123 -38.04 12.36 12.08
N GLU G 124 -37.89 12.61 13.38
CA GLU G 124 -38.81 13.47 14.12
C GLU G 124 -40.22 12.90 14.20
N TYR G 125 -40.49 11.94 13.33
CA TYR G 125 -41.78 11.28 13.32
C TYR G 125 -41.56 9.86 12.77
N THR G 126 -42.26 8.90 13.35
CA THR G 126 -42.41 7.60 12.75
C THR G 126 -43.31 7.88 11.56
N TRP G 127 -43.43 6.94 10.64
CA TRP G 127 -44.31 7.17 9.51
C TRP G 127 -45.80 7.17 9.85
N GLU G 128 -46.21 6.52 10.94
CA GLU G 128 -47.65 6.54 11.25
C GLU G 128 -48.07 7.82 11.96
N GLU G 129 -47.12 8.45 12.64
CA GLU G 129 -47.34 9.66 13.41
C GLU G 129 -47.04 10.96 12.65
N ASP G 130 -46.72 10.86 11.36
CA ASP G 130 -46.20 12.02 10.62
C ASP G 130 -47.30 12.97 10.13
N PRO G 131 -47.18 14.24 10.47
CA PRO G 131 -48.18 15.20 10.03
C PRO G 131 -48.30 15.25 8.53
N LEU G 132 -47.22 14.89 7.84
CA LEU G 132 -47.16 15.07 6.40
C LEU G 132 -47.74 13.89 5.57
N ALA G 133 -47.94 12.74 6.20
CA ALA G 133 -48.52 11.58 5.54
C ALA G 133 -49.86 11.84 4.87
N GLY G 134 -50.04 11.23 3.72
CA GLY G 134 -51.20 11.47 2.86
C GLY G 134 -52.07 10.23 2.96
N ILE G 135 -53.06 10.11 2.08
CA ILE G 135 -54.18 9.18 2.33
C ILE G 135 -53.70 7.75 2.58
N ILE G 136 -52.83 7.28 1.68
CA ILE G 136 -52.39 5.89 1.68
C ILE G 136 -51.76 5.41 2.99
N PRO G 137 -50.67 6.03 3.42
CA PRO G 137 -50.10 5.45 4.63
C PRO G 137 -51.12 5.48 5.76
N ARG G 138 -52.05 6.42 5.70
CA ARG G 138 -53.05 6.57 6.76
C ARG G 138 -54.08 5.42 6.68
N THR G 139 -54.78 5.34 5.56
CA THR G 139 -55.69 4.24 5.32
C THR G 139 -55.11 2.87 5.74
N LEU G 140 -53.83 2.62 5.46
CA LEU G 140 -53.25 1.31 5.73
C LEU G 140 -53.03 1.06 7.21
N HIS G 141 -52.61 2.10 7.93
CA HIS G 141 -52.39 2.01 9.36
C HIS G 141 -53.70 2.10 10.15
N GLN G 142 -54.68 2.81 9.59
CA GLN G 142 -56.00 2.88 10.20
C GLN G 142 -56.88 1.72 9.73
N ILE G 143 -56.31 0.79 8.98
CA ILE G 143 -57.01 -0.44 8.68
C ILE G 143 -56.77 -1.41 9.82
N PHE G 144 -55.52 -1.78 10.02
CA PHE G 144 -55.14 -2.66 11.11
C PHE G 144 -55.70 -2.17 12.44
N GLU G 145 -55.36 -0.93 12.80
CA GLU G 145 -55.81 -0.34 14.06
C GLU G 145 -57.34 -0.43 14.25
N LYS G 146 -58.08 -0.20 13.18
CA LYS G 146 -59.55 -0.33 13.20
C LYS G 146 -60.10 -1.77 13.07
N LEU G 147 -59.54 -2.60 12.19
CA LEU G 147 -60.08 -3.93 12.02
C LEU G 147 -59.81 -4.86 13.20
N THR G 148 -58.68 -4.64 13.87
CA THR G 148 -58.25 -5.48 14.99
C THR G 148 -59.29 -5.67 16.12
N ASP G 149 -59.98 -4.60 16.51
CA ASP G 149 -61.04 -4.68 17.54
C ASP G 149 -62.49 -4.81 16.99
N ASN G 150 -62.63 -4.86 15.67
CA ASN G 150 -63.89 -5.26 15.05
C ASN G 150 -64.00 -6.77 15.15
N GLY G 151 -62.86 -7.40 15.46
CA GLY G 151 -62.79 -8.80 15.80
C GLY G 151 -62.73 -9.82 14.68
N THR G 152 -62.88 -9.38 13.43
CA THR G 152 -63.07 -10.28 12.27
C THR G 152 -61.82 -10.85 11.56
N GLU G 153 -62.07 -11.40 10.36
CA GLU G 153 -61.02 -11.91 9.46
C GLU G 153 -60.01 -10.84 9.04
N PHE G 154 -58.73 -11.16 9.25
CA PHE G 154 -57.65 -10.19 9.11
C PHE G 154 -56.88 -10.54 7.84
N SER G 155 -57.15 -9.82 6.76
CA SER G 155 -56.61 -10.11 5.41
C SER G 155 -56.27 -8.86 4.56
N VAL G 156 -55.02 -8.60 4.19
CA VAL G 156 -54.80 -7.35 3.42
C VAL G 156 -53.86 -7.41 2.21
N LYS G 157 -54.44 -7.15 1.03
CA LYS G 157 -53.71 -7.24 -0.23
C LYS G 157 -53.58 -5.88 -0.93
N VAL G 158 -52.36 -5.49 -1.26
CA VAL G 158 -52.12 -4.14 -1.75
C VAL G 158 -51.35 -4.19 -3.07
N SER G 159 -51.81 -3.45 -4.07
CA SER G 159 -51.20 -3.52 -5.41
C SER G 159 -51.07 -2.18 -6.17
N LEU G 160 -49.86 -1.78 -6.54
CA LEU G 160 -49.66 -0.48 -7.18
C LEU G 160 -49.28 -0.56 -8.64
N LEU G 161 -50.15 -0.18 -9.56
CA LEU G 161 -49.73 -0.22 -10.96
C LEU G 161 -49.65 1.19 -11.52
N GLU G 162 -49.19 1.34 -12.76
CA GLU G 162 -49.09 2.66 -13.36
C GLU G 162 -49.48 2.60 -14.82
N ILE G 163 -50.35 3.49 -15.26
CA ILE G 163 -50.67 3.54 -16.67
C ILE G 163 -49.92 4.69 -17.32
N TYR G 164 -48.84 4.36 -18.03
CA TYR G 164 -48.11 5.37 -18.76
C TYR G 164 -48.41 5.14 -20.21
N ASN G 165 -49.19 6.02 -20.78
CA ASN G 165 -49.42 5.97 -22.20
C ASN G 165 -50.08 4.65 -22.63
N GLU G 166 -50.99 4.17 -21.80
CA GLU G 166 -51.85 3.04 -22.14
C GLU G 166 -51.24 1.65 -21.97
N GLU G 167 -50.00 1.58 -21.50
CA GLU G 167 -49.45 0.32 -21.03
C GLU G 167 -49.44 0.33 -19.52
N LEU G 168 -49.61 -0.82 -18.87
CA LEU G 168 -49.56 -0.90 -17.41
C LEU G 168 -48.23 -1.46 -16.88
N PHE G 169 -47.77 -0.98 -15.73
CA PHE G 169 -46.49 -1.43 -15.17
C PHE G 169 -46.64 -1.74 -13.70
N ASP G 170 -46.37 -2.97 -13.30
CA ASP G 170 -46.56 -3.34 -11.92
C ASP G 170 -45.40 -2.84 -11.12
N LEU G 171 -45.65 -1.99 -10.15
CA LEU G 171 -44.56 -1.40 -9.39
C LEU G 171 -44.11 -2.20 -8.22
N LEU G 172 -44.95 -3.11 -7.76
CA LEU G 172 -44.64 -3.82 -6.52
C LEU G 172 -43.96 -5.17 -6.77
N ASN G 173 -43.75 -5.46 -8.06
CA ASN G 173 -43.21 -6.70 -8.56
C ASN G 173 -41.68 -6.65 -8.58
N PRO G 174 -41.02 -7.31 -7.63
CA PRO G 174 -39.65 -6.88 -7.36
C PRO G 174 -38.69 -7.30 -8.43
N SER G 175 -38.97 -8.42 -9.10
CA SER G 175 -38.13 -8.90 -10.19
C SER G 175 -38.92 -8.69 -11.44
N SER G 176 -38.56 -7.69 -12.22
CA SER G 176 -39.26 -7.43 -13.43
C SER G 176 -38.67 -6.11 -13.87
N ASP G 177 -38.84 -5.77 -15.14
CA ASP G 177 -38.02 -4.72 -15.67
C ASP G 177 -38.88 -3.52 -15.95
N VAL G 178 -38.39 -2.34 -15.60
CA VAL G 178 -39.25 -1.19 -15.46
C VAL G 178 -40.08 -1.02 -16.73
N SER G 179 -39.63 -1.63 -17.82
CA SER G 179 -40.29 -1.48 -19.13
C SER G 179 -41.24 -2.61 -19.53
N GLU G 180 -41.43 -3.59 -18.65
CA GLU G 180 -42.27 -4.75 -18.99
C GLU G 180 -43.72 -4.29 -18.99
N ARG G 181 -44.40 -4.39 -20.13
CA ARG G 181 -45.79 -3.98 -20.17
C ARG G 181 -46.61 -5.11 -19.57
N LEU G 182 -47.91 -4.88 -19.42
CA LEU G 182 -48.80 -5.84 -18.79
C LEU G 182 -50.05 -5.97 -19.61
N GLN G 183 -50.66 -7.15 -19.56
CA GLN G 183 -51.85 -7.39 -20.36
C GLN G 183 -53.08 -7.76 -19.54
N MET G 184 -54.17 -7.10 -19.89
CA MET G 184 -55.43 -7.30 -19.19
C MET G 184 -56.53 -7.54 -20.21
N PHE G 185 -57.61 -8.12 -19.71
CA PHE G 185 -58.78 -8.38 -20.51
C PHE G 185 -59.96 -8.59 -19.56
N ASP G 186 -61.11 -8.91 -20.13
CA ASP G 186 -62.32 -9.05 -19.34
C ASP G 186 -62.30 -10.35 -18.56
N ASP G 187 -63.00 -10.37 -17.43
CA ASP G 187 -63.15 -11.60 -16.67
C ASP G 187 -64.53 -12.19 -16.95
N PRO G 188 -64.58 -13.48 -17.35
CA PRO G 188 -65.88 -14.15 -17.58
C PRO G 188 -66.82 -13.99 -16.39
N ARG G 189 -66.28 -14.16 -15.18
CA ARG G 189 -67.04 -13.96 -13.95
C ARG G 189 -67.22 -12.46 -13.71
N ASN G 190 -68.35 -12.06 -13.12
CA ASN G 190 -68.62 -10.63 -12.87
C ASN G 190 -68.27 -9.70 -14.04
N LYS G 191 -69.09 -9.73 -15.09
CA LYS G 191 -68.76 -9.16 -16.39
C LYS G 191 -68.45 -7.66 -16.29
N ARG G 192 -68.58 -7.11 -15.08
CA ARG G 192 -68.20 -5.73 -14.82
C ARG G 192 -66.67 -5.50 -14.75
N GLY G 193 -65.96 -6.31 -13.95
CA GLY G 193 -64.55 -6.07 -13.69
C GLY G 193 -63.54 -6.70 -14.63
N VAL G 194 -62.37 -6.09 -14.75
CA VAL G 194 -61.31 -6.59 -15.63
C VAL G 194 -60.19 -7.30 -14.85
N ILE G 195 -59.63 -8.35 -15.44
CA ILE G 195 -58.54 -9.11 -14.81
C ILE G 195 -57.22 -8.96 -15.57
N ILE G 196 -56.20 -8.45 -14.88
CA ILE G 196 -54.93 -8.16 -15.53
C ILE G 196 -53.90 -9.20 -15.12
N LYS G 197 -53.18 -9.72 -16.10
CA LYS G 197 -52.36 -10.91 -15.94
C LYS G 197 -50.94 -10.59 -15.53
N GLY G 198 -50.53 -11.12 -14.37
CA GLY G 198 -49.19 -10.87 -13.87
C GLY G 198 -49.14 -9.78 -12.82
N LEU G 199 -50.27 -9.13 -12.52
CA LEU G 199 -50.30 -8.08 -11.49
C LEU G 199 -49.92 -8.68 -10.15
N GLU G 200 -48.90 -8.10 -9.51
CA GLU G 200 -48.46 -8.60 -8.22
C GLU G 200 -49.29 -8.02 -7.09
N GLU G 201 -49.47 -8.81 -6.06
CA GLU G 201 -50.17 -8.36 -4.90
C GLU G 201 -49.41 -8.85 -3.72
N ILE G 202 -49.00 -7.93 -2.85
CA ILE G 202 -48.31 -8.31 -1.65
C ILE G 202 -49.32 -8.36 -0.53
N THR G 203 -49.30 -9.44 0.23
CA THR G 203 -50.06 -9.48 1.45
C THR G 203 -49.26 -8.71 2.49
N VAL G 204 -49.95 -7.84 3.21
CA VAL G 204 -49.35 -7.14 4.31
C VAL G 204 -49.96 -7.68 5.59
N HIS G 205 -49.19 -8.34 6.43
CA HIS G 205 -49.79 -8.63 7.71
C HIS G 205 -49.02 -7.93 8.81
N ASN G 206 -49.31 -6.64 9.01
CA ASN G 206 -49.20 -5.94 10.29
C ASN G 206 -48.86 -4.45 10.05
N LYS G 207 -49.03 -3.58 11.03
CA LYS G 207 -48.57 -2.21 10.90
C LYS G 207 -47.12 -2.19 10.48
N ASP G 208 -46.31 -3.00 11.16
CA ASP G 208 -44.85 -2.93 11.03
C ASP G 208 -44.30 -3.29 9.62
N GLU G 209 -45.17 -3.79 8.74
CA GLU G 209 -44.83 -4.03 7.34
C GLU G 209 -45.21 -2.95 6.31
N VAL G 210 -46.08 -1.98 6.67
CA VAL G 210 -46.65 -1.07 5.65
C VAL G 210 -45.61 -0.17 4.95
N TYR G 211 -44.61 0.24 5.71
CA TYR G 211 -43.57 1.09 5.18
C TYR G 211 -42.80 0.36 4.09
N GLN G 212 -42.21 -0.77 4.43
CA GLN G 212 -41.29 -1.44 3.50
C GLN G 212 -41.94 -1.93 2.20
N ILE G 213 -43.16 -2.44 2.27
CA ILE G 213 -43.94 -2.68 1.07
C ILE G 213 -44.03 -1.39 0.21
N LEU G 214 -44.15 -0.25 0.89
CA LEU G 214 -44.26 1.02 0.21
C LEU G 214 -42.91 1.53 -0.24
N GLU G 215 -41.91 1.34 0.60
CA GLU G 215 -40.56 1.77 0.29
C GLU G 215 -39.94 0.99 -0.90
N LYS G 216 -40.57 -0.15 -1.24
CA LYS G 216 -40.24 -0.94 -2.44
C LYS G 216 -40.85 -0.37 -3.71
N GLY G 217 -42.06 0.14 -3.63
CA GLY G 217 -42.72 0.72 -4.79
C GLY G 217 -42.09 2.05 -5.16
N ALA G 218 -41.36 2.64 -4.23
CA ALA G 218 -40.68 3.89 -4.53
C ALA G 218 -39.40 3.58 -5.27
N ALA G 219 -38.75 2.50 -4.83
CA ALA G 219 -37.54 2.04 -5.49
C ALA G 219 -37.78 1.74 -6.98
N LYS G 220 -38.75 0.91 -7.33
CA LYS G 220 -39.04 0.70 -8.76
C LYS G 220 -39.21 2.02 -9.48
N ARG G 221 -40.04 2.88 -8.92
CA ARG G 221 -40.51 4.09 -9.61
C ARG G 221 -39.36 5.01 -9.90
N THR G 222 -38.54 5.24 -8.87
CA THR G 222 -37.42 6.12 -9.05
C THR G 222 -36.36 5.43 -9.88
N THR G 223 -36.29 4.10 -9.80
CA THR G 223 -35.40 3.36 -10.68
C THR G 223 -35.78 3.59 -12.14
N ALA G 224 -37.06 3.46 -12.48
CA ALA G 224 -37.50 3.81 -13.82
C ALA G 224 -36.98 5.19 -14.27
N ALA G 225 -37.06 6.17 -13.37
CA ALA G 225 -36.73 7.53 -13.79
C ALA G 225 -35.24 7.76 -14.18
N THR G 226 -34.30 7.35 -13.33
CA THR G 226 -32.88 7.40 -13.70
C THR G 226 -32.57 6.68 -15.00
N LEU G 227 -33.15 5.50 -15.21
CA LEU G 227 -32.85 4.69 -16.41
C LEU G 227 -33.53 5.23 -17.64
N MET G 228 -34.80 5.65 -17.52
CA MET G 228 -35.52 6.10 -18.69
C MET G 228 -35.59 7.57 -18.68
N ASN G 229 -36.52 8.09 -17.89
CA ASN G 229 -36.61 9.51 -17.65
C ASN G 229 -37.85 9.83 -16.85
N ALA G 230 -37.97 11.08 -16.40
CA ALA G 230 -38.89 11.35 -15.32
C ALA G 230 -40.23 11.57 -15.95
N TYR G 231 -41.03 10.51 -15.87
CA TYR G 231 -42.31 10.45 -16.54
C TYR G 231 -43.52 10.70 -15.62
N SER G 232 -43.31 10.61 -14.30
CA SER G 232 -44.43 10.38 -13.36
C SER G 232 -45.50 11.46 -13.44
N SER G 233 -45.07 12.69 -13.70
CA SER G 233 -46.00 13.74 -14.07
C SER G 233 -46.87 13.38 -15.28
N ARG G 234 -46.42 12.45 -16.12
CA ARG G 234 -47.19 12.06 -17.29
C ARG G 234 -48.10 10.83 -17.12
N SER G 235 -47.97 10.09 -16.04
CA SER G 235 -48.75 8.85 -15.90
C SER G 235 -49.75 8.83 -14.75
N HIS G 236 -50.81 8.04 -14.93
CA HIS G 236 -51.74 7.68 -13.86
C HIS G 236 -51.11 6.68 -12.91
N SER G 237 -51.43 6.79 -11.64
CA SER G 237 -50.86 5.91 -10.63
C SER G 237 -51.99 5.31 -9.80
N VAL G 238 -52.23 4.01 -9.91
CA VAL G 238 -53.39 3.38 -9.27
C VAL G 238 -52.96 2.39 -8.21
N PHE G 239 -53.18 2.76 -6.96
CA PHE G 239 -52.82 1.96 -5.80
C PHE G 239 -54.08 1.22 -5.38
N SER G 240 -53.96 -0.01 -4.90
CA SER G 240 -55.14 -0.73 -4.44
C SER G 240 -54.94 -1.51 -3.15
N VAL G 241 -55.84 -1.29 -2.20
CA VAL G 241 -55.94 -2.14 -1.02
C VAL G 241 -57.13 -3.06 -1.23
N THR G 242 -57.00 -4.32 -0.80
CA THR G 242 -58.11 -5.28 -0.82
C THR G 242 -58.20 -6.01 0.50
N ILE G 243 -59.38 -5.90 1.12
CA ILE G 243 -59.62 -6.46 2.45
C ILE G 243 -60.69 -7.53 2.42
N HIS G 244 -60.38 -8.71 2.97
CA HIS G 244 -61.28 -9.86 2.94
C HIS G 244 -62.42 -9.81 3.96
N MET G 245 -63.66 -9.92 3.48
CA MET G 245 -64.83 -9.88 4.35
C MET G 245 -66.07 -10.47 3.67
N LYS G 257 -68.97 -9.97 1.58
CA LYS G 257 -68.09 -9.76 0.44
C LYS G 257 -66.81 -9.01 0.83
N ILE G 258 -65.92 -8.85 -0.15
CA ILE G 258 -64.59 -8.31 0.08
C ILE G 258 -64.55 -6.82 -0.21
N GLY G 259 -63.80 -6.04 0.58
CA GLY G 259 -63.59 -4.62 0.30
C GLY G 259 -62.47 -4.24 -0.67
N LYS G 260 -62.74 -3.24 -1.51
CA LYS G 260 -61.71 -2.73 -2.43
C LYS G 260 -61.67 -1.20 -2.52
N LEU G 261 -60.53 -0.61 -2.16
CA LEU G 261 -60.31 0.83 -2.24
C LEU G 261 -59.16 1.13 -3.21
N ASN G 262 -59.43 1.97 -4.20
CA ASN G 262 -58.44 2.38 -5.18
C ASN G 262 -57.97 3.79 -4.92
N LEU G 263 -56.70 3.96 -4.62
CA LEU G 263 -56.22 5.31 -4.46
C LEU G 263 -55.47 5.67 -5.73
N VAL G 264 -56.10 6.47 -6.58
CA VAL G 264 -55.49 6.74 -7.87
C VAL G 264 -55.09 8.20 -8.02
N ASP G 265 -53.83 8.39 -8.41
CA ASP G 265 -53.17 9.67 -8.47
C ASP G 265 -52.96 9.93 -9.96
N LEU G 266 -53.82 10.78 -10.52
CA LEU G 266 -53.93 10.97 -11.97
C LEU G 266 -52.78 11.68 -12.65
N ALA G 267 -52.74 11.59 -13.96
CA ALA G 267 -51.72 12.29 -14.69
C ALA G 267 -51.96 13.78 -14.59
N GLY G 268 -50.89 14.57 -14.79
CA GLY G 268 -51.00 16.02 -14.83
C GLY G 268 -52.02 16.49 -15.85
N SER G 269 -52.79 17.53 -15.53
CA SER G 269 -53.90 17.93 -16.39
C SER G 269 -53.62 19.08 -17.36
N GLU G 270 -52.39 19.56 -17.42
CA GLU G 270 -52.16 20.78 -18.19
C GLU G 270 -51.92 20.65 -19.72
N ASN G 271 -50.71 20.23 -20.09
CA ASN G 271 -50.13 20.55 -21.41
C ASN G 271 -51.06 21.25 -22.40
N ASN G 289 -52.21 11.40 -23.76
CA ASN G 289 -53.09 11.09 -22.64
C ASN G 289 -54.37 11.91 -22.70
N GLN G 290 -55.09 11.78 -23.81
CA GLN G 290 -56.36 12.47 -23.97
C GLN G 290 -57.43 11.69 -23.21
N SER G 291 -57.02 10.57 -22.63
CA SER G 291 -57.88 9.75 -21.77
C SER G 291 -58.48 10.58 -20.66
N LEU G 292 -57.69 11.56 -20.23
CA LEU G 292 -57.96 12.32 -19.02
C LEU G 292 -59.41 12.77 -18.95
N LEU G 293 -59.82 13.59 -19.91
CA LEU G 293 -61.21 14.06 -20.01
C LEU G 293 -62.19 12.94 -20.44
N THR G 294 -61.65 11.79 -20.86
CA THR G 294 -62.49 10.61 -21.09
C THR G 294 -62.62 9.75 -19.83
N LEU G 295 -61.89 10.12 -18.78
CA LEU G 295 -62.32 9.76 -17.44
C LEU G 295 -63.40 10.76 -17.08
N GLY G 296 -63.32 11.95 -17.68
CA GLY G 296 -64.31 12.99 -17.46
C GLY G 296 -65.65 12.58 -18.03
N ARG G 297 -65.64 12.20 -19.31
CA ARG G 297 -66.84 11.74 -19.99
C ARG G 297 -67.55 10.60 -19.23
N VAL G 298 -66.80 9.88 -18.39
CA VAL G 298 -67.38 8.83 -17.55
C VAL G 298 -68.09 9.38 -16.28
N ILE G 299 -67.49 10.39 -15.64
CA ILE G 299 -68.07 10.95 -14.40
C ILE G 299 -69.36 11.72 -14.71
N THR G 300 -69.30 12.57 -15.74
CA THR G 300 -70.46 13.29 -16.24
C THR G 300 -71.65 12.35 -16.47
N ALA G 301 -71.36 11.15 -16.99
CA ALA G 301 -72.40 10.17 -17.30
C ALA G 301 -72.65 9.13 -16.19
N LEU G 302 -71.87 9.19 -15.11
CA LEU G 302 -72.17 8.40 -13.91
C LEU G 302 -73.17 9.11 -13.01
N VAL G 303 -73.10 10.44 -13.02
CA VAL G 303 -74.03 11.29 -12.29
C VAL G 303 -75.29 11.51 -13.14
N GLU G 304 -75.12 12.17 -14.28
CA GLU G 304 -76.21 12.31 -15.24
C GLU G 304 -76.30 11.02 -16.06
N ARG G 305 -77.46 10.36 -15.99
CA ARG G 305 -77.60 9.03 -16.60
C ARG G 305 -77.58 9.02 -18.14
N THR G 306 -76.69 8.22 -18.71
CA THR G 306 -76.63 8.06 -20.17
C THR G 306 -76.41 6.58 -20.51
N PRO G 307 -76.86 6.15 -21.70
CA PRO G 307 -76.95 4.71 -22.04
C PRO G 307 -75.64 3.93 -22.14
N HIS G 308 -74.61 4.47 -22.79
CA HIS G 308 -73.51 3.61 -23.24
C HIS G 308 -72.03 3.94 -22.89
N VAL G 309 -71.54 5.10 -23.33
CA VAL G 309 -70.10 5.34 -23.55
C VAL G 309 -69.06 4.93 -22.47
N PRO G 310 -69.41 4.95 -21.17
CA PRO G 310 -68.51 4.27 -20.23
C PRO G 310 -68.52 2.76 -20.51
N TYR G 311 -67.58 1.94 -20.01
CA TYR G 311 -66.28 2.29 -19.44
C TYR G 311 -65.04 2.00 -20.32
N ARG G 312 -65.24 1.54 -21.55
CA ARG G 312 -64.11 1.17 -22.41
C ARG G 312 -63.39 2.41 -22.94
N GLU G 313 -62.49 2.21 -23.90
CA GLU G 313 -61.83 3.30 -24.63
C GLU G 313 -60.84 4.12 -23.78
N SER G 314 -60.83 3.86 -22.47
CA SER G 314 -59.81 4.43 -21.59
C SER G 314 -59.26 3.32 -20.69
N LYS G 315 -57.97 3.02 -20.82
CA LYS G 315 -57.41 1.91 -20.05
C LYS G 315 -57.67 2.06 -18.56
N LEU G 316 -57.80 3.30 -18.10
CA LEU G 316 -57.93 3.56 -16.67
C LEU G 316 -59.27 3.10 -16.14
N THR G 317 -60.33 3.69 -16.66
CA THR G 317 -61.68 3.37 -16.25
C THR G 317 -61.91 1.88 -16.18
N ARG G 318 -61.49 1.17 -17.22
CA ARG G 318 -61.68 -0.28 -17.33
C ARG G 318 -61.21 -1.04 -16.09
N ILE G 319 -60.01 -0.71 -15.62
CA ILE G 319 -59.52 -1.29 -14.38
C ILE G 319 -60.41 -0.87 -13.21
N LEU G 320 -60.89 0.37 -13.27
CA LEU G 320 -61.75 0.93 -12.23
C LEU G 320 -63.23 0.58 -12.38
N GLN G 321 -63.63 0.23 -13.59
CA GLN G 321 -65.05 0.12 -13.92
C GLN G 321 -65.85 -0.76 -12.96
N ASP G 322 -65.17 -1.69 -12.29
CA ASP G 322 -65.86 -2.52 -11.30
C ASP G 322 -66.11 -1.78 -9.98
N SER G 323 -65.51 -0.61 -9.82
CA SER G 323 -65.79 0.26 -8.67
C SER G 323 -66.88 1.26 -9.01
N LEU G 324 -66.56 2.16 -9.95
CA LEU G 324 -67.54 3.08 -10.50
C LEU G 324 -68.75 2.28 -11.04
N GLY G 325 -69.93 2.61 -10.53
CA GLY G 325 -71.15 2.00 -11.03
C GLY G 325 -71.66 0.80 -10.25
N GLY G 326 -71.10 0.56 -9.06
CA GLY G 326 -71.64 -0.45 -8.17
C GLY G 326 -72.45 0.25 -7.10
N ARG G 327 -72.57 -0.37 -5.93
CA ARG G 327 -73.00 0.37 -4.76
C ARG G 327 -71.69 0.64 -4.03
N THR G 328 -71.26 1.88 -4.13
CA THR G 328 -69.92 2.29 -3.75
C THR G 328 -70.02 3.77 -3.49
N ARG G 329 -68.92 4.39 -3.09
CA ARG G 329 -68.84 5.86 -3.10
C ARG G 329 -67.55 6.29 -3.79
N THR G 330 -67.63 6.91 -4.96
CA THR G 330 -66.42 7.44 -5.57
C THR G 330 -66.27 8.91 -5.24
N SER G 331 -65.08 9.30 -4.79
CA SER G 331 -64.82 10.70 -4.47
C SER G 331 -63.68 11.23 -5.30
N ILE G 332 -63.83 12.46 -5.79
CA ILE G 332 -62.76 13.10 -6.56
C ILE G 332 -62.17 14.27 -5.77
N ILE G 333 -60.85 14.40 -5.76
CA ILE G 333 -60.24 15.59 -5.17
C ILE G 333 -59.51 16.37 -6.23
N ALA G 334 -60.06 17.50 -6.66
CA ALA G 334 -59.31 18.39 -7.55
C ALA G 334 -58.27 19.14 -6.72
N THR G 335 -57.25 19.69 -7.38
CA THR G 335 -56.24 20.43 -6.65
C THR G 335 -55.89 21.63 -7.48
N ILE G 336 -55.63 22.72 -6.76
CA ILE G 336 -55.54 24.03 -7.34
C ILE G 336 -54.32 24.73 -6.80
N SER G 337 -53.65 25.49 -7.66
CA SER G 337 -52.66 26.44 -7.21
C SER G 337 -53.41 27.73 -6.93
N PRO G 338 -53.08 28.40 -5.81
CA PRO G 338 -53.69 29.69 -5.48
C PRO G 338 -53.16 30.85 -6.33
N ALA G 339 -51.92 30.76 -6.79
CA ALA G 339 -51.29 31.91 -7.47
C ALA G 339 -51.85 32.33 -8.82
N SER G 340 -51.50 33.54 -9.22
CA SER G 340 -51.85 34.08 -10.54
C SER G 340 -51.19 33.38 -11.73
N LEU G 341 -49.90 33.06 -11.62
CA LEU G 341 -49.19 32.44 -12.76
C LEU G 341 -49.99 31.31 -13.37
N ASN G 342 -50.60 30.51 -12.51
CA ASN G 342 -51.24 29.29 -12.98
C ASN G 342 -52.73 29.45 -13.28
N LEU G 343 -53.22 30.68 -13.22
CA LEU G 343 -54.65 30.95 -13.34
C LEU G 343 -55.28 30.14 -14.45
N GLU G 344 -54.58 30.13 -15.59
CA GLU G 344 -55.05 29.50 -16.82
C GLU G 344 -55.52 28.08 -16.59
N GLU G 345 -54.68 27.27 -15.96
CA GLU G 345 -55.03 25.91 -15.63
C GLU G 345 -55.88 25.92 -14.37
N THR G 346 -55.61 26.85 -13.48
CA THR G 346 -56.28 26.89 -12.17
C THR G 346 -57.79 26.80 -12.34
N LEU G 347 -58.32 27.55 -13.30
CA LEU G 347 -59.76 27.53 -13.54
C LEU G 347 -60.24 26.31 -14.38
N SER G 348 -59.43 25.92 -15.37
CA SER G 348 -59.71 24.74 -16.20
C SER G 348 -59.88 23.45 -15.37
N THR G 349 -59.06 23.30 -14.34
CA THR G 349 -59.20 22.21 -13.39
C THR G 349 -60.53 22.33 -12.68
N LEU G 350 -60.79 23.53 -12.17
CA LEU G 350 -62.08 23.84 -11.58
C LEU G 350 -63.22 23.60 -12.58
N GLU G 351 -62.99 23.98 -13.83
CA GLU G 351 -64.00 23.83 -14.87
C GLU G 351 -64.19 22.37 -15.28
N TYR G 352 -63.12 21.57 -15.19
CA TYR G 352 -63.25 20.13 -15.46
C TYR G 352 -63.85 19.44 -14.23
N ALA G 353 -63.52 19.96 -13.05
CA ALA G 353 -63.99 19.41 -11.79
C ALA G 353 -65.46 19.75 -11.59
N HIS G 354 -65.92 20.77 -12.31
CA HIS G 354 -67.32 21.17 -12.29
C HIS G 354 -68.18 20.25 -13.17
N ARG G 355 -67.66 19.86 -14.33
CA ARG G 355 -68.38 18.96 -15.22
C ARG G 355 -68.68 17.64 -14.54
N ALA G 356 -67.70 17.15 -13.78
CA ALA G 356 -67.88 15.92 -13.03
C ALA G 356 -69.18 16.02 -12.25
N LYS G 357 -69.22 16.92 -11.28
CA LYS G 357 -70.48 17.25 -10.65
C LYS G 357 -70.76 18.74 -10.87
N ASN G 358 -71.77 19.04 -11.68
CA ASN G 358 -72.23 20.42 -11.87
C ASN G 358 -73.36 20.70 -10.90
N ILE G 359 -73.06 21.51 -9.88
CA ILE G 359 -74.05 21.93 -8.90
C ILE G 359 -74.03 23.46 -8.81
N LEU G 360 -75.17 24.09 -9.09
CA LEU G 360 -75.21 25.54 -9.33
C LEU G 360 -75.11 26.38 -8.06
N ASN G 361 -75.08 27.70 -8.25
CA ASN G 361 -74.73 28.62 -7.19
C ASN G 361 -75.90 29.10 -6.32
N LYS G 362 -75.61 30.08 -5.46
CA LYS G 362 -76.43 30.39 -4.29
C LYS G 362 -76.47 31.91 -4.03
N PRO G 363 -77.08 32.35 -2.88
CA PRO G 363 -77.01 33.74 -2.42
C PRO G 363 -75.77 34.52 -2.89
#